data_3N00
# 
_entry.id   3N00 
# 
_audit_conform.dict_name       mmcif_pdbx.dic 
_audit_conform.dict_version    5.379 
_audit_conform.dict_location   http://mmcif.pdb.org/dictionaries/ascii/mmcif_pdbx.dic 
# 
loop_
_database_2.database_id 
_database_2.database_code 
_database_2.pdbx_database_accession 
_database_2.pdbx_DOI 
PDB   3N00         pdb_00003n00 10.2210/pdb3n00/pdb 
RCSB  RCSB059207   ?            ?                   
WWPDB D_1000059207 ?            ?                   
# 
loop_
_pdbx_database_related.db_name 
_pdbx_database_related.db_id 
_pdbx_database_related.details 
_pdbx_database_related.content_type 
PDB 2vov 'Crystal Structure of a deletion mutant of apo human Reverbb ligand binding domain determined to 2.40A' unspecified 
PDB 3cqv 'Crystal Structure of heme bound human Reverbb ligand binding domain bound determined to 1.90A'         unspecified 
# 
_pdbx_database_status.status_code                     REL 
_pdbx_database_status.entry_id                        3N00 
_pdbx_database_status.recvd_initial_deposition_date   2010-05-13 
_pdbx_database_status.deposit_site                    RCSB 
_pdbx_database_status.process_site                    RCSB 
_pdbx_database_status.status_code_sf                  REL 
_pdbx_database_status.status_code_mr                  ? 
_pdbx_database_status.SG_entry                        ? 
_pdbx_database_status.pdb_format_compatible           Y 
_pdbx_database_status.status_code_cs                  ? 
_pdbx_database_status.methods_development_category    ? 
_pdbx_database_status.status_code_nmr_data            ? 
# 
loop_
_audit_author.name 
_audit_author.pdbx_ordinal 
'Gampe, R.' 1 
'Nolte, R.' 2 
# 
_citation.id                        primary 
_citation.title                     
'Structure of Rev-erbalpha bound to N-CoR reveals a unique mechanism of nuclear receptor-co-repressor interaction.' 
_citation.journal_abbrev            Nat.Struct.Mol.Biol. 
_citation.journal_volume            17 
_citation.page_first                808 
_citation.page_last                 814 
_citation.year                      2010 
_citation.journal_id_ASTM           ? 
_citation.country                   US 
_citation.journal_id_ISSN           1545-9993 
_citation.journal_id_CSD            ? 
_citation.book_publisher            ? 
_citation.pdbx_database_id_PubMed   20581824 
_citation.pdbx_database_id_DOI      10.1038/nsmb.1860 
# 
loop_
_citation_author.citation_id 
_citation_author.name 
_citation_author.ordinal 
_citation_author.identifier_ORCID 
primary 'Phelan, C.A.'    1  ? 
primary 'Gampe, R.T.'     2  ? 
primary 'Lambert, M.H.'   3  ? 
primary 'Parks, D.J.'     4  ? 
primary 'Montana, V.'     5  ? 
primary 'Bynum, J.'       6  ? 
primary 'Broderick, T.M.' 7  ? 
primary 'Hu, X.'          8  ? 
primary 'Williams, S.P.'  9  ? 
primary 'Nolte, R.T.'     10 ? 
primary 'Lazar, M.A.'     11 ? 
# 
_cell.entry_id           3N00 
_cell.length_a           112.550 
_cell.length_b           112.550 
_cell.length_c           103.833 
_cell.angle_alpha        90.00 
_cell.angle_beta         90.00 
_cell.angle_gamma        120.00 
_cell.Z_PDB              18 
_cell.pdbx_unique_axis   ? 
_cell.length_a_esd       ? 
_cell.length_b_esd       ? 
_cell.length_c_esd       ? 
_cell.angle_alpha_esd    ? 
_cell.angle_beta_esd     ? 
_cell.angle_gamma_esd    ? 
# 
_symmetry.entry_id                         3N00 
_symmetry.space_group_name_H-M             'H 3 2' 
_symmetry.pdbx_full_space_group_name_H-M   ? 
_symmetry.cell_setting                     ? 
_symmetry.Int_Tables_number                155 
_symmetry.space_group_name_Hall            ? 
# 
loop_
_entity.id 
_entity.type 
_entity.src_method 
_entity.pdbx_description 
_entity.formula_weight 
_entity.pdbx_number_of_molecules 
_entity.pdbx_ec 
_entity.pdbx_mutation 
_entity.pdbx_fragment 
_entity.details 
1 polymer man Rev-erbA-alpha                   27612.463 1  ? ? ?                                ? 
2 polymer syn 'Nuclear receptor corepressor 1' 2469.860  1  ? ? 'CORNR box 2 residues 2045-2065' ? 
3 water   nat water                            18.015    62 ? ? ?                                ? 
# 
loop_
_entity_name_com.entity_id 
_entity_name_com.name 
1 'Nuclear receptor subfamily 1 group D member 1, V-erbA-related protein 1, EAR-1' 
2 'N-CoR1, N-CoR'                                                                  
# 
loop_
_entity_poly.entity_id 
_entity_poly.type 
_entity_poly.nstd_linkage 
_entity_poly.nstd_monomer 
_entity_poly.pdbx_seq_one_letter_code 
_entity_poly.pdbx_seq_one_letter_code_can 
_entity_poly.pdbx_strand_id 
_entity_poly.pdbx_target_identifier 
1 'polypeptide(L)' no no 
;MKKHHHHHHGPEPTVEDVISQVARAHREIFTYAHDKLGSSPGNFNANHASGSPYPHGRSGRTVQEIWEDFSMSFTPAVRE
VVEFAKHIPGFRDLSQHDQVTLLKAGTFEVLMVRFASLFNVKDQTVMFLSRTTYSLQELGAMGMGDLLSAMFDFSEKLNS
LALTEEELGLFTAVVLVSADRSGMENSASVEQLQETLLRALRALVLKNRPLETSRFTKLLLKLPDLRTLNNMHSEKLLSF
RVDAQ
;
;MKKHHHHHHGPEPTVEDVISQVARAHREIFTYAHDKLGSSPGNFNANHASGSPYPHGRSGRTVQEIWEDFSMSFTPAVRE
VVEFAKHIPGFRDLSQHDQVTLLKAGTFEVLMVRFASLFNVKDQTVMFLSRTTYSLQELGAMGMGDLLSAMFDFSEKLNS
LALTEEELGLFTAVVLVSADRSGMENSASVEQLQETLLRALRALVLKNRPLETSRFTKLLLKLPDLRTLNNMHSEKLLSF
RVDAQ
;
A ? 
2 'polypeptide(L)' no no THRLITLADHICQIITQDFAR THRLITLADHICQIITQDFAR B ? 
# 
loop_
_entity_poly_seq.entity_id 
_entity_poly_seq.num 
_entity_poly_seq.mon_id 
_entity_poly_seq.hetero 
1 1   MET n 
1 2   LYS n 
1 3   LYS n 
1 4   HIS n 
1 5   HIS n 
1 6   HIS n 
1 7   HIS n 
1 8   HIS n 
1 9   HIS n 
1 10  GLY n 
1 11  PRO n 
1 12  GLU n 
1 13  PRO n 
1 14  THR n 
1 15  VAL n 
1 16  GLU n 
1 17  ASP n 
1 18  VAL n 
1 19  ILE n 
1 20  SER n 
1 21  GLN n 
1 22  VAL n 
1 23  ALA n 
1 24  ARG n 
1 25  ALA n 
1 26  HIS n 
1 27  ARG n 
1 28  GLU n 
1 29  ILE n 
1 30  PHE n 
1 31  THR n 
1 32  TYR n 
1 33  ALA n 
1 34  HIS n 
1 35  ASP n 
1 36  LYS n 
1 37  LEU n 
1 38  GLY n 
1 39  SER n 
1 40  SER n 
1 41  PRO n 
1 42  GLY n 
1 43  ASN n 
1 44  PHE n 
1 45  ASN n 
1 46  ALA n 
1 47  ASN n 
1 48  HIS n 
1 49  ALA n 
1 50  SER n 
1 51  GLY n 
1 52  SER n 
1 53  PRO n 
1 54  TYR n 
1 55  PRO n 
1 56  HIS n 
1 57  GLY n 
1 58  ARG n 
1 59  SER n 
1 60  GLY n 
1 61  ARG n 
1 62  THR n 
1 63  VAL n 
1 64  GLN n 
1 65  GLU n 
1 66  ILE n 
1 67  TRP n 
1 68  GLU n 
1 69  ASP n 
1 70  PHE n 
1 71  SER n 
1 72  MET n 
1 73  SER n 
1 74  PHE n 
1 75  THR n 
1 76  PRO n 
1 77  ALA n 
1 78  VAL n 
1 79  ARG n 
1 80  GLU n 
1 81  VAL n 
1 82  VAL n 
1 83  GLU n 
1 84  PHE n 
1 85  ALA n 
1 86  LYS n 
1 87  HIS n 
1 88  ILE n 
1 89  PRO n 
1 90  GLY n 
1 91  PHE n 
1 92  ARG n 
1 93  ASP n 
1 94  LEU n 
1 95  SER n 
1 96  GLN n 
1 97  HIS n 
1 98  ASP n 
1 99  GLN n 
1 100 VAL n 
1 101 THR n 
1 102 LEU n 
1 103 LEU n 
1 104 LYS n 
1 105 ALA n 
1 106 GLY n 
1 107 THR n 
1 108 PHE n 
1 109 GLU n 
1 110 VAL n 
1 111 LEU n 
1 112 MET n 
1 113 VAL n 
1 114 ARG n 
1 115 PHE n 
1 116 ALA n 
1 117 SER n 
1 118 LEU n 
1 119 PHE n 
1 120 ASN n 
1 121 VAL n 
1 122 LYS n 
1 123 ASP n 
1 124 GLN n 
1 125 THR n 
1 126 VAL n 
1 127 MET n 
1 128 PHE n 
1 129 LEU n 
1 130 SER n 
1 131 ARG n 
1 132 THR n 
1 133 THR n 
1 134 TYR n 
1 135 SER n 
1 136 LEU n 
1 137 GLN n 
1 138 GLU n 
1 139 LEU n 
1 140 GLY n 
1 141 ALA n 
1 142 MET n 
1 143 GLY n 
1 144 MET n 
1 145 GLY n 
1 146 ASP n 
1 147 LEU n 
1 148 LEU n 
1 149 SER n 
1 150 ALA n 
1 151 MET n 
1 152 PHE n 
1 153 ASP n 
1 154 PHE n 
1 155 SER n 
1 156 GLU n 
1 157 LYS n 
1 158 LEU n 
1 159 ASN n 
1 160 SER n 
1 161 LEU n 
1 162 ALA n 
1 163 LEU n 
1 164 THR n 
1 165 GLU n 
1 166 GLU n 
1 167 GLU n 
1 168 LEU n 
1 169 GLY n 
1 170 LEU n 
1 171 PHE n 
1 172 THR n 
1 173 ALA n 
1 174 VAL n 
1 175 VAL n 
1 176 LEU n 
1 177 VAL n 
1 178 SER n 
1 179 ALA n 
1 180 ASP n 
1 181 ARG n 
1 182 SER n 
1 183 GLY n 
1 184 MET n 
1 185 GLU n 
1 186 ASN n 
1 187 SER n 
1 188 ALA n 
1 189 SER n 
1 190 VAL n 
1 191 GLU n 
1 192 GLN n 
1 193 LEU n 
1 194 GLN n 
1 195 GLU n 
1 196 THR n 
1 197 LEU n 
1 198 LEU n 
1 199 ARG n 
1 200 ALA n 
1 201 LEU n 
1 202 ARG n 
1 203 ALA n 
1 204 LEU n 
1 205 VAL n 
1 206 LEU n 
1 207 LYS n 
1 208 ASN n 
1 209 ARG n 
1 210 PRO n 
1 211 LEU n 
1 212 GLU n 
1 213 THR n 
1 214 SER n 
1 215 ARG n 
1 216 PHE n 
1 217 THR n 
1 218 LYS n 
1 219 LEU n 
1 220 LEU n 
1 221 LEU n 
1 222 LYS n 
1 223 LEU n 
1 224 PRO n 
1 225 ASP n 
1 226 LEU n 
1 227 ARG n 
1 228 THR n 
1 229 LEU n 
1 230 ASN n 
1 231 ASN n 
1 232 MET n 
1 233 HIS n 
1 234 SER n 
1 235 GLU n 
1 236 LYS n 
1 237 LEU n 
1 238 LEU n 
1 239 SER n 
1 240 PHE n 
1 241 ARG n 
1 242 VAL n 
1 243 ASP n 
1 244 ALA n 
1 245 GLN n 
2 1   THR n 
2 2   HIS n 
2 3   ARG n 
2 4   LEU n 
2 5   ILE n 
2 6   THR n 
2 7   LEU n 
2 8   ALA n 
2 9   ASP n 
2 10  HIS n 
2 11  ILE n 
2 12  CYS n 
2 13  GLN n 
2 14  ILE n 
2 15  ILE n 
2 16  THR n 
2 17  GLN n 
2 18  ASP n 
2 19  PHE n 
2 20  ALA n 
2 21  ARG n 
# 
loop_
_entity_src_gen.entity_id 
_entity_src_gen.pdbx_src_id 
_entity_src_gen.pdbx_alt_source_flag 
_entity_src_gen.pdbx_seq_type 
_entity_src_gen.pdbx_beg_seq_num 
_entity_src_gen.pdbx_end_seq_num 
_entity_src_gen.gene_src_common_name 
_entity_src_gen.gene_src_genus 
_entity_src_gen.pdbx_gene_src_gene 
_entity_src_gen.gene_src_species 
_entity_src_gen.gene_src_strain 
_entity_src_gen.gene_src_tissue 
_entity_src_gen.gene_src_tissue_fraction 
_entity_src_gen.gene_src_details 
_entity_src_gen.pdbx_gene_src_fragment 
_entity_src_gen.pdbx_gene_src_scientific_name 
_entity_src_gen.pdbx_gene_src_ncbi_taxonomy_id 
_entity_src_gen.pdbx_gene_src_variant 
_entity_src_gen.pdbx_gene_src_cell_line 
_entity_src_gen.pdbx_gene_src_atcc 
_entity_src_gen.pdbx_gene_src_organ 
_entity_src_gen.pdbx_gene_src_organelle 
_entity_src_gen.pdbx_gene_src_cell 
_entity_src_gen.pdbx_gene_src_cellular_location 
_entity_src_gen.host_org_common_name 
_entity_src_gen.pdbx_host_org_scientific_name 
_entity_src_gen.pdbx_host_org_ncbi_taxonomy_id 
_entity_src_gen.host_org_genus 
_entity_src_gen.pdbx_host_org_gene 
_entity_src_gen.pdbx_host_org_organ 
_entity_src_gen.host_org_species 
_entity_src_gen.pdbx_host_org_tissue 
_entity_src_gen.pdbx_host_org_tissue_fraction 
_entity_src_gen.pdbx_host_org_strain 
_entity_src_gen.pdbx_host_org_variant 
_entity_src_gen.pdbx_host_org_cell_line 
_entity_src_gen.pdbx_host_org_atcc 
_entity_src_gen.pdbx_host_org_culture_collection 
_entity_src_gen.pdbx_host_org_cell 
_entity_src_gen.pdbx_host_org_organelle 
_entity_src_gen.pdbx_host_org_cellular_location 
_entity_src_gen.pdbx_host_org_vector_type 
_entity_src_gen.pdbx_host_org_vector 
_entity_src_gen.host_org_details 
_entity_src_gen.expression_system_id 
_entity_src_gen.plasmid_name 
_entity_src_gen.plasmid_details 
_entity_src_gen.pdbx_description 
1 1 sample ? 11 53  human ? 'NR1D1, EAR1, HREV, THRAL' ? ? ? ? ? ? 'Homo sapiens' 9606 ? ? ? ? ? ? ? ? 'Escherichia coli' 469008 ? 
? ? ? ? ? BL21DE3 ? ? ? ? ? ? ? pET24 ? ? ? ? ? ? 
1 2 sample ? 54 245 human ? 'NR1D1, EAR1, HREV, THRAL' ? ? ? ? ? ? 'Homo sapiens' 9606 ? ? ? ? ? ? ? ? 'Escherichia coli' 469008 ? 
? ? ? ? ? BL21DE3 ? ? ? ? ? ? ? pET24 ? ? ? ? ? ? 
# 
_pdbx_entity_src_syn.entity_id              2 
_pdbx_entity_src_syn.pdbx_src_id            1 
_pdbx_entity_src_syn.pdbx_alt_source_flag   sample 
_pdbx_entity_src_syn.pdbx_beg_seq_num       ? 
_pdbx_entity_src_syn.pdbx_end_seq_num       ? 
_pdbx_entity_src_syn.organism_scientific    'Homo sapiens' 
_pdbx_entity_src_syn.organism_common_name   human 
_pdbx_entity_src_syn.ncbi_taxonomy_id       9606 
_pdbx_entity_src_syn.details                ? 
# 
loop_
_struct_ref.id 
_struct_ref.db_name 
_struct_ref.db_code 
_struct_ref.pdbx_db_accession 
_struct_ref.entity_id 
_struct_ref.pdbx_seq_one_letter_code 
_struct_ref.pdbx_align_begin 
_struct_ref.pdbx_db_isoform 
1 UNP NR1D1_HUMAN P20393 1 PEPTVEDVISQVARAHREIFTYAHDKLGSSPGNFNANHASGSP 281  ? 
2 UNP NR1D1_HUMAN P20393 1 
;YPHGRSGRTVQEIWEDFSMSFTPAVREVVEFAKHIPGFRDLSQHDQVTLLKAGTFEVLMVRFASLFNVKDQTVMFLSRTT
YSLQELGAMGMGDLLSAMFDFSEKLNSLALTEEELGLFTAVVLVSADRSGMENSASVEQLQETLLRALRALVLKNRPLET
SRFTKLLLKLPDLRTLNNMHSEKLLSFRVDAQ
;
423  ? 
3 UNP NCOR1_HUMAN O75376 2 THRLITLADHICQIITQDFAR 2045 ? 
# 
loop_
_struct_ref_seq.align_id 
_struct_ref_seq.ref_id 
_struct_ref_seq.pdbx_PDB_id_code 
_struct_ref_seq.pdbx_strand_id 
_struct_ref_seq.seq_align_beg 
_struct_ref_seq.pdbx_seq_align_beg_ins_code 
_struct_ref_seq.seq_align_end 
_struct_ref_seq.pdbx_seq_align_end_ins_code 
_struct_ref_seq.pdbx_db_accession 
_struct_ref_seq.db_align_beg 
_struct_ref_seq.pdbx_db_align_beg_ins_code 
_struct_ref_seq.db_align_end 
_struct_ref_seq.pdbx_db_align_end_ins_code 
_struct_ref_seq.pdbx_auth_seq_align_beg 
_struct_ref_seq.pdbx_auth_seq_align_end 
1 1 3N00 A 11 ? 53  ? P20393 281  ? 323  ? 281  422  
2 2 3N00 A 54 ? 245 ? P20393 423  ? 614  ? 423  614  
3 3 3N00 B 1  ? 21  ? O75376 2045 ? 2065 ? 2045 2065 
# 
loop_
_struct_ref_seq_dif.align_id 
_struct_ref_seq_dif.pdbx_pdb_id_code 
_struct_ref_seq_dif.mon_id 
_struct_ref_seq_dif.pdbx_pdb_strand_id 
_struct_ref_seq_dif.seq_num 
_struct_ref_seq_dif.pdbx_pdb_ins_code 
_struct_ref_seq_dif.pdbx_seq_db_name 
_struct_ref_seq_dif.pdbx_seq_db_accession_code 
_struct_ref_seq_dif.db_mon_id 
_struct_ref_seq_dif.pdbx_seq_db_seq_num 
_struct_ref_seq_dif.details 
_struct_ref_seq_dif.pdbx_auth_seq_num 
_struct_ref_seq_dif.pdbx_ordinal 
1 3N00 MET A 1  ? UNP P20393 ? ? 'expression tag' 271 1  
1 3N00 LYS A 2  ? UNP P20393 ? ? 'expression tag' 272 2  
1 3N00 LYS A 3  ? UNP P20393 ? ? 'expression tag' 273 3  
1 3N00 HIS A 4  ? UNP P20393 ? ? 'expression tag' 274 4  
1 3N00 HIS A 5  ? UNP P20393 ? ? 'expression tag' 275 5  
1 3N00 HIS A 6  ? UNP P20393 ? ? 'expression tag' 276 6  
1 3N00 HIS A 7  ? UNP P20393 ? ? 'expression tag' 277 7  
1 3N00 HIS A 8  ? UNP P20393 ? ? 'expression tag' 278 8  
1 3N00 HIS A 9  ? UNP P20393 ? ? 'expression tag' 279 9  
1 3N00 GLY A 10 ? UNP P20393 ? ? 'expression tag' 280 10 
# 
loop_
_chem_comp.id 
_chem_comp.type 
_chem_comp.mon_nstd_flag 
_chem_comp.name 
_chem_comp.pdbx_synonyms 
_chem_comp.formula 
_chem_comp.formula_weight 
ALA 'L-peptide linking' y ALANINE         ? 'C3 H7 N O2'     89.093  
ARG 'L-peptide linking' y ARGININE        ? 'C6 H15 N4 O2 1' 175.209 
ASN 'L-peptide linking' y ASPARAGINE      ? 'C4 H8 N2 O3'    132.118 
ASP 'L-peptide linking' y 'ASPARTIC ACID' ? 'C4 H7 N O4'     133.103 
CYS 'L-peptide linking' y CYSTEINE        ? 'C3 H7 N O2 S'   121.158 
GLN 'L-peptide linking' y GLUTAMINE       ? 'C5 H10 N2 O3'   146.144 
GLU 'L-peptide linking' y 'GLUTAMIC ACID' ? 'C5 H9 N O4'     147.129 
GLY 'peptide linking'   y GLYCINE         ? 'C2 H5 N O2'     75.067  
HIS 'L-peptide linking' y HISTIDINE       ? 'C6 H10 N3 O2 1' 156.162 
HOH non-polymer         . WATER           ? 'H2 O'           18.015  
ILE 'L-peptide linking' y ISOLEUCINE      ? 'C6 H13 N O2'    131.173 
LEU 'L-peptide linking' y LEUCINE         ? 'C6 H13 N O2'    131.173 
LYS 'L-peptide linking' y LYSINE          ? 'C6 H15 N2 O2 1' 147.195 
MET 'L-peptide linking' y METHIONINE      ? 'C5 H11 N O2 S'  149.211 
PHE 'L-peptide linking' y PHENYLALANINE   ? 'C9 H11 N O2'    165.189 
PRO 'L-peptide linking' y PROLINE         ? 'C5 H9 N O2'     115.130 
SER 'L-peptide linking' y SERINE          ? 'C3 H7 N O3'     105.093 
THR 'L-peptide linking' y THREONINE       ? 'C4 H9 N O3'     119.119 
TRP 'L-peptide linking' y TRYPTOPHAN      ? 'C11 H12 N2 O2'  204.225 
TYR 'L-peptide linking' y TYROSINE        ? 'C9 H11 N O3'    181.189 
VAL 'L-peptide linking' y VALINE          ? 'C5 H11 N O2'    117.146 
# 
_exptl.entry_id          3N00 
_exptl.method            'X-RAY DIFFRACTION' 
_exptl.crystals_number   1 
# 
_exptl_crystal.id                    1 
_exptl_crystal.density_meas          ? 
_exptl_crystal.density_Matthews      2.10 
_exptl_crystal.density_percent_sol   41.53 
_exptl_crystal.description           ? 
_exptl_crystal.F_000                 ? 
_exptl_crystal.preparation           ? 
# 
_exptl_crystal_grow.crystal_id      1 
_exptl_crystal_grow.method          'VAPOR DIFFUSION' 
_exptl_crystal_grow.temp            295 
_exptl_crystal_grow.temp_details    ? 
_exptl_crystal_grow.pH              7.5 
_exptl_crystal_grow.pdbx_details    
;1ul of precipitant composed of 6-9% of PEG 3350, 8% glycerol, 200mM proline, 80mM HEPES was mixed with 1uL of the Rev-erba NCoR complex at 5-6 mG/Lit to obtain diffraction grade crystals, pH 7.5, VAPOR DIFFUSION, temperature 295K
;
_exptl_crystal_grow.pdbx_pH_range   ? 
# 
_diffrn.id                     1 
_diffrn.ambient_temp           100 
_diffrn.ambient_temp_details   ? 
_diffrn.crystal_id             1 
# 
_diffrn_detector.diffrn_id              1 
_diffrn_detector.detector               CCD 
_diffrn_detector.type                   'MAR CCD 165 mm' 
_diffrn_detector.pdbx_collection_date   ? 
_diffrn_detector.details                ? 
# 
_diffrn_radiation.diffrn_id                        1 
_diffrn_radiation.wavelength_id                    1 
_diffrn_radiation.pdbx_monochromatic_or_laue_m_l   M 
_diffrn_radiation.monochromator                    ? 
_diffrn_radiation.pdbx_diffrn_protocol             'SINGLE WAVELENGTH' 
_diffrn_radiation.pdbx_scattering_type             x-ray 
# 
_diffrn_radiation_wavelength.id           1 
_diffrn_radiation_wavelength.wavelength   1 
_diffrn_radiation_wavelength.wt           1.0 
# 
_diffrn_source.diffrn_id                   1 
_diffrn_source.source                      SYNCHROTRON 
_diffrn_source.type                        'APS BEAMLINE 17-ID' 
_diffrn_source.pdbx_synchrotron_site       APS 
_diffrn_source.pdbx_synchrotron_beamline   17-ID 
_diffrn_source.pdbx_wavelength             ? 
_diffrn_source.pdbx_wavelength_list        1 
# 
_reflns.entry_id                     3N00 
_reflns.observed_criterion_sigma_I   -3.0 
_reflns.observed_criterion_sigma_F   ? 
_reflns.d_resolution_low             50.0 
_reflns.d_resolution_high            2.60 
_reflns.number_obs                   7921 
_reflns.number_all                   7931 
_reflns.percent_possible_obs         99.9 
_reflns.pdbx_Rmerge_I_obs            0.049 
_reflns.pdbx_Rsym_value              ? 
_reflns.pdbx_netI_over_sigmaI        50.5 
_reflns.B_iso_Wilson_estimate        32.0 
_reflns.pdbx_redundancy              10.9 
_reflns.R_free_details               ? 
_reflns.limit_h_max                  ? 
_reflns.limit_h_min                  ? 
_reflns.limit_k_max                  ? 
_reflns.limit_k_min                  ? 
_reflns.limit_l_max                  ? 
_reflns.limit_l_min                  ? 
_reflns.observed_criterion_F_max     ? 
_reflns.observed_criterion_F_min     ? 
_reflns.pdbx_chi_squared             ? 
_reflns.pdbx_scaling_rejects         ? 
_reflns.pdbx_diffrn_id               1 
_reflns.pdbx_ordinal                 1 
# 
_reflns_shell.d_res_high             2.60 
_reflns_shell.d_res_low              2.69 
_reflns_shell.percent_possible_all   99.4 
_reflns_shell.Rmerge_I_obs           0.296 
_reflns_shell.pdbx_Rsym_value        ? 
_reflns_shell.meanI_over_sigI_obs    7.3 
_reflns_shell.pdbx_redundancy        9.8 
_reflns_shell.percent_possible_obs   ? 
_reflns_shell.number_unique_all      783 
_reflns_shell.number_measured_all    ? 
_reflns_shell.number_measured_obs    ? 
_reflns_shell.number_unique_obs      ? 
_reflns_shell.pdbx_chi_squared       ? 
_reflns_shell.pdbx_diffrn_id         ? 
_reflns_shell.pdbx_ordinal           1 
# 
_refine.entry_id                                 3N00 
_refine.ls_number_reflns_obs                     7693 
_refine.ls_number_reflns_all                     ? 
_refine.pdbx_ls_sigma_I                          ? 
_refine.pdbx_ls_sigma_F                          ? 
_refine.pdbx_data_cutoff_high_absF               ? 
_refine.pdbx_data_cutoff_low_absF                ? 
_refine.pdbx_data_cutoff_high_rms_absF           ? 
_refine.ls_d_res_low                             30.04 
_refine.ls_d_res_high                            2.60 
_refine.ls_percent_reflns_obs                    99.86 
_refine.ls_R_factor_obs                          0.20035 
_refine.ls_R_factor_all                          ? 
_refine.ls_R_factor_R_work                       0.19861 
_refine.ls_R_factor_R_free                       0.26633 
_refine.ls_R_factor_R_free_error                 ? 
_refine.ls_R_factor_R_free_error_details         ? 
_refine.ls_percent_reflns_R_free                 2.8 
_refine.ls_number_reflns_R_free                  225 
_refine.ls_number_parameters                     ? 
_refine.ls_number_restraints                     ? 
_refine.occupancy_min                            ? 
_refine.occupancy_max                            ? 
_refine.correlation_coeff_Fo_to_Fc               0.948 
_refine.correlation_coeff_Fo_to_Fc_free          0.918 
_refine.B_iso_mean                               39.146 
_refine.aniso_B[1][1]                            -0.01 
_refine.aniso_B[2][2]                            -0.01 
_refine.aniso_B[3][3]                            0.01 
_refine.aniso_B[1][2]                            0.00 
_refine.aniso_B[1][3]                            0.00 
_refine.aniso_B[2][3]                            0.00 
_refine.solvent_model_details                    'BABINET MODEL WITH MASK' 
_refine.solvent_model_param_ksol                 ? 
_refine.solvent_model_param_bsol                 ? 
_refine.pdbx_solvent_vdw_probe_radii             1.20 
_refine.pdbx_solvent_ion_probe_radii             0.80 
_refine.pdbx_solvent_shrinkage_radii             0.80 
_refine.pdbx_ls_cross_valid_method               THROUGHOUT 
_refine.details                                  'HYDROGENS HAVE BEEN ADDED IN THE RIDING POSITIONS' 
_refine.pdbx_starting_model                      1db1 
_refine.pdbx_method_to_determine_struct          'MOLECULAR REPLACEMENT' 
_refine.pdbx_isotropic_thermal_model             ? 
_refine.pdbx_stereochemistry_target_values       'MAXIMUM LIKELIHOOD' 
_refine.pdbx_stereochem_target_val_spec_case     ? 
_refine.pdbx_R_Free_selection_details            RANDOM 
_refine.pdbx_overall_ESU_R_Free                  0.320 
_refine.overall_SU_ML                            0.206 
_refine.overall_SU_B                             10.170 
_refine.overall_SU_R_Cruickshank_DPI             ? 
_refine.ls_redundancy_reflns_obs                 ? 
_refine.B_iso_min                                ? 
_refine.B_iso_max                                ? 
_refine.overall_SU_R_free                        ? 
_refine.ls_wR_factor_R_free                      ? 
_refine.ls_wR_factor_R_work                      ? 
_refine.overall_FOM_free_R_set                   ? 
_refine.overall_FOM_work_R_set                   ? 
_refine.pdbx_overall_phase_error                 ? 
_refine.pdbx_refine_id                           'X-RAY DIFFRACTION' 
_refine.pdbx_overall_ESU_R                       ? 
_refine.pdbx_diffrn_id                           1 
_refine.pdbx_TLS_residual_ADP_flag               ? 
_refine.pdbx_overall_SU_R_free_Cruickshank_DPI   ? 
_refine.pdbx_overall_SU_R_Blow_DPI               ? 
_refine.pdbx_overall_SU_R_free_Blow_DPI          ? 
# 
_refine_hist.pdbx_refine_id                   'X-RAY DIFFRACTION' 
_refine_hist.cycle_id                         LAST 
_refine_hist.pdbx_number_atoms_protein        1549 
_refine_hist.pdbx_number_atoms_nucleic_acid   0 
_refine_hist.pdbx_number_atoms_ligand         0 
_refine_hist.number_atoms_solvent             62 
_refine_hist.number_atoms_total               1611 
_refine_hist.d_res_high                       2.60 
_refine_hist.d_res_low                        30.04 
# 
loop_
_refine_ls_restr.type 
_refine_ls_restr.dev_ideal 
_refine_ls_restr.dev_ideal_target 
_refine_ls_restr.weight 
_refine_ls_restr.number 
_refine_ls_restr.pdbx_refine_id 
_refine_ls_restr.pdbx_restraint_function 
r_bond_refined_d             0.010  0.022  ? 1570 'X-RAY DIFFRACTION' ? 
r_bond_other_d               0.001  0.020  ? 1055 'X-RAY DIFFRACTION' ? 
r_angle_refined_deg          1.126  1.967  ? 2116 'X-RAY DIFFRACTION' ? 
r_angle_other_deg            0.837  3.000  ? 2564 'X-RAY DIFFRACTION' ? 
r_dihedral_angle_1_deg       5.433  5.000  ? 201  'X-RAY DIFFRACTION' ? 
r_dihedral_angle_2_deg       28.156 23.175 ? 63   'X-RAY DIFFRACTION' ? 
r_dihedral_angle_3_deg       15.115 15.000 ? 274  'X-RAY DIFFRACTION' ? 
r_dihedral_angle_4_deg       22.934 15.000 ? 12   'X-RAY DIFFRACTION' ? 
r_chiral_restr               0.055  0.200  ? 255  'X-RAY DIFFRACTION' ? 
r_gen_planes_refined         0.003  0.020  ? 1730 'X-RAY DIFFRACTION' ? 
r_gen_planes_other           0.001  0.020  ? 318  'X-RAY DIFFRACTION' ? 
r_nbd_refined                ?      ?      ? ?    'X-RAY DIFFRACTION' ? 
r_nbd_other                  ?      ?      ? ?    'X-RAY DIFFRACTION' ? 
r_nbtor_refined              ?      ?      ? ?    'X-RAY DIFFRACTION' ? 
r_nbtor_other                ?      ?      ? ?    'X-RAY DIFFRACTION' ? 
r_xyhbond_nbd_refined        ?      ?      ? ?    'X-RAY DIFFRACTION' ? 
r_xyhbond_nbd_other          ?      ?      ? ?    'X-RAY DIFFRACTION' ? 
r_metal_ion_refined          ?      ?      ? ?    'X-RAY DIFFRACTION' ? 
r_metal_ion_other            ?      ?      ? ?    'X-RAY DIFFRACTION' ? 
r_symmetry_vdw_refined       ?      ?      ? ?    'X-RAY DIFFRACTION' ? 
r_symmetry_vdw_other         ?      ?      ? ?    'X-RAY DIFFRACTION' ? 
r_symmetry_hbond_refined     ?      ?      ? ?    'X-RAY DIFFRACTION' ? 
r_symmetry_hbond_other       ?      ?      ? ?    'X-RAY DIFFRACTION' ? 
r_symmetry_metal_ion_refined ?      ?      ? ?    'X-RAY DIFFRACTION' ? 
r_symmetry_metal_ion_other   ?      ?      ? ?    'X-RAY DIFFRACTION' ? 
r_mcbond_it                  0.604  1.500  ? 1012 'X-RAY DIFFRACTION' ? 
r_mcbond_other               0.067  1.500  ? 417  'X-RAY DIFFRACTION' ? 
r_mcangle_it                 1.184  2.000  ? 1610 'X-RAY DIFFRACTION' ? 
r_scbond_it                  1.591  3.000  ? 558  'X-RAY DIFFRACTION' ? 
r_scangle_it                 2.900  4.500  ? 506  'X-RAY DIFFRACTION' ? 
r_rigid_bond_restr           ?      ?      ? ?    'X-RAY DIFFRACTION' ? 
r_sphericity_free            ?      ?      ? ?    'X-RAY DIFFRACTION' ? 
r_sphericity_bonded          ?      ?      ? ?    'X-RAY DIFFRACTION' ? 
# 
_refine_ls_shell.pdbx_total_number_of_bins_used   20 
_refine_ls_shell.d_res_high                       2.602 
_refine_ls_shell.d_res_low                        2.669 
_refine_ls_shell.number_reflns_R_work             554 
_refine_ls_shell.R_factor_R_work                  0.264 
_refine_ls_shell.percent_reflns_obs               98.79 
_refine_ls_shell.R_factor_R_free                  0.262 
_refine_ls_shell.R_factor_R_free_error            ? 
_refine_ls_shell.percent_reflns_R_free            ? 
_refine_ls_shell.number_reflns_R_free             16 
_refine_ls_shell.number_reflns_all                ? 
_refine_ls_shell.R_factor_all                     ? 
_refine_ls_shell.number_reflns_obs                ? 
_refine_ls_shell.redundancy_reflns_obs            ? 
_refine_ls_shell.pdbx_refine_id                   'X-RAY DIFFRACTION' 
# 
_struct.entry_id                  3N00 
_struct.title                     
'Crystal Structure of a deletion mutant of human Reverba ligand binding domain bound with an NCoR ID1 peptide determined to 2.60A' 
_struct.pdbx_model_details        ? 
_struct.pdbx_CASP_flag            ? 
_struct.pdbx_model_type_details   ? 
# 
_struct_keywords.entry_id        3N00 
_struct_keywords.pdbx_keywords   'Transcription regulator' 
_struct_keywords.text            'Reverba NCoRID1, anti-parallel b-sheet, Transcription regulator' 
# 
loop_
_struct_asym.id 
_struct_asym.pdbx_blank_PDB_chainid_flag 
_struct_asym.pdbx_modified 
_struct_asym.entity_id 
_struct_asym.details 
A N N 1 ? 
B N N 2 ? 
C N N 3 ? 
D N N 3 ? 
# 
_struct_biol.id        1 
_struct_biol.details   ? 
# 
loop_
_struct_conf.conf_type_id 
_struct_conf.id 
_struct_conf.pdbx_PDB_helix_id 
_struct_conf.beg_label_comp_id 
_struct_conf.beg_label_asym_id 
_struct_conf.beg_label_seq_id 
_struct_conf.pdbx_beg_PDB_ins_code 
_struct_conf.end_label_comp_id 
_struct_conf.end_label_asym_id 
_struct_conf.end_label_seq_id 
_struct_conf.pdbx_end_PDB_ins_code 
_struct_conf.beg_auth_comp_id 
_struct_conf.beg_auth_asym_id 
_struct_conf.beg_auth_seq_id 
_struct_conf.end_auth_comp_id 
_struct_conf.end_auth_asym_id 
_struct_conf.end_auth_seq_id 
_struct_conf.pdbx_PDB_helix_class 
_struct_conf.details 
_struct_conf.pdbx_PDB_helix_length 
HELX_P HELX_P1  1  THR A 14  ? PHE A 30  ? THR A 284  PHE A 300  1 ? 17 
HELX_P HELX_P2  2  GLN A 64  ? ILE A 88  ? GLN A 433  ILE A 457  1 ? 25 
HELX_P HELX_P3  3  GLY A 90  ? LEU A 94  ? GLY A 459  LEU A 463  5 ? 5  
HELX_P HELX_P4  4  SER A 95  ? LEU A 118 ? SER A 464  LEU A 487  1 ? 24 
HELX_P HELX_P5  5  LEU A 139 ? GLY A 143 ? LEU A 508  GLY A 512  5 ? 5  
HELX_P HELX_P6  6  MET A 144 ? LEU A 161 ? MET A 513  LEU A 530  1 ? 18 
HELX_P HELX_P7  7  THR A 164 ? SER A 178 ? THR A 533  SER A 547  1 ? 15 
HELX_P HELX_P8  8  ASN A 186 ? ARG A 209 ? ASN A 555  ARG A 578  1 ? 24 
HELX_P HELX_P9  9  SER A 214 ? LEU A 221 ? SER A 583  LEU A 590  1 ? 8  
HELX_P HELX_P10 10 LEU A 221 ? SER A 234 ? LEU A 590  SER A 603  1 ? 14 
HELX_P HELX_P11 11 LEU B 7   ? ARG B 21  ? LEU B 2051 ARG B 2065 1 ? 15 
# 
_struct_conf_type.id          HELX_P 
_struct_conf_type.criteria    ? 
_struct_conf_type.reference   ? 
# 
_struct_sheet.id               A 
_struct_sheet.type             ? 
_struct_sheet.number_strands   2 
_struct_sheet.details          ? 
# 
_struct_sheet_order.sheet_id     A 
_struct_sheet_order.range_id_1   1 
_struct_sheet_order.range_id_2   2 
_struct_sheet_order.offset       ? 
_struct_sheet_order.sense        anti-parallel 
# 
loop_
_struct_sheet_range.sheet_id 
_struct_sheet_range.id 
_struct_sheet_range.beg_label_comp_id 
_struct_sheet_range.beg_label_asym_id 
_struct_sheet_range.beg_label_seq_id 
_struct_sheet_range.pdbx_beg_PDB_ins_code 
_struct_sheet_range.end_label_comp_id 
_struct_sheet_range.end_label_asym_id 
_struct_sheet_range.end_label_seq_id 
_struct_sheet_range.pdbx_end_PDB_ins_code 
_struct_sheet_range.beg_auth_comp_id 
_struct_sheet_range.beg_auth_asym_id 
_struct_sheet_range.beg_auth_seq_id 
_struct_sheet_range.end_auth_comp_id 
_struct_sheet_range.end_auth_asym_id 
_struct_sheet_range.end_auth_seq_id 
A 1 LEU A 237 ? ARG A 241 ? LEU A 606  ARG A 610  
A 2 HIS B 2   ? THR B 6   ? HIS B 2046 THR B 2050 
# 
_pdbx_struct_sheet_hbond.sheet_id                A 
_pdbx_struct_sheet_hbond.range_id_1              1 
_pdbx_struct_sheet_hbond.range_id_2              2 
_pdbx_struct_sheet_hbond.range_1_label_atom_id   N 
_pdbx_struct_sheet_hbond.range_1_label_comp_id   LEU 
_pdbx_struct_sheet_hbond.range_1_label_asym_id   A 
_pdbx_struct_sheet_hbond.range_1_label_seq_id    238 
_pdbx_struct_sheet_hbond.range_1_PDB_ins_code    ? 
_pdbx_struct_sheet_hbond.range_1_auth_atom_id    N 
_pdbx_struct_sheet_hbond.range_1_auth_comp_id    LEU 
_pdbx_struct_sheet_hbond.range_1_auth_asym_id    A 
_pdbx_struct_sheet_hbond.range_1_auth_seq_id     607 
_pdbx_struct_sheet_hbond.range_2_label_atom_id   O 
_pdbx_struct_sheet_hbond.range_2_label_comp_id   ILE 
_pdbx_struct_sheet_hbond.range_2_label_asym_id   B 
_pdbx_struct_sheet_hbond.range_2_label_seq_id    5 
_pdbx_struct_sheet_hbond.range_2_PDB_ins_code    ? 
_pdbx_struct_sheet_hbond.range_2_auth_atom_id    O 
_pdbx_struct_sheet_hbond.range_2_auth_comp_id    ILE 
_pdbx_struct_sheet_hbond.range_2_auth_asym_id    B 
_pdbx_struct_sheet_hbond.range_2_auth_seq_id     2049 
# 
_atom_sites.entry_id                    3N00 
_atom_sites.fract_transf_matrix[1][1]   -0.00913056 
_atom_sites.fract_transf_matrix[1][2]   -0.00367804 
_atom_sites.fract_transf_matrix[1][3]   -0.00289224 
_atom_sites.fract_transf_matrix[2][1]   -0.00764852 
_atom_sites.fract_transf_matrix[2][2]   -0.00067221 
_atom_sites.fract_transf_matrix[2][3]   0.00680407 
_atom_sites.fract_transf_matrix[3][1]   -0.00284962 
_atom_sites.fract_transf_matrix[3][2]   0.00890143 
_atom_sites.fract_transf_matrix[3][3]   -0.00232387 
_atom_sites.fract_transf_vector[1]      0.194967 
_atom_sites.fract_transf_vector[2]      0.766850 
_atom_sites.fract_transf_vector[3]      0.432837 
# 
loop_
_atom_type.symbol 
C 
N 
O 
S 
# 
loop_
_atom_site.group_PDB 
_atom_site.id 
_atom_site.type_symbol 
_atom_site.label_atom_id 
_atom_site.label_alt_id 
_atom_site.label_comp_id 
_atom_site.label_asym_id 
_atom_site.label_entity_id 
_atom_site.label_seq_id 
_atom_site.pdbx_PDB_ins_code 
_atom_site.Cartn_x 
_atom_site.Cartn_y 
_atom_site.Cartn_z 
_atom_site.occupancy 
_atom_site.B_iso_or_equiv 
_atom_site.pdbx_formal_charge 
_atom_site.auth_seq_id 
_atom_site.auth_comp_id 
_atom_site.auth_asym_id 
_atom_site.auth_atom_id 
_atom_site.pdbx_PDB_model_num 
ATOM   1    N N   . PRO A 1 13  ? 17.091  -7.061  -12.151 1.00 57.41 ? 283  PRO A N   1 
ATOM   2    C CA  . PRO A 1 13  ? 17.920  -6.114  -12.892 1.00 57.06 ? 283  PRO A CA  1 
ATOM   3    C C   . PRO A 1 13  ? 18.765  -5.269  -11.942 1.00 56.35 ? 283  PRO A C   1 
ATOM   4    O O   . PRO A 1 13  ? 18.834  -5.572  -10.739 1.00 56.35 ? 283  PRO A O   1 
ATOM   5    C CB  . PRO A 1 13  ? 16.877  -5.242  -13.597 1.00 57.35 ? 283  PRO A CB  1 
ATOM   6    C CG  . PRO A 1 13  ? 15.741  -5.163  -12.582 1.00 57.78 ? 283  PRO A CG  1 
ATOM   7    C CD  . PRO A 1 13  ? 15.823  -6.436  -11.718 1.00 57.55 ? 283  PRO A CD  1 
ATOM   8    N N   . THR A 1 14  ? 19.379  -4.214  -12.469 1.00 55.36 ? 284  THR A N   1 
ATOM   9    C CA  . THR A 1 14  ? 20.322  -3.425  -11.684 1.00 54.75 ? 284  THR A CA  1 
ATOM   10   C C   . THR A 1 14  ? 19.585  -2.594  -10.649 1.00 53.88 ? 284  THR A C   1 
ATOM   11   O O   . THR A 1 14  ? 18.458  -2.180  -10.877 1.00 54.18 ? 284  THR A O   1 
ATOM   12   C CB  . THR A 1 14  ? 21.156  -2.500  -12.579 1.00 54.80 ? 284  THR A CB  1 
ATOM   13   O OG1 . THR A 1 14  ? 20.366  -1.379  -12.990 1.00 54.85 ? 284  THR A OG1 1 
ATOM   14   C CG2 . THR A 1 14  ? 21.654  -3.261  -13.810 1.00 55.21 ? 284  THR A CG2 1 
ATOM   15   N N   . VAL A 1 15  ? 20.224  -2.347  -9.512  1.00 52.87 ? 285  VAL A N   1 
ATOM   16   C CA  . VAL A 1 15  ? 19.642  -1.505  -8.466  1.00 51.88 ? 285  VAL A CA  1 
ATOM   17   C C   . VAL A 1 15  ? 19.131  -0.148  -8.993  1.00 51.70 ? 285  VAL A C   1 
ATOM   18   O O   . VAL A 1 15  ? 18.083  0.337   -8.550  1.00 52.06 ? 285  VAL A O   1 
ATOM   19   C CB  . VAL A 1 15  ? 20.645  -1.275  -7.337  1.00 51.52 ? 285  VAL A CB  1 
ATOM   20   C CG1 . VAL A 1 15  ? 20.142  -0.225  -6.383  1.00 51.51 ? 285  VAL A CG1 1 
ATOM   21   C CG2 . VAL A 1 15  ? 20.902  -2.570  -6.611  1.00 51.01 ? 285  VAL A CG2 1 
ATOM   22   N N   . GLU A 1 16  ? 19.846  0.442   -9.954  1.00 51.18 ? 286  GLU A N   1 
ATOM   23   C CA  . GLU A 1 16  ? 19.485  1.746   -10.523 1.00 50.52 ? 286  GLU A CA  1 
ATOM   24   C C   . GLU A 1 16  ? 18.215  1.681   -11.376 1.00 49.98 ? 286  GLU A C   1 
ATOM   25   O O   . GLU A 1 16  ? 17.359  2.556   -11.273 1.00 49.48 ? 286  GLU A O   1 
ATOM   26   C CB  . GLU A 1 16  ? 20.649  2.311   -11.345 1.00 50.62 ? 286  GLU A CB  1 
ATOM   27   N N   . ASP A 1 17  ? 18.105  0.646   -12.207 1.00 49.62 ? 287  ASP A N   1 
ATOM   28   C CA  . ASP A 1 17  ? 16.891  0.385   -13.001 1.00 49.70 ? 287  ASP A CA  1 
ATOM   29   C C   . ASP A 1 17  ? 15.634  0.280   -12.144 1.00 48.69 ? 287  ASP A C   1 
ATOM   30   O O   . ASP A 1 17  ? 14.626  0.923   -12.433 1.00 48.65 ? 287  ASP A O   1 
ATOM   31   C CB  . ASP A 1 17  ? 17.017  -0.939  -13.757 1.00 50.27 ? 287  ASP A CB  1 
ATOM   32   C CG  . ASP A 1 17  ? 18.058  -0.896  -14.848 1.00 52.93 ? 287  ASP A CG  1 
ATOM   33   O OD1 . ASP A 1 17  ? 18.048  0.091   -15.616 1.00 56.28 ? 287  ASP A OD1 1 
ATOM   34   O OD2 . ASP A 1 17  ? 18.879  -1.851  -14.936 1.00 56.99 ? 287  ASP A OD2 1 
ATOM   35   N N   . VAL A 1 18  ? 15.714  -0.563  -11.112 1.00 47.57 ? 288  VAL A N   1 
ATOM   36   C CA  . VAL A 1 18  ? 14.619  -0.780  -10.174 1.00 46.72 ? 288  VAL A CA  1 
ATOM   37   C C   . VAL A 1 18  ? 14.190  0.536   -9.530  1.00 46.20 ? 288  VAL A C   1 
ATOM   38   O O   . VAL A 1 18  ? 13.013  0.892   -9.597  1.00 45.69 ? 288  VAL A O   1 
ATOM   39   C CB  . VAL A 1 18  ? 15.016  -1.795  -9.064  1.00 46.94 ? 288  VAL A CB  1 
ATOM   40   C CG1 . VAL A 1 18  ? 13.972  -1.822  -7.941  1.00 46.28 ? 288  VAL A CG1 1 
ATOM   41   C CG2 . VAL A 1 18  ? 15.221  -3.188  -9.654  1.00 45.91 ? 288  VAL A CG2 1 
ATOM   42   N N   . ILE A 1 19  ? 15.140  1.254   -8.925  1.00 45.49 ? 289  ILE A N   1 
ATOM   43   C CA  . ILE A 1 19  ? 14.844  2.555   -8.320  1.00 45.44 ? 289  ILE A CA  1 
ATOM   44   C C   . ILE A 1 19  ? 14.169  3.486   -9.327  1.00 45.67 ? 289  ILE A C   1 
ATOM   45   O O   . ILE A 1 19  ? 13.148  4.117   -9.033  1.00 45.48 ? 289  ILE A O   1 
ATOM   46   C CB  . ILE A 1 19  ? 16.107  3.291   -7.810  1.00 45.34 ? 289  ILE A CB  1 
ATOM   47   C CG1 . ILE A 1 19  ? 16.785  2.546   -6.663  1.00 45.62 ? 289  ILE A CG1 1 
ATOM   48   C CG2 . ILE A 1 19  ? 15.736  4.679   -7.295  1.00 45.32 ? 289  ILE A CG2 1 
ATOM   49   C CD1 . ILE A 1 19  ? 18.111  3.164   -6.247  1.00 44.26 ? 289  ILE A CD1 1 
ATOM   50   N N   . SER A 1 20  ? 14.769  3.579   -10.510 1.00 46.05 ? 290  SER A N   1 
ATOM   51   C CA  . SER A 1 20  ? 14.285  4.457   -11.571 1.00 46.42 ? 290  SER A CA  1 
ATOM   52   C C   . SER A 1 20  ? 12.879  4.048   -11.989 1.00 46.51 ? 290  SER A C   1 
ATOM   53   O O   . SER A 1 20  ? 11.955  4.858   -11.963 1.00 46.72 ? 290  SER A O   1 
ATOM   54   C CB  . SER A 1 20  ? 15.235  4.401   -12.771 1.00 46.52 ? 290  SER A CB  1 
ATOM   55   O OG  . SER A 1 20  ? 14.608  4.820   -13.969 1.00 47.79 ? 290  SER A OG  1 
ATOM   56   N N   . GLN A 1 21  ? 12.719  2.781   -12.343 1.00 46.51 ? 291  GLN A N   1 
ATOM   57   C CA  . GLN A 1 21  ? 11.430  2.269   -12.784 1.00 46.69 ? 291  GLN A CA  1 
ATOM   58   C C   . GLN A 1 21  ? 10.310  2.442   -11.767 1.00 46.12 ? 291  GLN A C   1 
ATOM   59   O O   . GLN A 1 21  ? 9.233   2.932   -12.108 1.00 46.41 ? 291  GLN A O   1 
ATOM   60   C CB  . GLN A 1 21  ? 11.551  0.798   -13.136 1.00 47.12 ? 291  GLN A CB  1 
ATOM   61   C CG  . GLN A 1 21  ? 10.438  0.345   -14.063 1.00 49.71 ? 291  GLN A CG  1 
ATOM   62   C CD  . GLN A 1 21  ? 10.752  -0.959  -14.759 1.00 51.98 ? 291  GLN A CD  1 
ATOM   63   O OE1 . GLN A 1 21  ? 11.894  -1.194  -15.191 1.00 54.04 ? 291  GLN A OE1 1 
ATOM   64   N NE2 . GLN A 1 21  ? 9.739   -1.825  -14.870 1.00 52.65 ? 291  GLN A NE2 1 
ATOM   65   N N   . VAL A 1 22  ? 10.560  2.039   -10.523 1.00 45.50 ? 292  VAL A N   1 
ATOM   66   C CA  . VAL A 1 22  ? 9.556   2.153   -9.468  1.00 44.87 ? 292  VAL A CA  1 
ATOM   67   C C   . VAL A 1 22  ? 9.195   3.609   -9.207  1.00 45.15 ? 292  VAL A C   1 
ATOM   68   O O   . VAL A 1 22  ? 8.023   3.934   -9.146  1.00 45.42 ? 292  VAL A O   1 
ATOM   69   C CB  . VAL A 1 22  ? 10.008  1.498   -8.141  1.00 44.62 ? 292  VAL A CB  1 
ATOM   70   C CG1 . VAL A 1 22  ? 9.092   1.921   -6.982  1.00 43.78 ? 292  VAL A CG1 1 
ATOM   71   C CG2 . VAL A 1 22  ? 10.068  -0.016  -8.279  1.00 43.76 ? 292  VAL A CG2 1 
ATOM   72   N N   . ALA A 1 23  ? 10.203  4.473   -9.063  1.00 45.45 ? 293  ALA A N   1 
ATOM   73   C CA  . ALA A 1 23  ? 10.009  5.897   -8.731  1.00 45.39 ? 293  ALA A CA  1 
ATOM   74   C C   . ALA A 1 23  ? 9.165   6.619   -9.771  1.00 45.87 ? 293  ALA A C   1 
ATOM   75   O O   . ALA A 1 23  ? 8.335   7.478   -9.448  1.00 45.25 ? 293  ALA A O   1 
ATOM   76   C CB  . ALA A 1 23  ? 11.342  6.572   -8.605  1.00 44.97 ? 293  ALA A CB  1 
ATOM   77   N N   . ARG A 1 24  ? 9.395   6.245   -11.024 1.00 46.80 ? 294  ARG A N   1 
ATOM   78   C CA  . ARG A 1 24  ? 8.661   6.766   -12.170 1.00 47.88 ? 294  ARG A CA  1 
ATOM   79   C C   . ARG A 1 24  ? 7.192   6.341   -12.137 1.00 48.27 ? 294  ARG A C   1 
ATOM   80   O O   . ARG A 1 24  ? 6.287   7.196   -12.211 1.00 48.83 ? 294  ARG A O   1 
ATOM   81   C CB  . ARG A 1 24  ? 9.331   6.262   -13.446 1.00 48.17 ? 294  ARG A CB  1 
ATOM   82   C CG  . ARG A 1 24  ? 8.764   6.789   -14.749 1.00 50.09 ? 294  ARG A CG  1 
ATOM   83   C CD  . ARG A 1 24  ? 9.712   6.430   -15.920 1.00 51.81 ? 294  ARG A CD  1 
ATOM   84   N NE  . ARG A 1 24  ? 9.189   6.877   -17.208 1.00 52.99 ? 294  ARG A NE  1 
ATOM   85   N N   . ALA A 1 25  ? 6.959   5.031   -12.023 1.00 48.32 ? 295  ALA A N   1 
ATOM   86   C CA  . ALA A 1 25  ? 5.606   4.496   -11.869 1.00 48.52 ? 295  ALA A CA  1 
ATOM   87   C C   . ALA A 1 25  ? 4.881   5.172   -10.709 1.00 48.79 ? 295  ALA A C   1 
ATOM   88   O O   . ALA A 1 25  ? 3.737   5.568   -10.853 1.00 49.38 ? 295  ALA A O   1 
ATOM   89   C CB  . ALA A 1 25  ? 5.633   2.981   -11.676 1.00 48.31 ? 295  ALA A CB  1 
ATOM   90   N N   . HIS A 1 26  ? 5.545   5.323   -9.569  1.00 49.20 ? 296  HIS A N   1 
ATOM   91   C CA  . HIS A 1 26  ? 4.950   6.003   -8.423  1.00 49.76 ? 296  HIS A CA  1 
ATOM   92   C C   . HIS A 1 26  ? 4.574   7.448   -8.757  1.00 51.23 ? 296  HIS A C   1 
ATOM   93   O O   . HIS A 1 26  ? 3.495   7.910   -8.383  1.00 51.71 ? 296  HIS A O   1 
ATOM   94   C CB  . HIS A 1 26  ? 5.894   5.976   -7.221  1.00 49.42 ? 296  HIS A CB  1 
ATOM   95   C CG  . HIS A 1 26  ? 5.298   6.536   -5.966  1.00 47.78 ? 296  HIS A CG  1 
ATOM   96   N ND1 . HIS A 1 26  ? 5.714   7.726   -5.413  1.00 47.22 ? 296  HIS A ND1 1 
ATOM   97   C CD2 . HIS A 1 26  ? 4.331   6.063   -5.149  1.00 47.39 ? 296  HIS A CD2 1 
ATOM   98   C CE1 . HIS A 1 26  ? 5.026   7.965   -4.311  1.00 47.65 ? 296  HIS A CE1 1 
ATOM   99   N NE2 . HIS A 1 26  ? 4.178   6.971   -4.129  1.00 47.58 ? 296  HIS A NE2 1 
ATOM   100  N N   . ARG A 1 27  ? 5.450   8.161   -9.461  1.00 52.60 ? 297  ARG A N   1 
ATOM   101  C CA  . ARG A 1 27  ? 5.168   9.550   -9.810  1.00 53.75 ? 297  ARG A CA  1 
ATOM   102  C C   . ARG A 1 27  ? 4.015   9.674   -10.798 1.00 54.20 ? 297  ARG A C   1 
ATOM   103  O O   . ARG A 1 27  ? 3.168   10.550  -10.642 1.00 54.13 ? 297  ARG A O   1 
ATOM   104  C CB  . ARG A 1 27  ? 6.410   10.260  -10.358 1.00 54.25 ? 297  ARG A CB  1 
ATOM   105  C CG  . ARG A 1 27  ? 7.013   11.248  -9.366  1.00 56.14 ? 297  ARG A CG  1 
ATOM   106  C CD  . ARG A 1 27  ? 8.228   11.946  -9.936  1.00 58.87 ? 297  ARG A CD  1 
ATOM   107  N NE  . ARG A 1 27  ? 9.491   11.265  -9.591  1.00 61.42 ? 297  ARG A NE  1 
ATOM   108  C CZ  . ARG A 1 27  ? 10.278  10.594  -10.443 1.00 62.14 ? 297  ARG A CZ  1 
ATOM   109  N NH1 . ARG A 1 27  ? 9.964   10.469  -11.741 1.00 62.48 ? 297  ARG A NH1 1 
ATOM   110  N NH2 . ARG A 1 27  ? 11.403  10.043  -9.991  1.00 61.89 ? 297  ARG A NH2 1 
ATOM   111  N N   . GLU A 1 28  ? 3.981   8.798   -11.798 1.00 54.83 ? 298  GLU A N   1 
ATOM   112  C CA  . GLU A 1 28  ? 2.912   8.823   -12.803 1.00 55.54 ? 298  GLU A CA  1 
ATOM   113  C C   . GLU A 1 28  ? 1.546   8.439   -12.261 1.00 55.32 ? 298  GLU A C   1 
ATOM   114  O O   . GLU A 1 28  ? 0.560   9.120   -12.542 1.00 55.74 ? 298  GLU A O   1 
ATOM   115  C CB  . GLU A 1 28  ? 3.239   7.887   -13.967 1.00 56.08 ? 298  GLU A CB  1 
ATOM   116  C CG  . GLU A 1 28  ? 4.158   8.502   -15.010 1.00 58.61 ? 298  GLU A CG  1 
ATOM   117  C CD  . GLU A 1 28  ? 4.987   7.460   -15.729 1.00 62.93 ? 298  GLU A CD  1 
ATOM   118  O OE1 . GLU A 1 28  ? 4.635   6.247   -15.673 1.00 65.87 ? 298  GLU A OE1 1 
ATOM   119  O OE2 . GLU A 1 28  ? 6.007   7.859   -16.341 1.00 65.19 ? 298  GLU A OE2 1 
ATOM   120  N N   . ILE A 1 29  ? 1.492   7.350   -11.494 1.00 55.08 ? 299  ILE A N   1 
ATOM   121  C CA  . ILE A 1 29  ? 0.217   6.707   -11.142 1.00 54.59 ? 299  ILE A CA  1 
ATOM   122  C C   . ILE A 1 29  ? -0.408  7.306   -9.896  1.00 54.63 ? 299  ILE A C   1 
ATOM   123  O O   . ILE A 1 29  ? -1.618  7.264   -9.742  1.00 54.96 ? 299  ILE A O   1 
ATOM   124  C CB  . ILE A 1 29  ? 0.370   5.173   -10.960 1.00 54.41 ? 299  ILE A CB  1 
ATOM   125  C CG1 . ILE A 1 29  ? 0.947   4.549   -12.241 1.00 53.92 ? 299  ILE A CG1 1 
ATOM   126  C CG2 . ILE A 1 29  ? -0.983  4.536   -10.595 1.00 53.59 ? 299  ILE A CG2 1 
ATOM   127  C CD1 . ILE A 1 29  ? 1.422   3.122   -12.117 1.00 53.46 ? 299  ILE A CD1 1 
ATOM   128  N N   . PHE A 1 30  ? 0.404   7.869   -9.012  1.00 54.77 ? 300  PHE A N   1 
ATOM   129  C CA  . PHE A 1 30  ? -0.118  8.509   -7.810  1.00 55.01 ? 300  PHE A CA  1 
ATOM   130  C C   . PHE A 1 30  ? -0.031  10.053  -7.862  1.00 55.39 ? 300  PHE A C   1 
ATOM   131  O O   . PHE A 1 30  ? 0.993   10.674  -7.500  1.00 55.73 ? 300  PHE A O   1 
ATOM   132  C CB  . PHE A 1 30  ? 0.616   7.964   -6.583  1.00 55.15 ? 300  PHE A CB  1 
ATOM   133  C CG  . PHE A 1 30  ? 0.429   6.486   -6.370  1.00 54.57 ? 300  PHE A CG  1 
ATOM   134  C CD1 . PHE A 1 30  ? -0.804  5.973   -5.990  1.00 54.07 ? 300  PHE A CD1 1 
ATOM   135  C CD2 . PHE A 1 30  ? 1.486   5.616   -6.532  1.00 54.38 ? 300  PHE A CD2 1 
ATOM   136  C CE1 . PHE A 1 30  ? -0.979  4.612   -5.785  1.00 54.17 ? 300  PHE A CE1 1 
ATOM   137  C CE2 . PHE A 1 30  ? 1.320   4.252   -6.329  1.00 54.86 ? 300  PHE A CE2 1 
ATOM   138  C CZ  . PHE A 1 30  ? 0.082   3.749   -5.953  1.00 54.27 ? 300  PHE A CZ  1 
ATOM   139  N N   . VAL A 1 63  ? -22.738 13.457  6.213   1.00 69.37 ? 432  VAL A N   1 
ATOM   140  C CA  . VAL A 1 63  ? -23.885 13.055  7.029   1.00 69.18 ? 432  VAL A CA  1 
ATOM   141  C C   . VAL A 1 63  ? -23.929 11.513  7.008   1.00 69.05 ? 432  VAL A C   1 
ATOM   142  O O   . VAL A 1 63  ? -23.527 10.847  7.978   1.00 69.46 ? 432  VAL A O   1 
ATOM   143  C CB  . VAL A 1 63  ? -25.208 13.722  6.515   1.00 69.24 ? 432  VAL A CB  1 
ATOM   144  C CG1 . VAL A 1 63  ? -26.104 14.112  7.691   1.00 69.27 ? 432  VAL A CG1 1 
ATOM   145  C CG2 . VAL A 1 63  ? -24.887 14.941  5.634   1.00 68.69 ? 432  VAL A CG2 1 
ATOM   146  N N   . GLN A 1 64  ? -24.452 10.963  5.914   1.00 68.53 ? 433  GLN A N   1 
ATOM   147  C CA  . GLN A 1 64  ? -24.046 9.663   5.396   1.00 67.88 ? 433  GLN A CA  1 
ATOM   148  C C   . GLN A 1 64  ? -23.481 9.881   4.000   1.00 67.36 ? 433  GLN A C   1 
ATOM   149  O O   . GLN A 1 64  ? -23.027 8.934   3.347   1.00 67.60 ? 433  GLN A O   1 
ATOM   150  C CB  . GLN A 1 64  ? -25.234 8.711   5.298   1.00 67.94 ? 433  GLN A CB  1 
ATOM   151  C CG  . GLN A 1 64  ? -26.173 8.963   4.101   1.00 68.11 ? 433  GLN A CG  1 
ATOM   152  C CD  . GLN A 1 64  ? -26.832 7.692   3.579   1.00 68.66 ? 433  GLN A CD  1 
ATOM   153  O OE1 . GLN A 1 64  ? -26.437 6.579   3.944   1.00 69.59 ? 433  GLN A OE1 1 
ATOM   154  N NE2 . GLN A 1 64  ? -27.835 7.853   2.713   1.00 68.21 ? 433  GLN A NE2 1 
ATOM   155  N N   . GLU A 1 65  ? -23.573 11.122  3.526   1.00 66.39 ? 434  GLU A N   1 
ATOM   156  C CA  . GLU A 1 65  ? -22.984 11.512  2.269   1.00 65.54 ? 434  GLU A CA  1 
ATOM   157  C C   . GLU A 1 65  ? -21.470 11.429  2.424   1.00 64.71 ? 434  GLU A C   1 
ATOM   158  O O   . GLU A 1 65  ? -20.777 11.087  1.472   1.00 64.86 ? 434  GLU A O   1 
ATOM   159  C CB  . GLU A 1 65  ? -23.434 12.927  1.876   1.00 65.45 ? 434  GLU A CB  1 
ATOM   160  N N   . ILE A 1 66  ? -20.962 11.710  3.624   1.00 63.70 ? 435  ILE A N   1 
ATOM   161  C CA  . ILE A 1 66  ? -19.523 11.584  3.899   1.00 63.18 ? 435  ILE A CA  1 
ATOM   162  C C   . ILE A 1 66  ? -19.038 10.121  3.805   1.00 62.63 ? 435  ILE A C   1 
ATOM   163  O O   . ILE A 1 66  ? -17.927 9.845   3.322   1.00 62.56 ? 435  ILE A O   1 
ATOM   164  C CB  . ILE A 1 66  ? -19.141 12.143  5.300   1.00 63.24 ? 435  ILE A CB  1 
ATOM   165  C CG1 . ILE A 1 66  ? -19.470 13.638  5.410   1.00 62.94 ? 435  ILE A CG1 1 
ATOM   166  N N   . TRP A 1 67  ? -19.878 9.195   4.268   1.00 61.75 ? 436  TRP A N   1 
ATOM   167  C CA  . TRP A 1 67  ? -19.557 7.768   4.267   1.00 61.07 ? 436  TRP A CA  1 
ATOM   168  C C   . TRP A 1 67  ? -19.576 7.190   2.853   1.00 60.90 ? 436  TRP A C   1 
ATOM   169  O O   . TRP A 1 67  ? -18.683 6.431   2.468   1.00 60.86 ? 436  TRP A O   1 
ATOM   170  C CB  . TRP A 1 67  ? -20.537 7.004   5.167   1.00 60.90 ? 436  TRP A CB  1 
ATOM   171  C CG  . TRP A 1 67  ? -20.163 5.580   5.400   1.00 59.92 ? 436  TRP A CG  1 
ATOM   172  C CD1 . TRP A 1 67  ? -18.929 5.028   5.263   1.00 59.42 ? 436  TRP A CD1 1 
ATOM   173  C CD2 . TRP A 1 67  ? -21.019 4.533   5.857   1.00 59.24 ? 436  TRP A CD2 1 
ATOM   174  N NE1 . TRP A 1 67  ? -18.963 3.702   5.583   1.00 59.19 ? 436  TRP A NE1 1 
ATOM   175  C CE2 . TRP A 1 67  ? -20.234 3.366   5.951   1.00 58.87 ? 436  TRP A CE2 1 
ATOM   176  C CE3 . TRP A 1 67  ? -22.374 4.462   6.185   1.00 59.42 ? 436  TRP A CE3 1 
ATOM   177  C CZ2 . TRP A 1 67  ? -20.758 2.134   6.350   1.00 58.45 ? 436  TRP A CZ2 1 
ATOM   178  C CZ3 . TRP A 1 67  ? -22.896 3.234   6.590   1.00 59.32 ? 436  TRP A CZ3 1 
ATOM   179  C CH2 . TRP A 1 67  ? -22.085 2.088   6.665   1.00 58.96 ? 436  TRP A CH2 1 
ATOM   180  N N   . GLU A 1 68  ? -20.602 7.550   2.089   1.00 60.47 ? 437  GLU A N   1 
ATOM   181  C CA  . GLU A 1 68  ? -20.662 7.198   0.679   1.00 60.18 ? 437  GLU A CA  1 
ATOM   182  C C   . GLU A 1 68  ? -19.445 7.753   -0.077  1.00 59.53 ? 437  GLU A C   1 
ATOM   183  O O   . GLU A 1 68  ? -18.904 7.073   -0.945  1.00 59.65 ? 437  GLU A O   1 
ATOM   184  C CB  . GLU A 1 68  ? -21.974 7.698   0.052   1.00 60.45 ? 437  GLU A CB  1 
ATOM   185  C CG  . GLU A 1 68  ? -23.258 6.979   0.560   1.00 61.67 ? 437  GLU A CG  1 
ATOM   186  C CD  . GLU A 1 68  ? -24.574 7.541   -0.029  1.00 63.30 ? 437  GLU A CD  1 
ATOM   187  O OE1 . GLU A 1 68  ? -24.589 8.682   -0.567  1.00 63.73 ? 437  GLU A OE1 1 
ATOM   188  O OE2 . GLU A 1 68  ? -25.606 6.827   0.053   1.00 63.92 ? 437  GLU A OE2 1 
ATOM   189  N N   . ASP A 1 69  ? -19.008 8.968   0.275   1.00 58.94 ? 438  ASP A N   1 
ATOM   190  C CA  . ASP A 1 69  ? -17.918 9.670   -0.434  1.00 58.24 ? 438  ASP A CA  1 
ATOM   191  C C   . ASP A 1 69  ? -16.555 9.036   -0.167  1.00 57.66 ? 438  ASP A C   1 
ATOM   192  O O   . ASP A 1 69  ? -15.758 8.807   -1.089  1.00 57.27 ? 438  ASP A O   1 
ATOM   193  N N   . PHE A 1 70  ? -16.300 8.769   1.110   1.00 56.99 ? 439  PHE A N   1 
ATOM   194  C CA  . PHE A 1 70  ? -15.189 7.933   1.535   1.00 56.56 ? 439  PHE A CA  1 
ATOM   195  C C   . PHE A 1 70  ? -15.241 6.547   0.872   1.00 55.80 ? 439  PHE A C   1 
ATOM   196  O O   . PHE A 1 70  ? -14.234 6.055   0.361   1.00 55.54 ? 439  PHE A O   1 
ATOM   197  C CB  . PHE A 1 70  ? -15.255 7.782   3.050   1.00 56.81 ? 439  PHE A CB  1 
ATOM   198  C CG  . PHE A 1 70  ? -14.142 6.969   3.636   1.00 58.04 ? 439  PHE A CG  1 
ATOM   199  C CD1 . PHE A 1 70  ? -12.836 7.437   3.603   1.00 59.31 ? 439  PHE A CD1 1 
ATOM   200  C CD2 . PHE A 1 70  ? -14.401 5.748   4.255   1.00 59.47 ? 439  PHE A CD2 1 
ATOM   201  C CE1 . PHE A 1 70  ? -11.792 6.692   4.165   1.00 60.19 ? 439  PHE A CE1 1 
ATOM   202  C CE2 . PHE A 1 70  ? -13.367 4.994   4.822   1.00 60.18 ? 439  PHE A CE2 1 
ATOM   203  C CZ  . PHE A 1 70  ? -12.062 5.468   4.776   1.00 60.31 ? 439  PHE A CZ  1 
ATOM   204  N N   . SER A 1 71  ? -16.421 5.934   0.857   1.00 55.04 ? 440  SER A N   1 
ATOM   205  C CA  . SER A 1 71  ? -16.558 4.571   0.354   1.00 54.35 ? 440  SER A CA  1 
ATOM   206  C C   . SER A 1 71  ? -16.112 4.451   -1.096  1.00 54.44 ? 440  SER A C   1 
ATOM   207  O O   . SER A 1 71  ? -15.425 3.503   -1.450  1.00 54.69 ? 440  SER A O   1 
ATOM   208  C CB  . SER A 1 71  ? -17.986 4.071   0.516   1.00 53.91 ? 440  SER A CB  1 
ATOM   209  O OG  . SER A 1 71  ? -18.303 3.949   1.887   1.00 52.37 ? 440  SER A OG  1 
ATOM   210  N N   . MET A 1 72  ? -16.476 5.419   -1.926  1.00 54.22 ? 441  MET A N   1 
ATOM   211  C CA  . MET A 1 72  ? -16.117 5.381   -3.354  1.00 54.30 ? 441  MET A CA  1 
ATOM   212  C C   . MET A 1 72  ? -14.737 5.935   -3.691  1.00 53.28 ? 441  MET A C   1 
ATOM   213  O O   . MET A 1 72  ? -14.311 5.878   -4.844  1.00 52.86 ? 441  MET A O   1 
ATOM   214  C CB  . MET A 1 72  ? -17.131 6.168   -4.162  1.00 55.12 ? 441  MET A CB  1 
ATOM   215  C CG  . MET A 1 72  ? -18.353 5.386   -4.563  1.00 57.41 ? 441  MET A CG  1 
ATOM   216  S SD  . MET A 1 72  ? -19.335 6.498   -5.568  1.00 63.62 ? 441  MET A SD  1 
ATOM   217  C CE  . MET A 1 72  ? -19.587 7.874   -4.413  1.00 61.74 ? 441  MET A CE  1 
ATOM   218  N N   . SER A 1 73  ? -14.066 6.509   -2.702  1.00 52.55 ? 442  SER A N   1 
ATOM   219  C CA  . SER A 1 73  ? -12.667 6.885   -2.843  1.00 51.98 ? 442  SER A CA  1 
ATOM   220  C C   . SER A 1 73  ? -11.798 5.651   -3.164  1.00 51.41 ? 442  SER A C   1 
ATOM   221  O O   . SER A 1 73  ? -10.879 5.719   -3.987  1.00 51.65 ? 442  SER A O   1 
ATOM   222  C CB  . SER A 1 73  ? -12.177 7.549   -1.553  1.00 51.77 ? 442  SER A CB  1 
ATOM   223  N N   . PHE A 1 74  ? -12.120 4.523   -2.526  1.00 50.53 ? 443  PHE A N   1 
ATOM   224  C CA  . PHE A 1 74  ? -11.294 3.304   -2.575  1.00 49.72 ? 443  PHE A CA  1 
ATOM   225  C C   . PHE A 1 74  ? -11.175 2.642   -3.950  1.00 48.59 ? 443  PHE A C   1 
ATOM   226  O O   . PHE A 1 74  ? -10.153 2.032   -4.249  1.00 48.47 ? 443  PHE A O   1 
ATOM   227  C CB  . PHE A 1 74  ? -11.808 2.268   -1.552  1.00 49.89 ? 443  PHE A CB  1 
ATOM   228  C CG  . PHE A 1 74  ? -11.567 2.661   -0.118  1.00 50.62 ? 443  PHE A CG  1 
ATOM   229  C CD1 . PHE A 1 74  ? -10.325 2.447   0.471   1.00 51.71 ? 443  PHE A CD1 1 
ATOM   230  C CD2 . PHE A 1 74  ? -12.579 3.241   0.642   1.00 51.29 ? 443  PHE A CD2 1 
ATOM   231  C CE1 . PHE A 1 74  ? -10.092 2.815   1.794   1.00 52.32 ? 443  PHE A CE1 1 
ATOM   232  C CE2 . PHE A 1 74  ? -12.362 3.608   1.966   1.00 51.43 ? 443  PHE A CE2 1 
ATOM   233  C CZ  . PHE A 1 74  ? -11.113 3.396   2.542   1.00 52.30 ? 443  PHE A CZ  1 
ATOM   234  N N   . THR A 1 75  ? -12.214 2.748   -4.772  1.00 47.39 ? 444  THR A N   1 
ATOM   235  C CA  . THR A 1 75  ? -12.237 2.040   -6.059  1.00 46.45 ? 444  THR A CA  1 
ATOM   236  C C   . THR A 1 75  ? -11.156 2.534   -7.028  1.00 45.64 ? 444  THR A C   1 
ATOM   237  O O   . THR A 1 75  ? -10.402 1.731   -7.555  1.00 45.42 ? 444  THR A O   1 
ATOM   238  C CB  . THR A 1 75  ? -13.639 2.079   -6.721  1.00 46.28 ? 444  THR A CB  1 
ATOM   239  O OG1 . THR A 1 75  ? -14.613 1.494   -5.837  1.00 46.88 ? 444  THR A OG1 1 
ATOM   240  C CG2 . THR A 1 75  ? -13.624 1.329   -8.025  1.00 45.39 ? 444  THR A CG2 1 
ATOM   241  N N   . PRO A 1 76  ? -11.076 3.856   -7.262  1.00 44.88 ? 445  PRO A N   1 
ATOM   242  C CA  . PRO A 1 76  ? -9.947  4.332   -8.082  1.00 44.18 ? 445  PRO A CA  1 
ATOM   243  C C   . PRO A 1 76  ? -8.586  4.134   -7.397  1.00 43.39 ? 445  PRO A C   1 
ATOM   244  O O   . PRO A 1 76  ? -7.591  3.859   -8.066  1.00 43.30 ? 445  PRO A O   1 
ATOM   245  C CB  . PRO A 1 76  ? -10.257 5.830   -8.289  1.00 44.20 ? 445  PRO A CB  1 
ATOM   246  C CG  . PRO A 1 76  ? -11.271 6.184   -7.212  1.00 44.30 ? 445  PRO A CG  1 
ATOM   247  C CD  . PRO A 1 76  ? -12.036 4.934   -6.938  1.00 44.58 ? 445  PRO A CD  1 
ATOM   248  N N   . ALA A 1 77  ? -8.546  4.263   -6.077  1.00 42.54 ? 446  ALA A N   1 
ATOM   249  C CA  . ALA A 1 77  ? -7.305  4.045   -5.333  1.00 42.10 ? 446  ALA A CA  1 
ATOM   250  C C   . ALA A 1 77  ? -6.806  2.617   -5.510  1.00 41.59 ? 446  ALA A C   1 
ATOM   251  O O   . ALA A 1 77  ? -5.644  2.402   -5.811  1.00 41.82 ? 446  ALA A O   1 
ATOM   252  C CB  . ALA A 1 77  ? -7.500  4.363   -3.865  1.00 41.83 ? 446  ALA A CB  1 
ATOM   253  N N   . VAL A 1 78  ? -7.692  1.643   -5.350  1.00 41.38 ? 447  VAL A N   1 
ATOM   254  C CA  . VAL A 1 78  ? -7.321  0.244   -5.540  1.00 41.30 ? 447  VAL A CA  1 
ATOM   255  C C   . VAL A 1 78  ? -6.824  0.013   -6.979  1.00 41.83 ? 447  VAL A C   1 
ATOM   256  O O   . VAL A 1 78  ? -5.843  -0.701  -7.186  1.00 41.89 ? 447  VAL A O   1 
ATOM   257  C CB  . VAL A 1 78  ? -8.481  -0.731  -5.173  1.00 41.18 ? 447  VAL A CB  1 
ATOM   258  C CG1 . VAL A 1 78  ? -8.067  -2.172  -5.408  1.00 41.03 ? 447  VAL A CG1 1 
ATOM   259  C CG2 . VAL A 1 78  ? -8.895  -0.553  -3.719  1.00 39.59 ? 447  VAL A CG2 1 
ATOM   260  N N   . ARG A 1 79  ? -7.469  0.644   -7.961  1.00 42.05 ? 448  ARG A N   1 
ATOM   261  C CA  . ARG A 1 79  ? -7.023  0.527   -9.352  1.00 42.39 ? 448  ARG A CA  1 
ATOM   262  C C   . ARG A 1 79  ? -5.684  1.180   -9.576  1.00 42.20 ? 448  ARG A C   1 
ATOM   263  O O   . ARG A 1 79  ? -4.928  0.716   -10.412 1.00 42.35 ? 448  ARG A O   1 
ATOM   264  C CB  . ARG A 1 79  ? -8.029  1.131   -10.329 1.00 42.75 ? 448  ARG A CB  1 
ATOM   265  C CG  . ARG A 1 79  ? -9.317  0.344   -10.431 1.00 44.83 ? 448  ARG A CG  1 
ATOM   266  C CD  . ARG A 1 79  ? -10.091 0.725   -11.660 1.00 48.73 ? 448  ARG A CD  1 
ATOM   267  N NE  . ARG A 1 79  ? -11.449 0.171   -11.634 1.00 52.51 ? 448  ARG A NE  1 
ATOM   268  C CZ  . ARG A 1 79  ? -12.551 0.833   -11.268 1.00 56.02 ? 448  ARG A CZ  1 
ATOM   269  N NH1 . ARG A 1 79  ? -12.502 2.118   -10.881 1.00 57.88 ? 448  ARG A NH1 1 
ATOM   270  N NH2 . ARG A 1 79  ? -13.724 0.201   -11.292 1.00 56.73 ? 448  ARG A NH2 1 
ATOM   271  N N   . GLU A 1 80  ? -5.392  2.257   -8.849  1.00 42.31 ? 449  GLU A N   1 
ATOM   272  C CA  . GLU A 1 80  ? -4.067  2.900   -8.924  1.00 42.30 ? 449  GLU A CA  1 
ATOM   273  C C   . GLU A 1 80  ? -3.004  1.956   -8.397  1.00 41.71 ? 449  GLU A C   1 
ATOM   274  O O   . GLU A 1 80  ? -1.934  1.841   -8.979  1.00 41.63 ? 449  GLU A O   1 
ATOM   275  C CB  . GLU A 1 80  ? -4.014  4.203   -8.115  1.00 42.56 ? 449  GLU A CB  1 
ATOM   276  C CG  . GLU A 1 80  ? -4.836  5.325   -8.714  1.00 44.76 ? 449  GLU A CG  1 
ATOM   277  C CD  . GLU A 1 80  ? -4.913  6.569   -7.848  1.00 47.26 ? 449  GLU A CD  1 
ATOM   278  O OE1 . GLU A 1 80  ? -4.584  6.527   -6.634  1.00 48.69 ? 449  GLU A OE1 1 
ATOM   279  O OE2 . GLU A 1 80  ? -5.322  7.608   -8.408  1.00 49.49 ? 449  GLU A OE2 1 
ATOM   280  N N   . VAL A 1 81  ? -3.307  1.287   -7.293  1.00 40.95 ? 450  VAL A N   1 
ATOM   281  C CA  . VAL A 1 81  ? -2.384  0.325   -6.723  1.00 40.61 ? 450  VAL A CA  1 
ATOM   282  C C   . VAL A 1 81  ? -2.152  -0.843  -7.688  1.00 40.62 ? 450  VAL A C   1 
ATOM   283  O O   . VAL A 1 81  ? -1.016  -1.267  -7.882  1.00 40.70 ? 450  VAL A O   1 
ATOM   284  C CB  . VAL A 1 81  ? -2.873  -0.197  -5.336  1.00 40.67 ? 450  VAL A CB  1 
ATOM   285  C CG1 . VAL A 1 81  ? -1.948  -1.289  -4.831  1.00 39.08 ? 450  VAL A CG1 1 
ATOM   286  C CG2 . VAL A 1 81  ? -2.968  0.964   -4.330  1.00 38.95 ? 450  VAL A CG2 1 
ATOM   287  N N   . VAL A 1 82  ? -3.215  -1.345  -8.309  1.00 40.55 ? 451  VAL A N   1 
ATOM   288  C CA  . VAL A 1 82  ? -3.073  -2.440  -9.257  1.00 40.66 ? 451  VAL A CA  1 
ATOM   289  C C   . VAL A 1 82  ? -2.175  -2.037  -10.440 1.00 41.24 ? 451  VAL A C   1 
ATOM   290  O O   . VAL A 1 82  ? -1.329  -2.811  -10.853 1.00 41.58 ? 451  VAL A O   1 
ATOM   291  C CB  . VAL A 1 82  ? -4.445  -2.960  -9.763  1.00 40.69 ? 451  VAL A CB  1 
ATOM   292  C CG1 . VAL A 1 82  ? -4.256  -4.042  -10.818 1.00 40.04 ? 451  VAL A CG1 1 
ATOM   293  C CG2 . VAL A 1 82  ? -5.278  -3.503  -8.608  1.00 39.28 ? 451  VAL A CG2 1 
ATOM   294  N N   . GLU A 1 83  ? -2.336  -0.828  -10.963 1.00 41.63 ? 452  GLU A N   1 
ATOM   295  C CA  . GLU A 1 83  ? -1.505  -0.357  -12.078 1.00 42.28 ? 452  GLU A CA  1 
ATOM   296  C C   . GLU A 1 83  ? -0.031  -0.174  -11.662 1.00 41.83 ? 452  GLU A C   1 
ATOM   297  O O   . GLU A 1 83  ? 0.885   -0.566  -12.377 1.00 42.24 ? 452  GLU A O   1 
ATOM   298  C CB  . GLU A 1 83  ? -2.084  0.958   -12.640 1.00 42.89 ? 452  GLU A CB  1 
ATOM   299  C CG  . GLU A 1 83  ? -1.463  1.467   -13.968 1.00 45.65 ? 452  GLU A CG  1 
ATOM   300  C CD  . GLU A 1 83  ? -1.775  0.561   -15.168 1.00 50.40 ? 452  GLU A CD  1 
ATOM   301  O OE1 . GLU A 1 83  ? -2.793  -0.176  -15.110 1.00 53.80 ? 452  GLU A OE1 1 
ATOM   302  O OE2 . GLU A 1 83  ? -1.006  0.576   -16.166 1.00 53.08 ? 452  GLU A OE2 1 
ATOM   303  N N   . PHE A 1 84  ? 0.193   0.434   -10.506 1.00 41.35 ? 453  PHE A N   1 
ATOM   304  C CA  . PHE A 1 84  ? 1.531   0.547   -9.927  1.00 40.69 ? 453  PHE A CA  1 
ATOM   305  C C   . PHE A 1 84  ? 2.166   -0.833  -9.883  1.00 40.60 ? 453  PHE A C   1 
ATOM   306  O O   . PHE A 1 84  ? 3.225   -1.029  -10.451 1.00 40.45 ? 453  PHE A O   1 
ATOM   307  C CB  . PHE A 1 84  ? 1.434   1.190   -8.535  1.00 40.44 ? 453  PHE A CB  1 
ATOM   308  C CG  . PHE A 1 84  ? 2.756   1.327   -7.793  1.00 40.29 ? 453  PHE A CG  1 
ATOM   309  C CD1 . PHE A 1 84  ? 3.766   2.146   -8.271  1.00 39.68 ? 453  PHE A CD1 1 
ATOM   310  C CD2 . PHE A 1 84  ? 2.949   0.681   -6.565  1.00 39.32 ? 453  PHE A CD2 1 
ATOM   311  C CE1 . PHE A 1 84  ? 4.943   2.289   -7.574  1.00 39.27 ? 453  PHE A CE1 1 
ATOM   312  C CE2 . PHE A 1 84  ? 4.124   0.819   -5.866  1.00 38.83 ? 453  PHE A CE2 1 
ATOM   313  C CZ  . PHE A 1 84  ? 5.122   1.628   -6.369  1.00 39.82 ? 453  PHE A CZ  1 
ATOM   314  N N   . ALA A 1 85  ? 1.503   -1.804  -9.262  1.00 40.76 ? 454  ALA A N   1 
ATOM   315  C CA  . ALA A 1 85  ? 2.073   -3.156  -9.149  1.00 40.93 ? 454  ALA A CA  1 
ATOM   316  C C   . ALA A 1 85  ? 2.575   -3.673  -10.500 1.00 41.21 ? 454  ALA A C   1 
ATOM   317  O O   . ALA A 1 85  ? 3.646   -4.280  -10.586 1.00 40.85 ? 454  ALA A O   1 
ATOM   318  C CB  . ALA A 1 85  ? 1.073   -4.136  -8.545  1.00 40.66 ? 454  ALA A CB  1 
ATOM   319  N N   . LYS A 1 86  ? 1.820   -3.405  -11.559 1.00 41.76 ? 455  LYS A N   1 
ATOM   320  C CA  . LYS A 1 86  ? 2.179   -3.896  -12.887 1.00 42.39 ? 455  LYS A CA  1 
ATOM   321  C C   . LYS A 1 86  ? 3.496   -3.300  -13.372 1.00 42.80 ? 455  LYS A C   1 
ATOM   322  O O   . LYS A 1 86  ? 4.151   -3.896  -14.220 1.00 43.09 ? 455  LYS A O   1 
ATOM   323  C CB  . LYS A 1 86  ? 1.073   -3.589  -13.905 1.00 42.59 ? 455  LYS A CB  1 
ATOM   324  C CG  . LYS A 1 86  ? -0.254  -4.299  -13.653 1.00 43.00 ? 455  LYS A CG  1 
ATOM   325  C CD  . LYS A 1 86  ? -1.299  -3.863  -14.678 1.00 44.07 ? 455  LYS A CD  1 
ATOM   326  C CE  . LYS A 1 86  ? -2.582  -4.687  -14.594 1.00 44.17 ? 455  LYS A CE  1 
ATOM   327  N NZ  . LYS A 1 86  ? -3.577  -4.151  -15.562 1.00 44.59 ? 455  LYS A NZ  1 
ATOM   328  N N   . HIS A 1 87  ? 3.875   -2.134  -12.840 1.00 43.10 ? 456  HIS A N   1 
ATOM   329  C CA  . HIS A 1 87  ? 5.136   -1.474  -13.201 1.00 43.61 ? 456  HIS A CA  1 
ATOM   330  C C   . HIS A 1 87  ? 6.340   -1.855  -12.332 1.00 43.42 ? 456  HIS A C   1 
ATOM   331  O O   . HIS A 1 87  ? 7.470   -1.417  -12.594 1.00 43.33 ? 456  HIS A O   1 
ATOM   332  C CB  . HIS A 1 87  ? 4.953   0.038   -13.181 1.00 44.00 ? 456  HIS A CB  1 
ATOM   333  C CG  . HIS A 1 87  ? 4.143   0.549   -14.326 1.00 46.78 ? 456  HIS A CG  1 
ATOM   334  N ND1 . HIS A 1 87  ? 2.767   0.462   -14.361 1.00 49.61 ? 456  HIS A ND1 1 
ATOM   335  C CD2 . HIS A 1 87  ? 4.516   1.131   -15.492 1.00 48.92 ? 456  HIS A CD2 1 
ATOM   336  C CE1 . HIS A 1 87  ? 2.326   0.981   -15.496 1.00 50.67 ? 456  HIS A CE1 1 
ATOM   337  N NE2 . HIS A 1 87  ? 3.367   1.397   -16.199 1.00 50.07 ? 456  HIS A NE2 1 
ATOM   338  N N   . ILE A 1 88  ? 6.097   -2.669  -11.310 1.00 43.16 ? 457  ILE A N   1 
ATOM   339  C CA  . ILE A 1 88  ? 7.143   -3.119  -10.414 1.00 43.02 ? 457  ILE A CA  1 
ATOM   340  C C   . ILE A 1 88  ? 7.926   -4.211  -11.146 1.00 43.48 ? 457  ILE A C   1 
ATOM   341  O O   . ILE A 1 88  ? 7.345   -5.247  -11.528 1.00 43.47 ? 457  ILE A O   1 
ATOM   342  C CB  . ILE A 1 88  ? 6.559   -3.651  -9.068  1.00 42.90 ? 457  ILE A CB  1 
ATOM   343  C CG1 . ILE A 1 88  ? 5.712   -2.562  -8.389  1.00 42.43 ? 457  ILE A CG1 1 
ATOM   344  C CG2 . ILE A 1 88  ? 7.680   -4.115  -8.133  1.00 42.61 ? 457  ILE A CG2 1 
ATOM   345  C CD1 . ILE A 1 88  ? 5.059   -2.969  -7.076  1.00 41.48 ? 457  ILE A CD1 1 
ATOM   346  N N   . PRO A 1 89  ? 9.240   -3.978  -11.368 1.00 43.74 ? 458  PRO A N   1 
ATOM   347  C CA  . PRO A 1 89  ? 10.086  -4.948  -12.065 1.00 43.61 ? 458  PRO A CA  1 
ATOM   348  C C   . PRO A 1 89  ? 9.946   -6.333  -11.469 1.00 43.92 ? 458  PRO A C   1 
ATOM   349  O O   . PRO A 1 89  ? 10.315  -6.539  -10.316 1.00 44.02 ? 458  PRO A O   1 
ATOM   350  C CB  . PRO A 1 89  ? 11.505  -4.420  -11.824 1.00 43.62 ? 458  PRO A CB  1 
ATOM   351  C CG  . PRO A 1 89  ? 11.341  -2.983  -11.532 1.00 43.85 ? 458  PRO A CG  1 
ATOM   352  C CD  . PRO A 1 89  ? 10.022  -2.833  -10.858 1.00 43.83 ? 458  PRO A CD  1 
ATOM   353  N N   . GLY A 1 90  ? 9.387   -7.261  -12.239 1.00 44.29 ? 459  GLY A N   1 
ATOM   354  C CA  . GLY A 1 90  ? 9.251   -8.644  -11.811 1.00 44.89 ? 459  GLY A CA  1 
ATOM   355  C C   . GLY A 1 90  ? 7.889   -9.043  -11.278 1.00 45.62 ? 459  GLY A C   1 
ATOM   356  O O   . GLY A 1 90  ? 7.612   -10.231 -11.118 1.00 45.62 ? 459  GLY A O   1 
ATOM   357  N N   . PHE A 1 91  ? 7.029   -8.071  -10.991 1.00 46.72 ? 460  PHE A N   1 
ATOM   358  C CA  . PHE A 1 91  ? 5.703   -8.403  -10.491 1.00 47.53 ? 460  PHE A CA  1 
ATOM   359  C C   . PHE A 1 91  ? 4.926   -9.231  -11.506 1.00 48.18 ? 460  PHE A C   1 
ATOM   360  O O   . PHE A 1 91  ? 4.305   -10.245 -11.146 1.00 48.23 ? 460  PHE A O   1 
ATOM   361  C CB  . PHE A 1 91  ? 4.907   -7.157  -10.126 1.00 47.49 ? 460  PHE A CB  1 
ATOM   362  C CG  . PHE A 1 91  ? 3.578   -7.463  -9.475  1.00 48.52 ? 460  PHE A CG  1 
ATOM   363  C CD1 . PHE A 1 91  ? 3.504   -7.775  -8.121  1.00 49.54 ? 460  PHE A CD1 1 
ATOM   364  C CD2 . PHE A 1 91  ? 2.408   -7.449  -10.211 1.00 49.55 ? 460  PHE A CD2 1 
ATOM   365  C CE1 . PHE A 1 91  ? 2.286   -8.063  -7.514  1.00 49.50 ? 460  PHE A CE1 1 
ATOM   366  C CE2 . PHE A 1 91  ? 1.194   -7.725  -9.610  1.00 50.37 ? 460  PHE A CE2 1 
ATOM   367  C CZ  . PHE A 1 91  ? 1.137   -8.039  -8.255  1.00 50.16 ? 460  PHE A CZ  1 
ATOM   368  N N   . ARG A 1 92  ? 4.974   -8.820  -12.773 1.00 48.99 ? 461  ARG A N   1 
ATOM   369  C CA  . ARG A 1 92  ? 4.187   -9.506  -13.803 1.00 49.92 ? 461  ARG A CA  1 
ATOM   370  C C   . ARG A 1 92  ? 4.846   -10.764 -14.362 1.00 50.12 ? 461  ARG A C   1 
ATOM   371  O O   . ARG A 1 92  ? 4.322   -11.361 -15.292 1.00 50.59 ? 461  ARG A O   1 
ATOM   372  C CB  . ARG A 1 92  ? 3.770   -8.549  -14.921 1.00 49.94 ? 461  ARG A CB  1 
ATOM   373  C CG  . ARG A 1 92  ? 3.009   -7.336  -14.384 1.00 51.10 ? 461  ARG A CG  1 
ATOM   374  C CD  . ARG A 1 92  ? 1.725   -7.058  -15.154 1.00 51.71 ? 461  ARG A CD  1 
ATOM   375  N NE  . ARG A 1 92  ? 0.650   -7.973  -14.790 1.00 52.15 ? 461  ARG A NE  1 
ATOM   376  C CZ  . ARG A 1 92  ? -0.485  -8.130  -15.461 1.00 51.25 ? 461  ARG A CZ  1 
ATOM   377  N NH1 . ARG A 1 92  ? -0.741  -7.417  -16.552 1.00 51.23 ? 461  ARG A NH1 1 
ATOM   378  N NH2 . ARG A 1 92  ? -1.373  -9.013  -15.026 1.00 51.68 ? 461  ARG A NH2 1 
ATOM   379  N N   . ASP A 1 93  ? 5.976   -11.174 -13.787 1.00 50.52 ? 462  ASP A N   1 
ATOM   380  C CA  . ASP A 1 93  ? 6.512   -12.528 -14.005 1.00 50.63 ? 462  ASP A CA  1 
ATOM   381  C C   . ASP A 1 93  ? 6.007   -13.524 -12.971 1.00 50.35 ? 462  ASP A C   1 
ATOM   382  O O   . ASP A 1 93  ? 6.166   -14.719 -13.156 1.00 49.98 ? 462  ASP A O   1 
ATOM   383  C CB  . ASP A 1 93  ? 8.036   -12.534 -13.978 1.00 50.82 ? 462  ASP A CB  1 
ATOM   384  C CG  . ASP A 1 93  ? 8.646   -11.586 -14.994 1.00 52.11 ? 462  ASP A CG  1 
ATOM   385  O OD1 . ASP A 1 93  ? 8.023   -11.344 -16.055 1.00 53.57 ? 462  ASP A OD1 1 
ATOM   386  O OD2 . ASP A 1 93  ? 9.759   -11.082 -14.715 1.00 53.98 ? 462  ASP A OD2 1 
ATOM   387  N N   . LEU A 1 94  ? 5.437   -13.036 -11.872 1.00 50.40 ? 463  LEU A N   1 
ATOM   388  C CA  . LEU A 1 94  ? 4.747   -13.913 -10.937 1.00 50.38 ? 463  LEU A CA  1 
ATOM   389  C C   . LEU A 1 94  ? 3.500   -14.429 -11.655 1.00 50.64 ? 463  LEU A C   1 
ATOM   390  O O   . LEU A 1 94  ? 2.994   -13.765 -12.580 1.00 51.18 ? 463  LEU A O   1 
ATOM   391  C CB  . LEU A 1 94  ? 4.330   -13.166 -9.660  1.00 50.40 ? 463  LEU A CB  1 
ATOM   392  C CG  . LEU A 1 94  ? 5.382   -12.448 -8.804  1.00 50.26 ? 463  LEU A CG  1 
ATOM   393  C CD1 . LEU A 1 94  ? 4.727   -11.796 -7.598  1.00 48.80 ? 463  LEU A CD1 1 
ATOM   394  C CD2 . LEU A 1 94  ? 6.480   -13.387 -8.355  1.00 49.57 ? 463  LEU A CD2 1 
ATOM   395  N N   . SER A 1 95  ? 3.003   -15.595 -11.236 1.00 50.36 ? 464  SER A N   1 
ATOM   396  C CA  . SER A 1 95  ? 1.795   -16.168 -11.821 1.00 50.09 ? 464  SER A CA  1 
ATOM   397  C C   . SER A 1 95  ? 0.614   -15.250 -11.559 1.00 50.50 ? 464  SER A C   1 
ATOM   398  O O   . SER A 1 95  ? 0.646   -14.437 -10.631 1.00 50.30 ? 464  SER A O   1 
ATOM   399  C CB  . SER A 1 95  ? 1.518   -17.564 -11.251 1.00 49.94 ? 464  SER A CB  1 
ATOM   400  O OG  . SER A 1 95  ? 1.270   -17.534 -9.858  1.00 49.41 ? 464  SER A OG  1 
ATOM   401  N N   . GLN A 1 96  ? -0.425  -15.371 -12.377 1.00 51.03 ? 465  GLN A N   1 
ATOM   402  C CA  . GLN A 1 96  ? -1.642  -14.571 -12.186 1.00 51.62 ? 465  GLN A CA  1 
ATOM   403  C C   . GLN A 1 96  ? -2.197  -14.734 -10.772 1.00 51.15 ? 465  GLN A C   1 
ATOM   404  O O   . GLN A 1 96  ? -2.576  -13.747 -10.122 1.00 51.32 ? 465  GLN A O   1 
ATOM   405  C CB  . GLN A 1 96  ? -2.713  -14.955 -13.212 1.00 52.20 ? 465  GLN A CB  1 
ATOM   406  C CG  . GLN A 1 96  ? -2.598  -14.196 -14.532 1.00 54.56 ? 465  GLN A CG  1 
ATOM   407  C CD  . GLN A 1 96  ? -3.419  -12.917 -14.543 1.00 57.60 ? 465  GLN A CD  1 
ATOM   408  O OE1 . GLN A 1 96  ? -2.884  -11.816 -14.739 1.00 59.69 ? 465  GLN A OE1 1 
ATOM   409  N NE2 . GLN A 1 96  ? -4.731  -13.056 -14.330 1.00 58.35 ? 465  GLN A NE2 1 
ATOM   410  N N   . HIS A 1 97  ? -2.232  -15.986 -10.312 1.00 50.43 ? 466  HIS A N   1 
ATOM   411  C CA  . HIS A 1 97  ? -2.708  -16.326 -8.975  1.00 49.88 ? 466  HIS A CA  1 
ATOM   412  C C   . HIS A 1 97  ? -1.903  -15.616 -7.885  1.00 48.71 ? 466  HIS A C   1 
ATOM   413  O O   . HIS A 1 97  ? -2.481  -15.069 -6.955  1.00 48.80 ? 466  HIS A O   1 
ATOM   414  C CB  . HIS A 1 97  ? -2.654  -17.844 -8.770  1.00 50.06 ? 466  HIS A CB  1 
ATOM   415  C CG  . HIS A 1 97  ? -3.012  -18.290 -7.386  1.00 52.10 ? 466  HIS A CG  1 
ATOM   416  N ND1 . HIS A 1 97  ? -4.270  -18.745 -7.051  1.00 54.75 ? 466  HIS A ND1 1 
ATOM   417  C CD2 . HIS A 1 97  ? -2.271  -18.361 -6.251  1.00 54.09 ? 466  HIS A CD2 1 
ATOM   418  C CE1 . HIS A 1 97  ? -4.290  -19.077 -5.770  1.00 55.44 ? 466  HIS A CE1 1 
ATOM   419  N NE2 . HIS A 1 97  ? -3.089  -18.852 -5.261  1.00 55.06 ? 466  HIS A NE2 1 
ATOM   420  N N   . ASP A 1 98  ? -0.578  -15.631 -8.002  1.00 47.55 ? 467  ASP A N   1 
ATOM   421  C CA  . ASP A 1 98  ? 0.306   -15.021 -7.002  1.00 46.53 ? 467  ASP A CA  1 
ATOM   422  C C   . ASP A 1 98  ? 0.179   -13.489 -7.020  1.00 45.43 ? 467  ASP A C   1 
ATOM   423  O O   . ASP A 1 98  ? -0.002  -12.882 -5.981  1.00 45.37 ? 467  ASP A O   1 
ATOM   424  C CB  . ASP A 1 98  ? 1.761   -15.477 -7.218  1.00 46.69 ? 467  ASP A CB  1 
ATOM   425  C CG  . ASP A 1 98  ? 1.995   -16.944 -6.808  1.00 47.23 ? 467  ASP A CG  1 
ATOM   426  O OD1 . ASP A 1 98  ? 1.021   -17.643 -6.467  1.00 48.42 ? 467  ASP A OD1 1 
ATOM   427  O OD2 . ASP A 1 98  ? 3.156   -17.408 -6.813  1.00 47.63 ? 467  ASP A OD2 1 
ATOM   428  N N   . GLN A 1 99  ? 0.247   -12.883 -8.202  1.00 44.36 ? 468  GLN A N   1 
ATOM   429  C CA  . GLN A 1 99  ? -0.080  -11.466 -8.389  1.00 43.75 ? 468  GLN A CA  1 
ATOM   430  C C   . GLN A 1 99  ? -1.372  -11.071 -7.658  1.00 43.45 ? 468  GLN A C   1 
ATOM   431  O O   . GLN A 1 99  ? -1.392  -10.154 -6.827  1.00 43.36 ? 468  GLN A O   1 
ATOM   432  C CB  . GLN A 1 99  ? -0.259  -11.148 -9.885  1.00 43.58 ? 468  GLN A CB  1 
ATOM   433  C CG  . GLN A 1 99  ? 1.036   -11.165 -10.718 1.00 43.33 ? 468  GLN A CG  1 
ATOM   434  C CD  . GLN A 1 99  ? 0.814   -10.863 -12.207 1.00 41.03 ? 468  GLN A CD  1 
ATOM   435  O OE1 . GLN A 1 99  ? -0.053  -10.069 -12.567 1.00 39.39 ? 468  GLN A OE1 1 
ATOM   436  N NE2 . GLN A 1 99  ? 1.614   -11.489 -13.067 1.00 38.85 ? 468  GLN A NE2 1 
ATOM   437  N N   . VAL A 1 100 ? -2.453  -11.769 -7.991  1.00 43.08 ? 469  VAL A N   1 
ATOM   438  C CA  . VAL A 1 100 ? -3.768  -11.461 -7.439  1.00 42.67 ? 469  VAL A CA  1 
ATOM   439  C C   . VAL A 1 100 ? -3.771  -11.678 -5.931  1.00 42.29 ? 469  VAL A C   1 
ATOM   440  O O   . VAL A 1 100 ? -4.357  -10.888 -5.193  1.00 42.63 ? 469  VAL A O   1 
ATOM   441  C CB  . VAL A 1 100 ? -4.887  -12.323 -8.093  1.00 42.82 ? 469  VAL A CB  1 
ATOM   442  C CG1 . VAL A 1 100 ? -6.204  -12.067 -7.400  1.00 43.07 ? 469  VAL A CG1 1 
ATOM   443  C CG2 . VAL A 1 100 ? -5.022  -12.013 -9.588  1.00 42.17 ? 469  VAL A CG2 1 
ATOM   444  N N   . THR A 1 101 ? -3.100  -12.739 -5.482  1.00 41.54 ? 470  THR A N   1 
ATOM   445  C CA  . THR A 1 101 ? -3.014  -13.062 -4.060  1.00 40.81 ? 470  THR A CA  1 
ATOM   446  C C   . THR A 1 101 ? -2.291  -11.957 -3.287  1.00 40.41 ? 470  THR A C   1 
ATOM   447  O O   . THR A 1 101 ? -2.712  -11.602 -2.179  1.00 40.73 ? 470  THR A O   1 
ATOM   448  C CB  . THR A 1 101 ? -2.353  -14.460 -3.815  1.00 40.78 ? 470  THR A CB  1 
ATOM   449  O OG1 . THR A 1 101 ? -3.204  -15.498 -4.324  1.00 40.30 ? 470  THR A OG1 1 
ATOM   450  C CG2 . THR A 1 101 ? -2.140  -14.715 -2.341  1.00 40.86 ? 470  THR A CG2 1 
ATOM   451  N N   . LEU A 1 102 ? -1.235  -11.392 -3.872  1.00 39.61 ? 471  LEU A N   1 
ATOM   452  C CA  . LEU A 1 102 ? -0.486  -10.315 -3.207  1.00 39.20 ? 471  LEU A CA  1 
ATOM   453  C C   . LEU A 1 102 ? -1.288  -9.025  -3.098  1.00 38.84 ? 471  LEU A C   1 
ATOM   454  O O   . LEU A 1 102 ? -1.204  -8.333  -2.083  1.00 38.81 ? 471  LEU A O   1 
ATOM   455  C CB  . LEU A 1 102 ? 0.819   -9.992  -3.935  1.00 39.13 ? 471  LEU A CB  1 
ATOM   456  C CG  . LEU A 1 102 ? 2.069   -10.762 -3.558  1.00 39.51 ? 471  LEU A CG  1 
ATOM   457  C CD1 . LEU A 1 102 ? 3.220   -10.260 -4.426  1.00 39.75 ? 471  LEU A CD1 1 
ATOM   458  C CD2 . LEU A 1 102 ? 2.402   -10.631 -2.069  1.00 40.28 ? 471  LEU A CD2 1 
ATOM   459  N N   . LEU A 1 103 ? -2.031  -8.682  -4.154  1.00 38.36 ? 472  LEU A N   1 
ATOM   460  C CA  . LEU A 1 103 ? -2.823  -7.440  -4.158  1.00 37.64 ? 472  LEU A CA  1 
ATOM   461  C C   . LEU A 1 103 ? -3.947  -7.512  -3.138  1.00 37.46 ? 472  LEU A C   1 
ATOM   462  O O   . LEU A 1 103 ? -4.214  -6.534  -2.421  1.00 36.73 ? 472  LEU A O   1 
ATOM   463  C CB  . LEU A 1 103 ? -3.354  -7.131  -5.556  1.00 37.32 ? 472  LEU A CB  1 
ATOM   464  C CG  . LEU A 1 103 ? -2.222  -6.593  -6.450  1.00 37.73 ? 472  LEU A CG  1 
ATOM   465  C CD1 . LEU A 1 103 ? -2.449  -6.903  -7.922  1.00 35.82 ? 472  LEU A CD1 1 
ATOM   466  C CD2 . LEU A 1 103 ? -1.983  -5.085  -6.215  1.00 36.27 ? 472  LEU A CD2 1 
ATOM   467  N N   . LYS A 1 104 ? -4.584  -8.682  -3.054  1.00 37.23 ? 473  LYS A N   1 
ATOM   468  C CA  . LYS A 1 104 ? -5.616  -8.910  -2.058  1.00 37.29 ? 473  LYS A CA  1 
ATOM   469  C C   . LYS A 1 104 ? -5.038  -8.798  -0.660  1.00 36.81 ? 473  LYS A C   1 
ATOM   470  O O   . LYS A 1 104 ? -5.598  -8.138  0.206   1.00 36.34 ? 473  LYS A O   1 
ATOM   471  C CB  . LYS A 1 104 ? -6.233  -10.283 -2.246  1.00 37.71 ? 473  LYS A CB  1 
ATOM   472  C CG  . LYS A 1 104 ? -7.187  -10.395 -3.433  1.00 39.71 ? 473  LYS A CG  1 
ATOM   473  C CD  . LYS A 1 104 ? -7.969  -11.702 -3.322  1.00 42.34 ? 473  LYS A CD  1 
ATOM   474  C CE  . LYS A 1 104 ? -8.379  -12.258 -4.670  1.00 44.03 ? 473  LYS A CE  1 
ATOM   475  N NZ  . LYS A 1 104 ? -9.264  -11.319 -5.393  1.00 45.39 ? 473  LYS A NZ  1 
ATOM   476  N N   . ALA A 1 105 ? -3.894  -9.435  -0.451  1.00 36.84 ? 474  ALA A N   1 
ATOM   477  C CA  . ALA A 1 105 ? -3.251  -9.436  0.862   1.00 36.79 ? 474  ALA A CA  1 
ATOM   478  C C   . ALA A 1 105 ? -2.676  -8.061  1.216   1.00 36.73 ? 474  ALA A C   1 
ATOM   479  O O   . ALA A 1 105 ? -2.857  -7.591  2.328   1.00 36.93 ? 474  ALA A O   1 
ATOM   480  C CB  . ALA A 1 105 ? -2.170  -10.501 0.915   1.00 36.51 ? 474  ALA A CB  1 
ATOM   481  N N   . GLY A 1 106 ? -2.036  -7.399  0.249   1.00 36.82 ? 475  GLY A N   1 
ATOM   482  C CA  . GLY A 1 106 ? -1.232  -6.203  0.508   1.00 36.52 ? 475  GLY A CA  1 
ATOM   483  C C   . GLY A 1 106 ? -1.773  -4.843  0.126   1.00 36.53 ? 475  GLY A C   1 
ATOM   484  O O   . GLY A 1 106 ? -1.160  -3.844  0.490   1.00 37.03 ? 475  GLY A O   1 
ATOM   485  N N   . THR A 1 107 ? -2.895  -4.773  -0.594  1.00 36.53 ? 476  THR A N   1 
ATOM   486  C CA  . THR A 1 107 ? -3.426  -3.477  -1.063  1.00 36.59 ? 476  THR A CA  1 
ATOM   487  C C   . THR A 1 107 ? -3.892  -2.521  0.065   1.00 37.02 ? 476  THR A C   1 
ATOM   488  O O   . THR A 1 107 ? -3.655  -1.314  -0.023  1.00 37.26 ? 476  THR A O   1 
ATOM   489  C CB  . THR A 1 107 ? -4.570  -3.648  -2.124  1.00 36.78 ? 476  THR A CB  1 
ATOM   490  O OG1 . THR A 1 107 ? -4.067  -4.343  -3.267  1.00 35.92 ? 476  THR A OG1 1 
ATOM   491  C CG2 . THR A 1 107 ? -5.138  -2.279  -2.583  1.00 35.65 ? 476  THR A CG2 1 
ATOM   492  N N   . PHE A 1 108 ? -4.549  -3.033  1.109   1.00 37.25 ? 477  PHE A N   1 
ATOM   493  C CA  . PHE A 1 108 ? -4.977  -2.176  2.225   1.00 37.48 ? 477  PHE A CA  1 
ATOM   494  C C   . PHE A 1 108 ? -3.789  -1.478  2.869   1.00 37.34 ? 477  PHE A C   1 
ATOM   495  O O   . PHE A 1 108 ? -3.853  -0.305  3.184   1.00 37.18 ? 477  PHE A O   1 
ATOM   496  C CB  . PHE A 1 108 ? -5.729  -2.982  3.280   1.00 37.87 ? 477  PHE A CB  1 
ATOM   497  C CG  . PHE A 1 108 ? -6.190  -2.162  4.464   1.00 39.99 ? 477  PHE A CG  1 
ATOM   498  C CD1 . PHE A 1 108 ? -7.423  -1.538  4.457   1.00 42.64 ? 477  PHE A CD1 1 
ATOM   499  C CD2 . PHE A 1 108 ? -5.389  -2.017  5.585   1.00 42.21 ? 477  PHE A CD2 1 
ATOM   500  C CE1 . PHE A 1 108 ? -7.850  -0.779  5.556   1.00 43.50 ? 477  PHE A CE1 1 
ATOM   501  C CE2 . PHE A 1 108 ? -5.813  -1.257  6.680   1.00 43.29 ? 477  PHE A CE2 1 
ATOM   502  C CZ  . PHE A 1 108 ? -7.043  -0.648  6.661   1.00 43.00 ? 477  PHE A CZ  1 
ATOM   503  N N   . GLU A 1 109 ? -2.704  -2.209  3.060   1.00 37.56 ? 478  GLU A N   1 
ATOM   504  C CA  . GLU A 1 109 ? -1.512  -1.652  3.689   1.00 37.83 ? 478  GLU A CA  1 
ATOM   505  C C   . GLU A 1 109 ? -0.877  -0.570  2.809   1.00 38.06 ? 478  GLU A C   1 
ATOM   506  O O   . GLU A 1 109 ? -0.409  0.449   3.318   1.00 37.94 ? 478  GLU A O   1 
ATOM   507  C CB  . GLU A 1 109 ? -0.504  -2.766  4.002   1.00 37.85 ? 478  GLU A CB  1 
ATOM   508  C CG  . GLU A 1 109 ? -0.934  -3.716  5.131   1.00 38.69 ? 478  GLU A CG  1 
ATOM   509  C CD  . GLU A 1 109 ? -0.103  -4.999  5.190   1.00 41.31 ? 478  GLU A CD  1 
ATOM   510  O OE1 . GLU A 1 109 ? 1.131   -4.939  4.977   1.00 43.31 ? 478  GLU A OE1 1 
ATOM   511  O OE2 . GLU A 1 109 ? -0.689  -6.078  5.448   1.00 42.58 ? 478  GLU A OE2 1 
ATOM   512  N N   . VAL A 1 110 ? -0.861  -0.797  1.494   1.00 38.17 ? 479  VAL A N   1 
ATOM   513  C CA  . VAL A 1 110 ? -0.377  0.203   0.539   1.00 38.38 ? 479  VAL A CA  1 
ATOM   514  C C   . VAL A 1 110 ? -1.243  1.453   0.605   1.00 38.81 ? 479  VAL A C   1 
ATOM   515  O O   . VAL A 1 110 ? -0.729  2.553   0.615   1.00 38.80 ? 479  VAL A O   1 
ATOM   516  C CB  . VAL A 1 110 ? -0.369  -0.342  -0.913  1.00 38.45 ? 479  VAL A CB  1 
ATOM   517  C CG1 . VAL A 1 110 ? -0.057  0.760   -1.917  1.00 38.09 ? 479  VAL A CG1 1 
ATOM   518  C CG2 . VAL A 1 110 ? 0.619   -1.482  -1.040  1.00 37.70 ? 479  VAL A CG2 1 
ATOM   519  N N   . LEU A 1 111 ? -2.558  1.281   0.668   1.00 39.49 ? 480  LEU A N   1 
ATOM   520  C CA  . LEU A 1 111 ? -3.456  2.418   0.842   1.00 40.15 ? 480  LEU A CA  1 
ATOM   521  C C   . LEU A 1 111 ? -3.169  3.204   2.138   1.00 41.22 ? 480  LEU A C   1 
ATOM   522  O O   . LEU A 1 111 ? -3.254  4.422   2.155   1.00 41.00 ? 480  LEU A O   1 
ATOM   523  C CB  . LEU A 1 111 ? -4.912  1.953   0.786   1.00 39.66 ? 480  LEU A CB  1 
ATOM   524  C CG  . LEU A 1 111 ? -5.357  1.486   -0.602  1.00 39.38 ? 480  LEU A CG  1 
ATOM   525  C CD1 . LEU A 1 111 ? -6.799  1.032   -0.583  1.00 38.29 ? 480  LEU A CD1 1 
ATOM   526  C CD2 . LEU A 1 111 ? -5.149  2.575   -1.655  1.00 38.01 ? 480  LEU A CD2 1 
ATOM   527  N N   . MET A 1 112 ? -2.822  2.510   3.213   1.00 42.82 ? 481  MET A N   1 
ATOM   528  C CA  . MET A 1 112 ? -2.399  3.173   4.432   1.00 44.30 ? 481  MET A CA  1 
ATOM   529  C C   . MET A 1 112 ? -1.206  4.083   4.190   1.00 45.38 ? 481  MET A C   1 
ATOM   530  O O   . MET A 1 112 ? -1.098  5.129   4.816   1.00 45.20 ? 481  MET A O   1 
ATOM   531  C CB  . MET A 1 112 ? -2.000  2.151   5.497   1.00 44.90 ? 481  MET A CB  1 
ATOM   532  C CG  . MET A 1 112 ? -3.105  1.234   6.006   1.00 46.75 ? 481  MET A CG  1 
ATOM   533  S SD  . MET A 1 112 ? -4.505  2.165   6.649   1.00 50.83 ? 481  MET A SD  1 
ATOM   534  C CE  . MET A 1 112 ? -5.437  2.416   5.114   1.00 50.73 ? 481  MET A CE  1 
ATOM   535  N N   . VAL A 1 113 ? -0.295  3.667   3.307   1.00 47.22 ? 482  VAL A N   1 
ATOM   536  C CA  . VAL A 1 113 ? 0.914   4.448   2.987   1.00 48.43 ? 482  VAL A CA  1 
ATOM   537  C C   . VAL A 1 113 ? 0.570   5.636   2.106   1.00 50.08 ? 482  VAL A C   1 
ATOM   538  O O   . VAL A 1 113 ? 1.117   6.712   2.285   1.00 50.57 ? 482  VAL A O   1 
ATOM   539  C CB  . VAL A 1 113 ? 2.011   3.598   2.262   1.00 48.33 ? 482  VAL A CB  1 
ATOM   540  C CG1 . VAL A 1 113 ? 3.200   4.473   1.862   1.00 47.54 ? 482  VAL A CG1 1 
ATOM   541  C CG2 . VAL A 1 113 ? 2.472   2.442   3.128   1.00 47.38 ? 482  VAL A CG2 1 
ATOM   542  N N   . ARG A 1 114 ? -0.325  5.418   1.149   1.00 52.33 ? 483  ARG A N   1 
ATOM   543  C CA  . ARG A 1 114 ? -0.798  6.469   0.244   1.00 54.36 ? 483  ARG A CA  1 
ATOM   544  C C   . ARG A 1 114 ? -1.592  7.555   0.970   1.00 55.79 ? 483  ARG A C   1 
ATOM   545  O O   . ARG A 1 114 ? -1.406  8.734   0.714   1.00 55.60 ? 483  ARG A O   1 
ATOM   546  C CB  . ARG A 1 114 ? -1.664  5.855   -0.866  1.00 54.57 ? 483  ARG A CB  1 
ATOM   547  C CG  . ARG A 1 114 ? -0.892  5.154   -1.974  1.00 56.41 ? 483  ARG A CG  1 
ATOM   548  C CD  . ARG A 1 114 ? 0.072   6.111   -2.681  1.00 60.04 ? 483  ARG A CD  1 
ATOM   549  N NE  . ARG A 1 114 ? -0.556  7.411   -2.961  1.00 63.35 ? 483  ARG A NE  1 
ATOM   550  C CZ  . ARG A 1 114 ? 0.066   8.599   -2.960  1.00 65.78 ? 483  ARG A CZ  1 
ATOM   551  N NH1 . ARG A 1 114 ? 1.381   8.713   -2.713  1.00 65.59 ? 483  ARG A NH1 1 
ATOM   552  N NH2 . ARG A 1 114 ? -0.650  9.695   -3.215  1.00 66.79 ? 483  ARG A NH2 1 
ATOM   553  N N   . PHE A 1 115 ? -2.486  7.149   1.860   1.00 58.02 ? 484  PHE A N   1 
ATOM   554  C CA  . PHE A 1 115 ? -3.214  8.090   2.681   1.00 60.00 ? 484  PHE A CA  1 
ATOM   555  C C   . PHE A 1 115 ? -2.211  8.922   3.449   1.00 61.91 ? 484  PHE A C   1 
ATOM   556  O O   . PHE A 1 115 ? -2.338  10.135  3.542   1.00 62.03 ? 484  PHE A O   1 
ATOM   557  C CB  . PHE A 1 115 ? -4.150  7.354   3.641   1.00 60.17 ? 484  PHE A CB  1 
ATOM   558  C CG  . PHE A 1 115 ? -5.314  6.672   2.953   1.00 60.69 ? 484  PHE A CG  1 
ATOM   559  N N   . ALA A 1 116 ? -1.190  8.252   3.971   1.00 64.47 ? 485  ALA A N   1 
ATOM   560  C CA  . ALA A 1 116 ? -0.118  8.889   4.736   1.00 66.71 ? 485  ALA A CA  1 
ATOM   561  C C   . ALA A 1 116 ? 0.334   10.230  4.174   1.00 69.05 ? 485  ALA A C   1 
ATOM   562  O O   . ALA A 1 116 ? 0.408   11.220  4.903   1.00 69.66 ? 485  ALA A O   1 
ATOM   563  N N   . SER A 1 117 ? 0.633   10.259  2.877   1.00 71.10 ? 486  SER A N   1 
ATOM   564  C CA  . SER A 1 117 ? 1.043   11.492  2.205   1.00 72.49 ? 486  SER A CA  1 
ATOM   565  C C   . SER A 1 117 ? -0.161  12.430  2.059   1.00 73.73 ? 486  SER A C   1 
ATOM   566  O O   . SER A 1 117 ? -0.052  13.629  2.333   1.00 74.21 ? 486  SER A O   1 
ATOM   567  C CB  . SER A 1 117 ? 1.694   11.191  0.837   1.00 72.58 ? 486  SER A CB  1 
ATOM   568  O OG  . SER A 1 117 ? 0.733   10.835  -0.150  1.00 72.76 ? 486  SER A OG  1 
ATOM   569  N N   . LEU A 1 118 ? -1.307  11.873  1.662   1.00 75.07 ? 487  LEU A N   1 
ATOM   570  C CA  . LEU A 1 118 ? -2.545  12.646  1.457   1.00 76.17 ? 487  LEU A CA  1 
ATOM   571  C C   . LEU A 1 118 ? -3.265  13.080  2.756   1.00 77.23 ? 487  LEU A C   1 
ATOM   572  O O   . LEU A 1 118 ? -4.479  13.310  2.738   1.00 77.32 ? 487  LEU A O   1 
ATOM   573  C CB  . LEU A 1 118 ? -3.528  11.836  0.594   1.00 76.30 ? 487  LEU A CB  1 
ATOM   574  N N   . PHE A 1 119 ? -2.523  13.193  3.865   1.00 78.33 ? 488  PHE A N   1 
ATOM   575  C CA  . PHE A 1 119 ? -3.077  13.621  5.154   1.00 78.98 ? 488  PHE A CA  1 
ATOM   576  C C   . PHE A 1 119 ? -2.884  15.133  5.296   1.00 79.75 ? 488  PHE A C   1 
ATOM   577  O O   . PHE A 1 119 ? -3.248  15.880  4.384   1.00 80.09 ? 488  PHE A O   1 
ATOM   578  C CB  . PHE A 1 119 ? -2.411  12.859  6.307   1.00 78.99 ? 488  PHE A CB  1 
ATOM   579  N N   . ASN A 1 120 ? -2.318  15.591  6.416   1.00 80.49 ? 489  ASN A N   1 
ATOM   580  C CA  . ASN A 1 120 ? -2.109  17.028  6.625   1.00 80.96 ? 489  ASN A CA  1 
ATOM   581  C C   . ASN A 1 120 ? -1.269  17.414  7.837   1.00 81.47 ? 489  ASN A C   1 
ATOM   582  O O   . ASN A 1 120 ? -0.371  16.680  8.258   1.00 81.41 ? 489  ASN A O   1 
ATOM   583  N N   . VAL A 1 121 ? -1.550  18.606  8.360   1.00 82.15 ? 490  VAL A N   1 
ATOM   584  C CA  . VAL A 1 121 ? -0.958  19.104  9.610   1.00 82.57 ? 490  VAL A CA  1 
ATOM   585  C C   . VAL A 1 121 ? -2.058  19.306  10.644  1.00 82.88 ? 490  VAL A C   1 
ATOM   586  O O   . VAL A 1 121 ? -1.962  18.808  11.777  1.00 82.81 ? 490  VAL A O   1 
ATOM   587  N N   . LYS A 1 122 ? -3.100  20.043  10.244  1.00 83.08 ? 491  LYS A N   1 
ATOM   588  C CA  . LYS A 1 122 ? -4.356  20.121  11.000  1.00 83.11 ? 491  LYS A CA  1 
ATOM   589  C C   . LYS A 1 122 ? -5.131  18.804  11.001  1.00 83.05 ? 491  LYS A C   1 
ATOM   590  O O   . LYS A 1 122 ? -5.169  18.094  12.014  1.00 83.21 ? 491  LYS A O   1 
ATOM   591  N N   . ASP A 1 123 ? -5.748  18.475  9.868   1.00 82.84 ? 492  ASP A N   1 
ATOM   592  C CA  . ASP A 1 123 ? -6.553  17.261  9.742   1.00 82.59 ? 492  ASP A CA  1 
ATOM   593  C C   . ASP A 1 123 ? -7.954  17.572  9.259   1.00 82.50 ? 492  ASP A C   1 
ATOM   594  O O   . ASP A 1 123 ? -8.207  17.591  8.053   1.00 82.47 ? 492  ASP A O   1 
ATOM   595  N N   . GLU A 1 138 ? -15.007 15.384  13.708  1.00 88.49 ? 507  GLU A N   1 
ATOM   596  C CA  . GLU A 1 138 ? -14.632 15.253  12.306  1.00 88.73 ? 507  GLU A CA  1 
ATOM   597  C C   . GLU A 1 138 ? -15.412 14.134  11.608  1.00 88.81 ? 507  GLU A C   1 
ATOM   598  O O   . GLU A 1 138 ? -16.648 14.117  11.637  1.00 88.92 ? 507  GLU A O   1 
ATOM   599  N N   . LEU A 1 139 ? -14.680 13.204  10.989  1.00 88.68 ? 508  LEU A N   1 
ATOM   600  C CA  . LEU A 1 139 ? -15.282 12.057  10.292  1.00 88.56 ? 508  LEU A CA  1 
ATOM   601  C C   . LEU A 1 139 ? -15.383 10.821  11.202  1.00 88.54 ? 508  LEU A C   1 
ATOM   602  O O   . LEU A 1 139 ? -15.360 9.681   10.720  1.00 88.68 ? 508  LEU A O   1 
ATOM   603  C CB  . LEU A 1 139 ? -14.469 11.710  9.031   1.00 88.53 ? 508  LEU A CB  1 
ATOM   604  C CG  . LEU A 1 139 ? -14.391 12.728  7.884   1.00 88.38 ? 508  LEU A CG  1 
ATOM   605  C CD1 . LEU A 1 139 ? -13.306 12.336  6.887   1.00 88.29 ? 508  LEU A CD1 1 
ATOM   606  C CD2 . LEU A 1 139 ? -15.730 12.868  7.168   1.00 88.17 ? 508  LEU A CD2 1 
ATOM   607  N N   . GLY A 1 140 ? -15.501 11.045  12.512  1.00 88.38 ? 509  GLY A N   1 
ATOM   608  C CA  . GLY A 1 140 ? -15.613 9.955   13.478  1.00 88.25 ? 509  GLY A CA  1 
ATOM   609  C C   . GLY A 1 140 ? -16.929 9.204   13.374  1.00 88.23 ? 509  GLY A C   1 
ATOM   610  O O   . GLY A 1 140 ? -16.963 7.967   13.435  1.00 88.28 ? 509  GLY A O   1 
ATOM   611  N N   . ALA A 1 141 ? -18.007 9.960   13.176  1.00 88.14 ? 510  ALA A N   1 
ATOM   612  C CA  . ALA A 1 141 ? -19.372 9.441   13.299  1.00 88.02 ? 510  ALA A CA  1 
ATOM   613  C C   . ALA A 1 141 ? -19.752 8.338   12.302  1.00 87.88 ? 510  ALA A C   1 
ATOM   614  O O   . ALA A 1 141 ? -20.756 7.657   12.506  1.00 88.08 ? 510  ALA A O   1 
ATOM   615  C CB  . ALA A 1 141 ? -20.384 10.594  13.220  1.00 87.96 ? 510  ALA A CB  1 
ATOM   616  N N   . MET A 1 142 ? -18.980 8.153   11.234  1.00 87.56 ? 511  MET A N   1 
ATOM   617  C CA  . MET A 1 142 ? -19.295 7.105   10.251  1.00 87.24 ? 511  MET A CA  1 
ATOM   618  C C   . MET A 1 142 ? -18.766 5.712   10.663  1.00 86.74 ? 511  MET A C   1 
ATOM   619  O O   . MET A 1 142 ? -19.155 4.698   10.066  1.00 86.59 ? 511  MET A O   1 
ATOM   620  C CB  . MET A 1 142 ? -18.780 7.500   8.852   1.00 87.33 ? 511  MET A CB  1 
ATOM   621  C CG  . MET A 1 142 ? -17.257 7.524   8.701   1.00 87.60 ? 511  MET A CG  1 
ATOM   622  S SD  . MET A 1 142 ? -16.678 7.891   7.040   1.00 87.90 ? 511  MET A SD  1 
ATOM   623  C CE  . MET A 1 142 ? -17.624 9.367   6.668   1.00 88.35 ? 511  MET A CE  1 
ATOM   624  N N   . GLY A 1 143 ? -17.898 5.672   11.682  1.00 86.09 ? 512  GLY A N   1 
ATOM   625  C CA  . GLY A 1 143 ? -17.180 4.444   12.064  1.00 85.54 ? 512  GLY A CA  1 
ATOM   626  C C   . GLY A 1 143 ? -15.776 4.355   11.475  1.00 84.99 ? 512  GLY A C   1 
ATOM   627  O O   . GLY A 1 143 ? -15.031 3.405   11.726  1.00 84.82 ? 512  GLY A O   1 
ATOM   628  N N   . MET A 1 144 ? -15.419 5.358   10.682  1.00 84.30 ? 513  MET A N   1 
ATOM   629  C CA  . MET A 1 144 ? -14.076 5.508   10.168  1.00 83.67 ? 513  MET A CA  1 
ATOM   630  C C   . MET A 1 144 ? -13.282 6.336   11.184  1.00 82.99 ? 513  MET A C   1 
ATOM   631  O O   . MET A 1 144 ? -12.187 6.825   10.879  1.00 83.22 ? 513  MET A O   1 
ATOM   632  C CB  . MET A 1 144 ? -14.109 6.199   8.795   1.00 83.58 ? 513  MET A CB  1 
ATOM   633  N N   . GLY A 1 145 ? -13.836 6.489   12.392  1.00 81.89 ? 514  GLY A N   1 
ATOM   634  C CA  . GLY A 1 145 ? -13.191 7.242   13.453  1.00 81.09 ? 514  GLY A CA  1 
ATOM   635  C C   . GLY A 1 145 ? -11.847 6.661   13.834  1.00 80.29 ? 514  GLY A C   1 
ATOM   636  O O   . GLY A 1 145 ? -10.803 7.259   13.551  1.00 80.43 ? 514  GLY A O   1 
ATOM   637  N N   . ASP A 1 146 ? -11.866 5.489   14.463  1.00 79.24 ? 515  ASP A N   1 
ATOM   638  C CA  . ASP A 1 146 ? -10.616 4.815   14.854  1.00 78.47 ? 515  ASP A CA  1 
ATOM   639  C C   . ASP A 1 146 ? -9.704  4.433   13.662  1.00 77.47 ? 515  ASP A C   1 
ATOM   640  O O   . ASP A 1 146 ? -8.505  4.235   13.860  1.00 77.47 ? 515  ASP A O   1 
ATOM   641  C CB  . ASP A 1 146 ? -10.873 3.600   15.772  1.00 78.49 ? 515  ASP A CB  1 
ATOM   642  C CG  . ASP A 1 146 ? -12.009 2.711   15.288  1.00 79.17 ? 515  ASP A CG  1 
ATOM   643  O OD1 . ASP A 1 146 ? -13.098 3.246   14.967  1.00 79.85 ? 515  ASP A OD1 1 
ATOM   644  O OD2 . ASP A 1 146 ? -11.817 1.474   15.255  1.00 80.19 ? 515  ASP A OD2 1 
ATOM   645  N N   . LEU A 1 147 ? -10.254 4.346   12.444  1.00 76.12 ? 516  LEU A N   1 
ATOM   646  C CA  . LEU A 1 147 ? -9.430  4.151   11.240  1.00 75.12 ? 516  LEU A CA  1 
ATOM   647  C C   . LEU A 1 147 ? -8.666  5.430   10.870  1.00 74.31 ? 516  LEU A C   1 
ATOM   648  O O   . LEU A 1 147 ? -7.452  5.505   11.071  1.00 74.19 ? 516  LEU A O   1 
ATOM   649  C CB  . LEU A 1 147 ? -10.258 3.657   10.039  1.00 74.95 ? 516  LEU A CB  1 
ATOM   650  C CG  . LEU A 1 147 ? -9.462  3.372   8.750   1.00 74.43 ? 516  LEU A CG  1 
ATOM   651  C CD1 . LEU A 1 147 ? -8.214  2.544   9.036   1.00 73.48 ? 516  LEU A CD1 1 
ATOM   652  C CD2 . LEU A 1 147 ? -10.313 2.681   7.698   1.00 73.29 ? 516  LEU A CD2 1 
ATOM   653  N N   . LEU A 1 148 ? -9.367  6.437   10.350  1.00 73.24 ? 517  LEU A N   1 
ATOM   654  C CA  . LEU A 1 148 ? -8.703  7.665   9.905   1.00 72.39 ? 517  LEU A CA  1 
ATOM   655  C C   . LEU A 1 148 ? -7.844  8.263   11.022  1.00 71.58 ? 517  LEU A C   1 
ATOM   656  O O   . LEU A 1 148 ? -6.854  8.939   10.741  1.00 71.72 ? 517  LEU A O   1 
ATOM   657  C CB  . LEU A 1 148 ? -9.717  8.686   9.379   1.00 72.27 ? 517  LEU A CB  1 
ATOM   658  N N   . SER A 1 149 ? -8.213  8.001   12.276  1.00 70.62 ? 518  SER A N   1 
ATOM   659  C CA  . SER A 1 149 ? -7.406  8.405   13.434  1.00 69.82 ? 518  SER A CA  1 
ATOM   660  C C   . SER A 1 149 ? -6.174  7.534   13.667  1.00 69.05 ? 518  SER A C   1 
ATOM   661  O O   . SER A 1 149 ? -5.170  7.994   14.209  1.00 69.22 ? 518  SER A O   1 
ATOM   662  N N   . ALA A 1 150 ? -6.267  6.261   13.288  1.00 68.35 ? 519  ALA A N   1 
ATOM   663  C CA  . ALA A 1 150 ? -5.098  5.373   13.252  1.00 67.60 ? 519  ALA A CA  1 
ATOM   664  C C   . ALA A 1 150 ? -4.224  5.734   12.053  1.00 66.79 ? 519  ALA A C   1 
ATOM   665  O O   . ALA A 1 150 ? -2.999  5.784   12.171  1.00 66.81 ? 519  ALA A O   1 
ATOM   666  C CB  . ALA A 1 150 ? -5.524  3.904   13.180  1.00 67.44 ? 519  ALA A CB  1 
ATOM   667  N N   . MET A 1 151 ? -4.867  5.989   10.912  1.00 65.77 ? 520  MET A N   1 
ATOM   668  C CA  . MET A 1 151 ? -4.176  6.431   9.705   1.00 65.38 ? 520  MET A CA  1 
ATOM   669  C C   . MET A 1 151 ? -3.418  7.751   9.919   1.00 64.90 ? 520  MET A C   1 
ATOM   670  O O   . MET A 1 151 ? -2.353  7.953   9.336   1.00 64.80 ? 520  MET A O   1 
ATOM   671  C CB  . MET A 1 151 ? -5.156  6.594   8.537   1.00 65.58 ? 520  MET A CB  1 
ATOM   672  C CG  . MET A 1 151 ? -5.935  5.327   8.161   1.00 66.24 ? 520  MET A CG  1 
ATOM   673  S SD  . MET A 1 151 ? -6.434  5.227   6.418   1.00 68.91 ? 520  MET A SD  1 
ATOM   674  C CE  . MET A 1 151 ? -6.834  6.927   6.011   1.00 68.30 ? 520  MET A CE  1 
ATOM   675  N N   . PHE A 1 152 ? -3.965  8.643   10.748  1.00 64.32 ? 521  PHE A N   1 
ATOM   676  C CA  . PHE A 1 152 ? -3.291  9.906   11.084  1.00 63.70 ? 521  PHE A CA  1 
ATOM   677  C C   . PHE A 1 152 ? -2.011  9.642   11.877  1.00 62.75 ? 521  PHE A C   1 
ATOM   678  O O   . PHE A 1 152 ? -0.958  10.200  11.564  1.00 62.85 ? 521  PHE A O   1 
ATOM   679  C CB  . PHE A 1 152 ? -4.226  10.856  11.865  1.00 63.88 ? 521  PHE A CB  1 
ATOM   680  C CG  . PHE A 1 152 ? -3.532  12.097  12.429  1.00 64.82 ? 521  PHE A CG  1 
ATOM   681  C CD1 . PHE A 1 152 ? -3.249  13.190  11.616  1.00 65.17 ? 521  PHE A CD1 1 
ATOM   682  C CD2 . PHE A 1 152 ? -3.172  12.167  13.776  1.00 65.92 ? 521  PHE A CD2 1 
ATOM   683  N N   . ASP A 1 153 ? -2.096  8.791   12.895  1.00 61.58 ? 522  ASP A N   1 
ATOM   684  C CA  . ASP A 1 153 ? -0.942  8.542   13.758  1.00 60.82 ? 522  ASP A CA  1 
ATOM   685  C C   . ASP A 1 153 ? 0.180   7.814   12.993  1.00 60.01 ? 522  ASP A C   1 
ATOM   686  O O   . ASP A 1 153 ? 1.362   8.129   13.175  1.00 60.25 ? 522  ASP A O   1 
ATOM   687  C CB  . ASP A 1 153 ? -1.349  7.753   15.008  1.00 60.91 ? 522  ASP A CB  1 
ATOM   688  C CG  . ASP A 1 153 ? -2.439  8.452   15.821  1.00 61.07 ? 522  ASP A CG  1 
ATOM   689  N N   . PHE A 1 154 ? -0.189  6.857   12.136  1.00 58.63 ? 523  PHE A N   1 
ATOM   690  C CA  . PHE A 1 154 ? 0.789   6.146   11.316  1.00 57.44 ? 523  PHE A CA  1 
ATOM   691  C C   . PHE A 1 154 ? 1.532   7.117   10.408  1.00 57.22 ? 523  PHE A C   1 
ATOM   692  O O   . PHE A 1 154 ? 2.751   7.081   10.314  1.00 57.20 ? 523  PHE A O   1 
ATOM   693  C CB  . PHE A 1 154 ? 0.125   5.059   10.461  1.00 56.86 ? 523  PHE A CB  1 
ATOM   694  C CG  . PHE A 1 154 ? 1.080   4.374   9.519   1.00 54.71 ? 523  PHE A CG  1 
ATOM   695  C CD1 . PHE A 1 154 ? 1.995   3.441   9.992   1.00 52.54 ? 523  PHE A CD1 1 
ATOM   696  C CD2 . PHE A 1 154 ? 1.084   4.678   8.163   1.00 53.22 ? 523  PHE A CD2 1 
ATOM   697  C CE1 . PHE A 1 154 ? 2.881   2.812   9.133   1.00 51.24 ? 523  PHE A CE1 1 
ATOM   698  C CE2 . PHE A 1 154 ? 1.977   4.055   7.295   1.00 51.69 ? 523  PHE A CE2 1 
ATOM   699  C CZ  . PHE A 1 154 ? 2.871   3.122   7.783   1.00 51.47 ? 523  PHE A CZ  1 
ATOM   700  N N   . SER A 1 155 ? 0.785   7.987   9.746   1.00 56.97 ? 524  SER A N   1 
ATOM   701  C CA  . SER A 1 155 ? 1.360   8.923   8.786   1.00 57.11 ? 524  SER A CA  1 
ATOM   702  C C   . SER A 1 155 ? 2.273   9.946   9.442   1.00 56.78 ? 524  SER A C   1 
ATOM   703  O O   . SER A 1 155 ? 3.291   10.333  8.866   1.00 56.74 ? 524  SER A O   1 
ATOM   704  C CB  . SER A 1 155 ? 0.250   9.636   8.042   1.00 57.21 ? 524  SER A CB  1 
ATOM   705  O OG  . SER A 1 155 ? -0.679  8.673   7.573   1.00 58.31 ? 524  SER A OG  1 
ATOM   706  N N   . GLU A 1 156 ? 1.897   10.383  10.643  1.00 56.27 ? 525  GLU A N   1 
ATOM   707  C CA  . GLU A 1 156 ? 2.753   11.225  11.452  1.00 55.63 ? 525  GLU A CA  1 
ATOM   708  C C   . GLU A 1 156 ? 4.090   10.534  11.547  1.00 55.16 ? 525  GLU A C   1 
ATOM   709  O O   . GLU A 1 156 ? 5.109   11.113  11.180  1.00 55.42 ? 525  GLU A O   1 
ATOM   710  C CB  . GLU A 1 156 ? 2.164   11.427  12.851  1.00 55.96 ? 525  GLU A CB  1 
ATOM   711  N N   . LYS A 1 157 ? 4.078   9.285   12.012  1.00 54.49 ? 526  LYS A N   1 
ATOM   712  C CA  . LYS A 1 157 ? 5.306   8.489   12.120  1.00 54.18 ? 526  LYS A CA  1 
ATOM   713  C C   . LYS A 1 157 ? 6.072   8.417   10.796  1.00 53.08 ? 526  LYS A C   1 
ATOM   714  O O   . LYS A 1 157 ? 7.287   8.589   10.757  1.00 52.46 ? 526  LYS A O   1 
ATOM   715  C CB  . LYS A 1 157 ? 5.011   7.067   12.621  1.00 54.55 ? 526  LYS A CB  1 
ATOM   716  C CG  . LYS A 1 157 ? 5.595   6.775   14.012  1.00 56.80 ? 526  LYS A CG  1 
ATOM   717  C CD  . LYS A 1 157 ? 5.530   5.277   14.382  1.00 58.94 ? 526  LYS A CD  1 
ATOM   718  C CE  . LYS A 1 157 ? 4.079   4.781   14.444  1.00 60.02 ? 526  LYS A CE  1 
ATOM   719  N NZ  . LYS A 1 157 ? 3.944   3.503   15.189  1.00 61.48 ? 526  LYS A NZ  1 
ATOM   720  N N   . LEU A 1 158 ? 5.346   8.172   9.715   1.00 51.92 ? 527  LEU A N   1 
ATOM   721  C CA  . LEU A 1 158 ? 5.966   8.005   8.427   1.00 51.45 ? 527  LEU A CA  1 
ATOM   722  C C   . LEU A 1 158 ? 6.646   9.288   7.987   1.00 51.41 ? 527  LEU A C   1 
ATOM   723  O O   . LEU A 1 158 ? 7.748   9.248   7.451   1.00 51.45 ? 527  LEU A O   1 
ATOM   724  C CB  . LEU A 1 158 ? 4.924   7.576   7.402   1.00 51.43 ? 527  LEU A CB  1 
ATOM   725  C CG  . LEU A 1 158 ? 5.437   7.176   6.019   1.00 51.29 ? 527  LEU A CG  1 
ATOM   726  C CD1 . LEU A 1 158 ? 6.364   5.969   6.121   1.00 50.85 ? 527  LEU A CD1 1 
ATOM   727  C CD2 . LEU A 1 158 ? 4.258   6.907   5.068   1.00 50.93 ? 527  LEU A CD2 1 
ATOM   728  N N   . ASN A 1 159 ? 6.005   10.426  8.238   1.00 51.40 ? 528  ASN A N   1 
ATOM   729  C CA  . ASN A 1 159 ? 6.519   11.717  7.770   1.00 51.53 ? 528  ASN A CA  1 
ATOM   730  C C   . ASN A 1 159 ? 7.762   12.175  8.545   1.00 50.67 ? 528  ASN A C   1 
ATOM   731  O O   . ASN A 1 159 ? 8.550   12.989  8.046   1.00 51.05 ? 528  ASN A O   1 
ATOM   732  C CB  . ASN A 1 159 ? 5.421   12.799  7.805   1.00 52.02 ? 528  ASN A CB  1 
ATOM   733  C CG  . ASN A 1 159 ? 4.206   12.447  6.917   1.00 54.63 ? 528  ASN A CG  1 
ATOM   734  O OD1 . ASN A 1 159 ? 4.032   11.293  6.505   1.00 57.97 ? 528  ASN A OD1 1 
ATOM   735  N ND2 . ASN A 1 159 ? 3.356   13.440  6.640   1.00 56.59 ? 528  ASN A ND2 1 
ATOM   736  N N   . SER A 1 160 ? 7.954   11.644  9.749   1.00 49.51 ? 529  SER A N   1 
ATOM   737  C CA  . SER A 1 160 ? 9.131   11.982  10.552  1.00 48.68 ? 529  SER A CA  1 
ATOM   738  C C   . SER A 1 160 ? 10.417  11.518  9.876   1.00 47.63 ? 529  SER A C   1 
ATOM   739  O O   . SER A 1 160 ? 11.463  12.155  10.015  1.00 47.90 ? 529  SER A O   1 
ATOM   740  C CB  . SER A 1 160 ? 9.030   11.355  11.937  1.00 48.75 ? 529  SER A CB  1 
ATOM   741  O OG  . SER A 1 160 ? 8.944   9.942   11.836  1.00 50.20 ? 529  SER A OG  1 
ATOM   742  N N   . LEU A 1 161 ? 10.330  10.408  9.142   1.00 46.33 ? 530  LEU A N   1 
ATOM   743  C CA  . LEU A 1 161 ? 11.443  9.905   8.328   1.00 45.00 ? 530  LEU A CA  1 
ATOM   744  C C   . LEU A 1 161 ? 11.818  10.855  7.187   1.00 43.99 ? 530  LEU A C   1 
ATOM   745  O O   . LEU A 1 161 ? 12.942  10.815  6.691   1.00 43.79 ? 530  LEU A O   1 
ATOM   746  C CB  . LEU A 1 161 ? 11.090  8.538   7.734   1.00 44.95 ? 530  LEU A CB  1 
ATOM   747  C CG  . LEU A 1 161 ? 10.849  7.403   8.719   1.00 44.48 ? 530  LEU A CG  1 
ATOM   748  C CD1 . LEU A 1 161 ? 10.303  6.204   7.986   1.00 43.78 ? 530  LEU A CD1 1 
ATOM   749  C CD2 . LEU A 1 161 ? 12.136  7.077   9.455   1.00 44.77 ? 530  LEU A CD2 1 
ATOM   750  N N   . ALA A 1 162 ? 10.871  11.691  6.769   1.00 42.91 ? 531  ALA A N   1 
ATOM   751  C CA  . ALA A 1 162 ? 11.051  12.602  5.634   1.00 42.18 ? 531  ALA A CA  1 
ATOM   752  C C   . ALA A 1 162 ? 11.560  11.882  4.371   1.00 41.17 ? 531  ALA A C   1 
ATOM   753  O O   . ALA A 1 162 ? 12.544  12.291  3.764   1.00 41.21 ? 531  ALA A O   1 
ATOM   754  C CB  . ALA A 1 162 ? 11.967  13.784  6.012   1.00 41.99 ? 531  ALA A CB  1 
ATOM   755  N N   . LEU A 1 163 ? 10.868  10.822  3.970   1.00 40.21 ? 532  LEU A N   1 
ATOM   756  C CA  . LEU A 1 163 ? 11.243  10.089  2.771   1.00 39.72 ? 532  LEU A CA  1 
ATOM   757  C C   . LEU A 1 163 ? 11.161  10.971  1.526   1.00 39.64 ? 532  LEU A C   1 
ATOM   758  O O   . LEU A 1 163 ? 10.207  11.727  1.376   1.00 39.88 ? 532  LEU A O   1 
ATOM   759  C CB  . LEU A 1 163 ? 10.323  8.887   2.570   1.00 39.40 ? 532  LEU A CB  1 
ATOM   760  C CG  . LEU A 1 163 ? 10.243  7.803   3.648   1.00 38.94 ? 532  LEU A CG  1 
ATOM   761  C CD1 . LEU A 1 163 ? 9.409   6.636   3.092   1.00 38.19 ? 532  LEU A CD1 1 
ATOM   762  C CD2 . LEU A 1 163 ? 11.632  7.330   4.117   1.00 36.43 ? 532  LEU A CD2 1 
ATOM   763  N N   . THR A 1 164 ? 12.148  10.859  0.635   1.00 39.54 ? 533  THR A N   1 
ATOM   764  C CA  . THR A 1 164 ? 12.072  11.472  -0.697  1.00 39.43 ? 533  THR A CA  1 
ATOM   765  C C   . THR A 1 164 ? 11.041  10.703  -1.493  1.00 40.00 ? 533  THR A C   1 
ATOM   766  O O   . THR A 1 164 ? 10.542  9.684   -1.016  1.00 39.86 ? 533  THR A O   1 
ATOM   767  C CB  . THR A 1 164 ? 13.417  11.422  -1.456  1.00 39.39 ? 533  THR A CB  1 
ATOM   768  O OG1 . THR A 1 164 ? 13.768  10.064  -1.744  1.00 39.10 ? 533  THR A OG1 1 
ATOM   769  C CG2 . THR A 1 164 ? 14.533  12.060  -0.642  1.00 38.85 ? 533  THR A CG2 1 
ATOM   770  N N   . GLU A 1 165 ? 10.723  11.169  -2.702  1.00 40.85 ? 534  GLU A N   1 
ATOM   771  C CA  . GLU A 1 165 ? 9.715   10.488  -3.535  1.00 41.67 ? 534  GLU A CA  1 
ATOM   772  C C   . GLU A 1 165 ? 10.213  9.135   -4.011  1.00 41.25 ? 534  GLU A C   1 
ATOM   773  O O   . GLU A 1 165 ? 9.432   8.197   -4.092  1.00 41.67 ? 534  GLU A O   1 
ATOM   774  C CB  . GLU A 1 165 ? 9.281   11.327  -4.748  1.00 42.32 ? 534  GLU A CB  1 
ATOM   775  C CG  . GLU A 1 165 ? 8.213   12.372  -4.428  1.00 45.31 ? 534  GLU A CG  1 
ATOM   776  C CD  . GLU A 1 165 ? 6.782   11.832  -4.469  1.00 49.08 ? 534  GLU A CD  1 
ATOM   777  O OE1 . GLU A 1 165 ? 6.316   11.433  -5.571  1.00 51.48 ? 534  GLU A OE1 1 
ATOM   778  O OE2 . GLU A 1 165 ? 6.113   11.850  -3.401  1.00 50.66 ? 534  GLU A OE2 1 
ATOM   779  N N   . GLU A 1 166 ? 11.495  9.033   -4.345  1.00 40.61 ? 535  GLU A N   1 
ATOM   780  C CA  . GLU A 1 166 ? 12.080  7.738   -4.681  1.00 40.23 ? 535  GLU A CA  1 
ATOM   781  C C   . GLU A 1 166 ? 11.989  6.758   -3.516  1.00 39.38 ? 535  GLU A C   1 
ATOM   782  O O   . GLU A 1 166 ? 11.650  5.592   -3.720  1.00 39.10 ? 535  GLU A O   1 
ATOM   783  C CB  . GLU A 1 166 ? 13.541  7.874   -5.079  1.00 40.44 ? 535  GLU A CB  1 
ATOM   784  C CG  . GLU A 1 166 ? 13.747  8.447   -6.450  1.00 42.37 ? 535  GLU A CG  1 
ATOM   785  C CD  . GLU A 1 166 ? 15.217  8.649   -6.775  1.00 45.60 ? 535  GLU A CD  1 
ATOM   786  O OE1 . GLU A 1 166 ? 16.002  9.025   -5.856  1.00 46.82 ? 535  GLU A OE1 1 
ATOM   787  O OE2 . GLU A 1 166 ? 15.584  8.432   -7.954  1.00 48.05 ? 535  GLU A OE2 1 
ATOM   788  N N   . GLU A 1 167 ? 12.314  7.226   -2.311  1.00 38.17 ? 536  GLU A N   1 
ATOM   789  C CA  . GLU A 1 167 ? 12.291  6.370   -1.131  1.00 37.48 ? 536  GLU A CA  1 
ATOM   790  C C   . GLU A 1 167 ? 10.862  5.899   -0.870  1.00 36.89 ? 536  GLU A C   1 
ATOM   791  O O   . GLU A 1 167 ? 10.606  4.710   -0.685  1.00 36.41 ? 536  GLU A O   1 
ATOM   792  C CB  . GLU A 1 167 ? 12.871  7.111   0.092   1.00 37.69 ? 536  GLU A CB  1 
ATOM   793  C CG  . GLU A 1 167 ? 14.384  7.394   -0.035  1.00 37.97 ? 536  GLU A CG  1 
ATOM   794  C CD  . GLU A 1 167 ? 15.009  8.152   1.136   1.00 37.89 ? 536  GLU A CD  1 
ATOM   795  O OE1 . GLU A 1 167 ? 14.309  8.851   1.896   1.00 37.54 ? 536  GLU A OE1 1 
ATOM   796  O OE2 . GLU A 1 167 ? 16.242  8.065   1.281   1.00 37.71 ? 536  GLU A OE2 1 
ATOM   797  N N   . LEU A 1 168 ? 9.928   6.839   -0.894  1.00 36.25 ? 537  LEU A N   1 
ATOM   798  C CA  . LEU A 1 168 ? 8.515   6.525   -0.676  1.00 35.99 ? 537  LEU A CA  1 
ATOM   799  C C   . LEU A 1 168 ? 7.964   5.564   -1.749  1.00 35.70 ? 537  LEU A C   1 
ATOM   800  O O   . LEU A 1 168 ? 7.248   4.595   -1.432  1.00 35.76 ? 537  LEU A O   1 
ATOM   801  C CB  . LEU A 1 168 ? 7.699   7.820   -0.630  1.00 35.82 ? 537  LEU A CB  1 
ATOM   802  C CG  . LEU A 1 168 ? 6.207   7.731   -0.356  1.00 35.44 ? 537  LEU A CG  1 
ATOM   803  C CD1 . LEU A 1 168 ? 5.977   7.254   1.072   1.00 34.97 ? 537  LEU A CD1 1 
ATOM   804  C CD2 . LEU A 1 168 ? 5.567   9.089   -0.634  1.00 33.10 ? 537  LEU A CD2 1 
ATOM   805  N N   . GLY A 1 169 ? 8.298   5.825   -3.007  1.00 35.25 ? 538  GLY A N   1 
ATOM   806  C CA  . GLY A 1 169 ? 7.845   4.971   -4.108  1.00 35.33 ? 538  GLY A CA  1 
ATOM   807  C C   . GLY A 1 169 ? 8.302   3.533   -3.937  1.00 35.30 ? 538  GLY A C   1 
ATOM   808  O O   . GLY A 1 169 ? 7.542   2.589   -4.113  1.00 35.72 ? 538  GLY A O   1 
ATOM   809  N N   . LEU A 1 170 ? 9.558   3.382   -3.551  1.00 35.08 ? 539  LEU A N   1 
ATOM   810  C CA  . LEU A 1 170 ? 10.187  2.096   -3.437  1.00 34.83 ? 539  LEU A CA  1 
ATOM   811  C C   . LEU A 1 170 ? 9.739   1.435   -2.131  1.00 34.35 ? 539  LEU A C   1 
ATOM   812  O O   . LEU A 1 170 ? 9.546   0.216   -2.071  1.00 34.19 ? 539  LEU A O   1 
ATOM   813  C CB  . LEU A 1 170 ? 11.708  2.284   -3.497  1.00 35.10 ? 539  LEU A CB  1 
ATOM   814  C CG  . LEU A 1 170 ? 12.579  1.075   -3.834  1.00 36.77 ? 539  LEU A CG  1 
ATOM   815  C CD1 . LEU A 1 170 ? 11.966  0.200   -4.927  1.00 37.83 ? 539  LEU A CD1 1 
ATOM   816  C CD2 . LEU A 1 170 ? 13.955  1.526   -4.243  1.00 38.05 ? 539  LEU A CD2 1 
ATOM   817  N N   . PHE A 1 171 ? 9.548   2.237   -1.087  1.00 33.56 ? 540  PHE A N   1 
ATOM   818  C CA  . PHE A 1 171 ? 8.955   1.715   0.133   1.00 33.14 ? 540  PHE A CA  1 
ATOM   819  C C   . PHE A 1 171 ? 7.564   1.175   -0.176  1.00 32.57 ? 540  PHE A C   1 
ATOM   820  O O   . PHE A 1 171 ? 7.231   0.059   0.190   1.00 32.93 ? 540  PHE A O   1 
ATOM   821  C CB  . PHE A 1 171 ? 8.905   2.770   1.249   1.00 33.15 ? 540  PHE A CB  1 
ATOM   822  C CG  . PHE A 1 171 ? 8.183   2.308   2.485   1.00 33.54 ? 540  PHE A CG  1 
ATOM   823  C CD1 . PHE A 1 171 ? 8.668   1.255   3.239   1.00 34.83 ? 540  PHE A CD1 1 
ATOM   824  C CD2 . PHE A 1 171 ? 6.995   2.906   2.881   1.00 35.22 ? 540  PHE A CD2 1 
ATOM   825  C CE1 . PHE A 1 171 ? 7.992   0.818   4.390   1.00 35.19 ? 540  PHE A CE1 1 
ATOM   826  C CE2 . PHE A 1 171 ? 6.316   2.472   4.015   1.00 35.33 ? 540  PHE A CE2 1 
ATOM   827  C CZ  . PHE A 1 171 ? 6.820   1.430   4.770   1.00 34.79 ? 540  PHE A CZ  1 
ATOM   828  N N   . THR A 1 172 ? 6.754   1.953   -0.876  1.00 32.04 ? 541  THR A N   1 
ATOM   829  C CA  . THR A 1 172 ? 5.392   1.525   -1.196  1.00 31.35 ? 541  THR A CA  1 
ATOM   830  C C   . THR A 1 172 ? 5.369   0.156   -1.894  1.00 31.42 ? 541  THR A C   1 
ATOM   831  O O   . THR A 1 172 ? 4.554   -0.702  -1.546  1.00 31.70 ? 541  THR A O   1 
ATOM   832  C CB  . THR A 1 172 ? 4.693   2.590   -2.048  1.00 31.19 ? 541  THR A CB  1 
ATOM   833  O OG1 . THR A 1 172 ? 4.654   3.791   -1.285  1.00 30.66 ? 541  THR A OG1 1 
ATOM   834  C CG2 . THR A 1 172 ? 3.283   2.165   -2.440  1.00 28.79 ? 541  THR A CG2 1 
ATOM   835  N N   . ALA A 1 173 ? 6.274   -0.034  -2.853  1.00 31.31 ? 542  ALA A N   1 
ATOM   836  C CA  . ALA A 1 173 ? 6.421   -1.293  -3.592  1.00 30.92 ? 542  ALA A CA  1 
ATOM   837  C C   . ALA A 1 173 ? 6.839   -2.394  -2.650  1.00 30.84 ? 542  ALA A C   1 
ATOM   838  O O   . ALA A 1 173 ? 6.359   -3.517  -2.762  1.00 30.84 ? 542  ALA A O   1 
ATOM   839  C CB  . ALA A 1 173 ? 7.447   -1.137  -4.699  1.00 30.46 ? 542  ALA A CB  1 
ATOM   840  N N   . VAL A 1 174 ? 7.724   -2.075  -1.706  1.00 31.03 ? 543  VAL A N   1 
ATOM   841  C CA  . VAL A 1 174 ? 8.171   -3.070  -0.747  1.00 31.24 ? 543  VAL A CA  1 
ATOM   842  C C   . VAL A 1 174 ? 6.974   -3.539  0.074   1.00 32.25 ? 543  VAL A C   1 
ATOM   843  O O   . VAL A 1 174 ? 6.808   -4.734  0.280   1.00 33.00 ? 543  VAL A O   1 
ATOM   844  C CB  . VAL A 1 174 ? 9.308   -2.568  0.160   1.00 31.00 ? 543  VAL A CB  1 
ATOM   845  C CG1 . VAL A 1 174 ? 9.412   -3.432  1.419   1.00 30.77 ? 543  VAL A CG1 1 
ATOM   846  C CG2 . VAL A 1 174 ? 10.615  -2.570  -0.583  1.00 29.95 ? 543  VAL A CG2 1 
ATOM   847  N N   . VAL A 1 175 ? 6.124   -2.606  0.499   1.00 33.09 ? 544  VAL A N   1 
ATOM   848  C CA  . VAL A 1 175 ? 4.922   -2.936  1.269   1.00 33.70 ? 544  VAL A CA  1 
ATOM   849  C C   . VAL A 1 175 ? 4.003   -3.923  0.515   1.00 34.97 ? 544  VAL A C   1 
ATOM   850  O O   . VAL A 1 175 ? 3.587   -4.946  1.079   1.00 35.61 ? 544  VAL A O   1 
ATOM   851  C CB  . VAL A 1 175 ? 4.154   -1.647  1.685   1.00 33.56 ? 544  VAL A CB  1 
ATOM   852  C CG1 . VAL A 1 175 ? 2.772   -1.982  2.240   1.00 32.61 ? 544  VAL A CG1 1 
ATOM   853  C CG2 . VAL A 1 175 ? 4.963   -0.874  2.715   1.00 32.98 ? 544  VAL A CG2 1 
ATOM   854  N N   . LEU A 1 176 ? 3.720   -3.641  -0.755  1.00 36.00 ? 545  LEU A N   1 
ATOM   855  C CA  . LEU A 1 176 ? 2.861   -4.505  -1.557  1.00 36.99 ? 545  LEU A CA  1 
ATOM   856  C C   . LEU A 1 176 ? 3.366   -5.928  -1.638  1.00 38.15 ? 545  LEU A C   1 
ATOM   857  O O   . LEU A 1 176 ? 2.572   -6.863  -1.539  1.00 38.91 ? 545  LEU A O   1 
ATOM   858  C CB  . LEU A 1 176 ? 2.723   -3.973  -2.988  1.00 37.31 ? 545  LEU A CB  1 
ATOM   859  C CG  . LEU A 1 176 ? 1.949   -4.880  -3.960  1.00 37.34 ? 545  LEU A CG  1 
ATOM   860  C CD1 . LEU A 1 176 ? 0.654   -5.453  -3.311  1.00 36.98 ? 545  LEU A CD1 1 
ATOM   861  C CD2 . LEU A 1 176 ? 1.640   -4.109  -5.227  1.00 36.81 ? 545  LEU A CD2 1 
ATOM   862  N N   . VAL A 1 177 ? 4.671   -6.104  -1.844  1.00 39.26 ? 546  VAL A N   1 
ATOM   863  C CA  . VAL A 1 177 ? 5.223   -7.458  -2.051  1.00 39.93 ? 546  VAL A CA  1 
ATOM   864  C C   . VAL A 1 177 ? 5.649   -8.083  -0.726  1.00 40.83 ? 546  VAL A C   1 
ATOM   865  O O   . VAL A 1 177 ? 6.124   -9.208  -0.700  1.00 41.06 ? 546  VAL A O   1 
ATOM   866  C CB  . VAL A 1 177 ? 6.400   -7.489  -3.083  1.00 39.87 ? 546  VAL A CB  1 
ATOM   867  C CG1 . VAL A 1 177 ? 6.020   -6.742  -4.356  1.00 38.38 ? 546  VAL A CG1 1 
ATOM   868  C CG2 . VAL A 1 177 ? 7.700   -6.926  -2.483  1.00 40.21 ? 546  VAL A CG2 1 
ATOM   869  N N   . SER A 1 178 ? 5.468   -7.348  0.365   1.00 41.99 ? 547  SER A N   1 
ATOM   870  C CA  . SER A 1 178 ? 5.789   -7.832  1.705   1.00 42.73 ? 547  SER A CA  1 
ATOM   871  C C   . SER A 1 178 ? 4.530   -8.262  2.417   1.00 44.05 ? 547  SER A C   1 
ATOM   872  O O   . SER A 1 178 ? 4.559   -8.485  3.614   1.00 43.99 ? 547  SER A O   1 
ATOM   873  C CB  . SER A 1 178 ? 6.490   -6.739  2.526   1.00 42.43 ? 547  SER A CB  1 
ATOM   874  O OG  . SER A 1 178 ? 7.771   -6.461  1.992   1.00 41.22 ? 547  SER A OG  1 
ATOM   875  N N   . ALA A 1 179 ? 3.427   -8.377  1.677   1.00 46.12 ? 548  ALA A N   1 
ATOM   876  C CA  . ALA A 1 179 ? 2.149   -8.839  2.222   1.00 47.55 ? 548  ALA A CA  1 
ATOM   877  C C   . ALA A 1 179 ? 2.222   -10.303 2.668   1.00 49.23 ? 548  ALA A C   1 
ATOM   878  O O   . ALA A 1 179 ? 3.101   -11.055 2.238   1.00 49.39 ? 548  ALA A O   1 
ATOM   879  C CB  . ALA A 1 179 ? 1.058   -8.668  1.176   1.00 47.56 ? 548  ALA A CB  1 
ATOM   880  N N   . ASP A 1 180 ? 1.293   -10.705 3.533   1.00 51.26 ? 549  ASP A N   1 
ATOM   881  C CA  . ASP A 1 180 ? 1.197   -12.094 3.974   1.00 52.97 ? 549  ASP A CA  1 
ATOM   882  C C   . ASP A 1 180 ? 1.028   -13.067 2.789   1.00 53.97 ? 549  ASP A C   1 
ATOM   883  O O   . ASP A 1 180 ? 0.185   -12.852 1.912   1.00 53.80 ? 549  ASP A O   1 
ATOM   884  C CB  . ASP A 1 180 ? 0.027   -12.253 4.946   1.00 53.53 ? 549  ASP A CB  1 
ATOM   885  C CG  . ASP A 1 180 ? -0.139  -13.686 5.420   1.00 55.49 ? 549  ASP A CG  1 
ATOM   886  O OD1 . ASP A 1 180 ? 0.530   -14.072 6.409   1.00 58.32 ? 549  ASP A OD1 1 
ATOM   887  O OD2 . ASP A 1 180 ? -0.923  -14.426 4.782   1.00 58.07 ? 549  ASP A OD2 1 
ATOM   888  N N   . ARG A 1 181 ? 1.824   -14.137 2.778   1.00 55.28 ? 550  ARG A N   1 
ATOM   889  C CA  . ARG A 1 181 ? 1.879   -15.046 1.624   1.00 56.23 ? 550  ARG A CA  1 
ATOM   890  C C   . ARG A 1 181 ? 1.035   -16.318 1.766   1.00 57.10 ? 550  ARG A C   1 
ATOM   891  O O   . ARG A 1 181 ? 1.289   -17.307 1.054   1.00 57.19 ? 550  ARG A O   1 
ATOM   892  C CB  . ARG A 1 181 ? 3.321   -15.472 1.360   1.00 56.26 ? 550  ARG A CB  1 
ATOM   893  C CG  . ARG A 1 181 ? 4.235   -14.360 0.980   1.00 57.08 ? 550  ARG A CG  1 
ATOM   894  C CD  . ARG A 1 181 ? 5.626   -14.900 0.731   1.00 58.26 ? 550  ARG A CD  1 
ATOM   895  N NE  . ARG A 1 181 ? 6.633   -13.878 0.982   1.00 59.99 ? 550  ARG A NE  1 
ATOM   896  C CZ  . ARG A 1 181 ? 7.882   -14.114 1.379   1.00 61.66 ? 550  ARG A CZ  1 
ATOM   897  N NH1 . ARG A 1 181 ? 8.696   -13.091 1.573   1.00 62.55 ? 550  ARG A NH1 1 
ATOM   898  N NH2 . ARG A 1 181 ? 8.329   -15.353 1.585   1.00 61.69 ? 550  ARG A NH2 1 
ATOM   899  N N   . SER A 1 182 ? 0.055   -16.325 2.672   1.00 57.91 ? 551  SER A N   1 
ATOM   900  C CA  . SER A 1 182 ? -0.837  -17.482 2.748   1.00 58.70 ? 551  SER A CA  1 
ATOM   901  C C   . SER A 1 182 ? -1.501  -17.589 1.383   1.00 58.95 ? 551  SER A C   1 
ATOM   902  O O   . SER A 1 182 ? -2.122  -16.629 0.924   1.00 59.33 ? 551  SER A O   1 
ATOM   903  C CB  . SER A 1 182 ? -1.886  -17.351 3.865   1.00 58.87 ? 551  SER A CB  1 
ATOM   904  O OG  . SER A 1 182 ? -2.659  -16.166 3.726   1.00 60.05 ? 551  SER A OG  1 
ATOM   905  N N   . GLY A 1 183 ? -1.298  -18.725 0.715   1.00 59.08 ? 552  GLY A N   1 
ATOM   906  C CA  . GLY A 1 183 ? -1.946  -19.024 -0.568  1.00 58.90 ? 552  GLY A CA  1 
ATOM   907  C C   . GLY A 1 183 ? -1.058  -18.950 -1.800  1.00 59.00 ? 552  GLY A C   1 
ATOM   908  O O   . GLY A 1 183 ? -1.565  -19.020 -2.925  1.00 59.24 ? 552  GLY A O   1 
ATOM   909  N N   . MET A 1 184 ? 0.257   -18.826 -1.614  1.00 58.83 ? 553  MET A N   1 
ATOM   910  C CA  . MET A 1 184 ? 1.152   -18.614 -2.754  1.00 58.71 ? 553  MET A CA  1 
ATOM   911  C C   . MET A 1 184 ? 1.397   -19.908 -3.507  1.00 58.55 ? 553  MET A C   1 
ATOM   912  O O   . MET A 1 184 ? 1.750   -20.914 -2.900  1.00 58.84 ? 553  MET A O   1 
ATOM   913  C CB  . MET A 1 184 ? 2.502   -18.019 -2.316  1.00 58.71 ? 553  MET A CB  1 
ATOM   914  C CG  . MET A 1 184 ? 2.483   -16.519 -2.091  1.00 58.85 ? 553  MET A CG  1 
ATOM   915  S SD  . MET A 1 184 ? 1.878   -15.527 -3.479  1.00 58.72 ? 553  MET A SD  1 
ATOM   916  C CE  . MET A 1 184 ? 1.306   -14.099 -2.563  1.00 57.69 ? 553  MET A CE  1 
ATOM   917  N N   . GLU A 1 185 ? 1.222   -19.873 -4.827  1.00 58.18 ? 554  GLU A N   1 
ATOM   918  C CA  . GLU A 1 185 ? 1.637   -20.982 -5.675  1.00 58.08 ? 554  GLU A CA  1 
ATOM   919  C C   . GLU A 1 185 ? 3.153   -21.108 -5.632  1.00 57.75 ? 554  GLU A C   1 
ATOM   920  O O   . GLU A 1 185 ? 3.674   -22.175 -5.299  1.00 58.26 ? 554  GLU A O   1 
ATOM   921  C CB  . GLU A 1 185 ? 1.151   -20.811 -7.113  1.00 58.30 ? 554  GLU A CB  1 
ATOM   922  C CG  . GLU A 1 185 ? -0.328  -21.133 -7.283  1.00 59.37 ? 554  GLU A CG  1 
ATOM   923  C CD  . GLU A 1 185 ? -0.864  -20.760 -8.651  1.00 61.35 ? 554  GLU A CD  1 
ATOM   924  O OE1 . GLU A 1 185 ? -0.149  -20.061 -9.408  1.00 63.20 ? 554  GLU A OE1 1 
ATOM   925  O OE2 . GLU A 1 185 ? -2.009  -21.161 -8.965  1.00 62.39 ? 554  GLU A OE2 1 
ATOM   926  N N   . ASN A 1 186 ? 3.863   -20.024 -5.950  1.00 56.98 ? 555  ASN A N   1 
ATOM   927  C CA  . ASN A 1 186 ? 5.307   -19.992 -5.748  1.00 55.97 ? 555  ASN A CA  1 
ATOM   928  C C   . ASN A 1 186 ? 5.755   -18.879 -4.802  1.00 55.22 ? 555  ASN A C   1 
ATOM   929  O O   . ASN A 1 186 ? 6.159   -17.804 -5.234  1.00 55.43 ? 555  ASN A O   1 
ATOM   930  C CB  . ASN A 1 186 ? 6.054   -19.901 -7.072  1.00 55.78 ? 555  ASN A CB  1 
ATOM   931  C CG  . ASN A 1 186 ? 7.523   -20.254 -6.918  1.00 56.20 ? 555  ASN A CG  1 
ATOM   932  O OD1 . ASN A 1 186 ? 7.939   -20.749 -5.866  1.00 56.99 ? 555  ASN A OD1 1 
ATOM   933  N ND2 . ASN A 1 186 ? 8.314   -20.015 -7.960  1.00 55.81 ? 555  ASN A ND2 1 
ATOM   934  N N   . SER A 1 187 ? 5.705   -19.167 -3.506  1.00 54.11 ? 556  SER A N   1 
ATOM   935  C CA  . SER A 1 187 ? 6.174   -18.246 -2.478  1.00 53.34 ? 556  SER A CA  1 
ATOM   936  C C   . SER A 1 187 ? 7.654   -17.843 -2.611  1.00 52.39 ? 556  SER A C   1 
ATOM   937  O O   . SER A 1 187 ? 8.028   -16.742 -2.229  1.00 52.17 ? 556  SER A O   1 
ATOM   938  C CB  . SER A 1 187 ? 5.942   -18.859 -1.101  1.00 53.48 ? 556  SER A CB  1 
ATOM   939  O OG  . SER A 1 187 ? 5.843   -17.855 -0.098  1.00 54.86 ? 556  SER A OG  1 
ATOM   940  N N   . ALA A 1 188 ? 8.496   -18.721 -3.143  1.00 51.49 ? 557  ALA A N   1 
ATOM   941  C CA  . ALA A 1 188 ? 9.909   -18.377 -3.356  1.00 50.99 ? 557  ALA A CA  1 
ATOM   942  C C   . ALA A 1 188 ? 10.099  -17.234 -4.371  1.00 50.50 ? 557  ALA A C   1 
ATOM   943  O O   . ALA A 1 188 ? 10.983  -16.388 -4.219  1.00 50.52 ? 557  ALA A O   1 
ATOM   944  C CB  . ALA A 1 188 ? 10.709  -19.605 -3.784  1.00 50.75 ? 557  ALA A CB  1 
ATOM   945  N N   . SER A 1 189 ? 9.274   -17.210 -5.410  1.00 49.82 ? 558  SER A N   1 
ATOM   946  C CA  . SER A 1 189 ? 9.380   -16.159 -6.421  1.00 49.16 ? 558  SER A CA  1 
ATOM   947  C C   . SER A 1 189 ? 8.966   -14.803 -5.839  1.00 48.54 ? 558  SER A C   1 
ATOM   948  O O   . SER A 1 189 ? 9.553   -13.770 -6.173  1.00 47.62 ? 558  SER A O   1 
ATOM   949  C CB  . SER A 1 189 ? 8.527   -16.506 -7.639  1.00 48.95 ? 558  SER A CB  1 
ATOM   950  O OG  . SER A 1 189 ? 7.172   -16.709 -7.264  1.00 49.36 ? 558  SER A OG  1 
ATOM   951  N N   . VAL A 1 190 ? 7.949   -14.826 -4.975  1.00 48.30 ? 559  VAL A N   1 
ATOM   952  C CA  . VAL A 1 190 ? 7.492   -13.619 -4.293  1.00 48.16 ? 559  VAL A CA  1 
ATOM   953  C C   . VAL A 1 190 ? 8.599   -13.116 -3.400  1.00 48.19 ? 559  VAL A C   1 
ATOM   954  O O   . VAL A 1 190 ? 8.841   -11.922 -3.314  1.00 48.29 ? 559  VAL A O   1 
ATOM   955  C CB  . VAL A 1 190 ? 6.229   -13.856 -3.446  1.00 48.13 ? 559  VAL A CB  1 
ATOM   956  C CG1 . VAL A 1 190 ? 5.964   -12.653 -2.517  1.00 47.78 ? 559  VAL A CG1 1 
ATOM   957  C CG2 . VAL A 1 190 ? 5.037   -14.122 -4.348  1.00 47.52 ? 559  VAL A CG2 1 
ATOM   958  N N   . GLU A 1 191 ? 9.295   -14.042 -2.760  1.00 48.17 ? 560  GLU A N   1 
ATOM   959  C CA  . GLU A 1 191 ? 10.363  -13.663 -1.873  1.00 48.15 ? 560  GLU A CA  1 
ATOM   960  C C   . GLU A 1 191 ? 11.596  -13.112 -2.602  1.00 47.19 ? 560  GLU A C   1 
ATOM   961  O O   . GLU A 1 191 ? 12.223  -12.166 -2.130  1.00 47.11 ? 560  GLU A O   1 
ATOM   962  C CB  . GLU A 1 191 ? 10.747  -14.826 -0.974  1.00 48.68 ? 560  GLU A CB  1 
ATOM   963  C CG  . GLU A 1 191 ? 11.638  -14.379 0.159   1.00 51.27 ? 560  GLU A CG  1 
ATOM   964  C CD  . GLU A 1 191 ? 12.062  -15.498 1.050   1.00 55.60 ? 560  GLU A CD  1 
ATOM   965  O OE1 . GLU A 1 191 ? 11.358  -16.546 1.073   1.00 58.05 ? 560  GLU A OE1 1 
ATOM   966  O OE2 . GLU A 1 191 ? 13.107  -15.312 1.733   1.00 58.47 ? 560  GLU A OE2 1 
ATOM   967  N N   . GLN A 1 192 ? 11.962  -13.679 -3.734  1.00 46.41 ? 561  GLN A N   1 
ATOM   968  C CA  . GLN A 1 192 ? 13.083  -13.117 -4.486  1.00 46.36 ? 561  GLN A CA  1 
ATOM   969  C C   . GLN A 1 192 ? 12.802  -11.679 -4.904  1.00 44.91 ? 561  GLN A C   1 
ATOM   970  O O   . GLN A 1 192 ? 13.705  -10.843 -4.936  1.00 44.58 ? 561  GLN A O   1 
ATOM   971  C CB  . GLN A 1 192 ? 13.393  -13.966 -5.713  1.00 47.13 ? 561  GLN A CB  1 
ATOM   972  C CG  . GLN A 1 192 ? 14.037  -15.296 -5.350  1.00 51.05 ? 561  GLN A CG  1 
ATOM   973  C CD  . GLN A 1 192 ? 14.385  -16.160 -6.561  1.00 56.36 ? 561  GLN A CD  1 
ATOM   974  O OE1 . GLN A 1 192 ? 14.488  -15.669 -7.703  1.00 59.86 ? 561  GLN A OE1 1 
ATOM   975  N NE2 . GLN A 1 192 ? 14.579  -17.463 -6.310  1.00 59.37 ? 561  GLN A NE2 1 
ATOM   976  N N   . LEU A 1 193 ? 11.537  -11.408 -5.214  1.00 43.60 ? 562  LEU A N   1 
ATOM   977  C CA  . LEU A 1 193 ? 11.094  -10.080 -5.614  1.00 42.65 ? 562  LEU A CA  1 
ATOM   978  C C   . LEU A 1 193 ? 11.166  -9.109  -4.430  1.00 41.88 ? 562  LEU A C   1 
ATOM   979  O O   . LEU A 1 193 ? 11.651  -7.981  -4.563  1.00 41.79 ? 562  LEU A O   1 
ATOM   980  C CB  . LEU A 1 193 ? 9.668   -10.151 -6.161  1.00 42.50 ? 562  LEU A CB  1 
ATOM   981  C CG  . LEU A 1 193 ? 9.045   -8.849  -6.657  1.00 42.91 ? 562  LEU A CG  1 
ATOM   982  C CD1 . LEU A 1 193 ? 9.915   -8.230  -7.766  1.00 41.90 ? 562  LEU A CD1 1 
ATOM   983  C CD2 . LEU A 1 193 ? 7.604   -9.087  -7.115  1.00 42.09 ? 562  LEU A CD2 1 
ATOM   984  N N   . GLN A 1 194 ? 10.690  -9.556  -3.273  1.00 40.80 ? 563  GLN A N   1 
ATOM   985  C CA  . GLN A 1 194 ? 10.784  -8.772  -2.057  1.00 40.18 ? 563  GLN A CA  1 
ATOM   986  C C   . GLN A 1 194 ? 12.229  -8.371  -1.785  1.00 39.75 ? 563  GLN A C   1 
ATOM   987  O O   . GLN A 1 194 ? 12.509  -7.200  -1.509  1.00 40.17 ? 563  GLN A O   1 
ATOM   988  C CB  . GLN A 1 194 ? 10.228  -9.556  -0.868  1.00 40.10 ? 563  GLN A CB  1 
ATOM   989  C CG  . GLN A 1 194 ? 10.123  -8.729  0.412   1.00 40.33 ? 563  GLN A CG  1 
ATOM   990  C CD  . GLN A 1 194 ? 9.819   -9.560  1.646   1.00 39.93 ? 563  GLN A CD  1 
ATOM   991  O OE1 . GLN A 1 194 ? 9.150   -9.097  2.574   1.00 39.28 ? 563  GLN A OE1 1 
ATOM   992  N NE2 . GLN A 1 194 ? 10.329  -10.779 1.674   1.00 39.53 ? 563  GLN A NE2 1 
ATOM   993  N N   . GLU A 1 195 ? 13.141  -9.338  -1.875  1.00 39.15 ? 564  GLU A N   1 
ATOM   994  C CA  . GLU A 1 195 ? 14.557  -9.109  -1.572  1.00 38.39 ? 564  GLU A CA  1 
ATOM   995  C C   . GLU A 1 195 ? 15.188  -8.148  -2.582  1.00 38.04 ? 564  GLU A C   1 
ATOM   996  O O   . GLU A 1 195 ? 15.998  -7.285  -2.210  1.00 37.70 ? 564  GLU A O   1 
ATOM   997  C CB  . GLU A 1 195 ? 15.327  -10.436 -1.537  1.00 38.09 ? 564  GLU A CB  1 
ATOM   998  N N   . THR A 1 196 ? 14.813  -8.289  -3.854  1.00 37.51 ? 565  THR A N   1 
ATOM   999  C CA  . THR A 1 196 ? 15.286  -7.370  -4.883  1.00 37.21 ? 565  THR A CA  1 
ATOM   1000 C C   . THR A 1 196 ? 14.926  -5.945  -4.514  1.00 36.96 ? 565  THR A C   1 
ATOM   1001 O O   . THR A 1 196 ? 15.782  -5.055  -4.590  1.00 37.42 ? 565  THR A O   1 
ATOM   1002 C CB  . THR A 1 196 ? 14.722  -7.716  -6.282  1.00 37.28 ? 565  THR A CB  1 
ATOM   1003 O OG1 . THR A 1 196 ? 15.406  -8.864  -6.799  1.00 38.00 ? 565  THR A OG1 1 
ATOM   1004 C CG2 . THR A 1 196 ? 14.927  -6.573  -7.254  1.00 37.40 ? 565  THR A CG2 1 
ATOM   1005 N N   . LEU A 1 197 ? 13.675  -5.738  -4.093  1.00 36.53 ? 566  LEU A N   1 
ATOM   1006 C CA  . LEU A 1 197 ? 13.166  -4.398  -3.805  1.00 36.17 ? 566  LEU A CA  1 
ATOM   1007 C C   . LEU A 1 197 ? 13.769  -3.821  -2.533  1.00 36.37 ? 566  LEU A C   1 
ATOM   1008 O O   . LEU A 1 197 ? 14.087  -2.634  -2.473  1.00 35.99 ? 566  LEU A O   1 
ATOM   1009 C CB  . LEU A 1 197 ? 11.643  -4.407  -3.710  1.00 36.07 ? 566  LEU A CB  1 
ATOM   1010 C CG  . LEU A 1 197 ? 10.868  -4.652  -5.010  1.00 35.82 ? 566  LEU A CG  1 
ATOM   1011 C CD1 . LEU A 1 197 ? 9.416   -4.903  -4.670  1.00 35.51 ? 566  LEU A CD1 1 
ATOM   1012 C CD2 . LEU A 1 197 ? 11.014  -3.500  -6.021  1.00 33.82 ? 566  LEU A CD2 1 
ATOM   1013 N N   . LEU A 1 198 ? 13.939  -4.665  -1.522  1.00 37.09 ? 567  LEU A N   1 
ATOM   1014 C CA  . LEU A 1 198 ? 14.588  -4.254  -0.279  1.00 37.43 ? 567  LEU A CA  1 
ATOM   1015 C C   . LEU A 1 198 ? 16.057  -3.968  -0.506  1.00 38.10 ? 567  LEU A C   1 
ATOM   1016 O O   . LEU A 1 198 ? 16.642  -3.164  0.179   1.00 38.34 ? 567  LEU A O   1 
ATOM   1017 C CB  . LEU A 1 198 ? 14.449  -5.340  0.780   1.00 37.27 ? 567  LEU A CB  1 
ATOM   1018 C CG  . LEU A 1 198 ? 13.029  -5.626  1.253   1.00 37.38 ? 567  LEU A CG  1 
ATOM   1019 C CD1 . LEU A 1 198 ? 12.966  -6.984  1.962   1.00 36.92 ? 567  LEU A CD1 1 
ATOM   1020 C CD2 . LEU A 1 198 ? 12.520  -4.492  2.148   1.00 36.38 ? 567  LEU A CD2 1 
ATOM   1021 N N   . ARG A 1 199 ? 16.664  -4.645  -1.462  1.00 39.41 ? 568  ARG A N   1 
ATOM   1022 C CA  . ARG A 1 199 ? 18.063  -4.401  -1.781  1.00 40.75 ? 568  ARG A CA  1 
ATOM   1023 C C   . ARG A 1 199 ? 18.214  -2.983  -2.347  1.00 40.40 ? 568  ARG A C   1 
ATOM   1024 O O   . ARG A 1 199 ? 19.094  -2.228  -1.935  1.00 40.24 ? 568  ARG A O   1 
ATOM   1025 C CB  . ARG A 1 199 ? 18.549  -5.455  -2.784  1.00 41.65 ? 568  ARG A CB  1 
ATOM   1026 C CG  . ARG A 1 199 ? 20.048  -5.410  -3.136  1.00 46.04 ? 568  ARG A CG  1 
ATOM   1027 C CD  . ARG A 1 199 ? 20.391  -6.403  -4.288  1.00 51.37 ? 568  ARG A CD  1 
ATOM   1028 N NE  . ARG A 1 199 ? 19.624  -6.118  -5.517  1.00 55.86 ? 568  ARG A NE  1 
ATOM   1029 C CZ  . ARG A 1 199 ? 19.802  -6.726  -6.697  1.00 58.54 ? 568  ARG A CZ  1 
ATOM   1030 N NH1 . ARG A 1 199 ? 20.738  -7.664  -6.841  1.00 59.28 ? 568  ARG A NH1 1 
ATOM   1031 N NH2 . ARG A 1 199 ? 19.041  -6.385  -7.746  1.00 58.93 ? 568  ARG A NH2 1 
ATOM   1032 N N   . ALA A 1 200 ? 17.329  -2.632  -3.278  1.00 40.07 ? 569  ALA A N   1 
ATOM   1033 C CA  . ALA A 1 200 ? 17.345  -1.331  -3.909  1.00 39.92 ? 569  ALA A CA  1 
ATOM   1034 C C   . ALA A 1 200 ? 17.074  -0.238  -2.889  1.00 40.21 ? 569  ALA A C   1 
ATOM   1035 O O   . ALA A 1 200 ? 17.781  0.776   -2.860  1.00 40.15 ? 569  ALA A O   1 
ATOM   1036 C CB  . ALA A 1 200 ? 16.320  -1.282  -4.996  1.00 39.99 ? 569  ALA A CB  1 
ATOM   1037 N N   . LEU A 1 201 ? 16.059  -0.462  -2.047  1.00 40.13 ? 570  LEU A N   1 
ATOM   1038 C CA  . LEU A 1 201 ? 15.671  0.499   -1.013  1.00 39.79 ? 570  LEU A CA  1 
ATOM   1039 C C   . LEU A 1 201 ? 16.815  0.805   -0.060  1.00 39.92 ? 570  LEU A C   1 
ATOM   1040 O O   . LEU A 1 201 ? 16.983  1.938   0.381   1.00 39.83 ? 570  LEU A O   1 
ATOM   1041 C CB  . LEU A 1 201 ? 14.466  -0.022  -0.222  1.00 39.47 ? 570  LEU A CB  1 
ATOM   1042 C CG  . LEU A 1 201 ? 13.846  0.922   0.818   1.00 38.18 ? 570  LEU A CG  1 
ATOM   1043 C CD1 . LEU A 1 201 ? 13.458  2.259   0.193   1.00 35.82 ? 570  LEU A CD1 1 
ATOM   1044 C CD2 . LEU A 1 201 ? 12.645  0.255   1.471   1.00 36.06 ? 570  LEU A CD2 1 
ATOM   1045 N N   . ARG A 1 202 ? 17.603  -0.212  0.251   1.00 40.55 ? 571  ARG A N   1 
ATOM   1046 C CA  . ARG A 1 202 ? 18.725  -0.061  1.164   1.00 41.15 ? 571  ARG A CA  1 
ATOM   1047 C C   . ARG A 1 202 ? 19.837  0.748   0.509   1.00 41.20 ? 571  ARG A C   1 
ATOM   1048 O O   . ARG A 1 202 ? 20.416  1.652   1.116   1.00 41.75 ? 571  ARG A O   1 
ATOM   1049 C CB  . ARG A 1 202 ? 19.234  -1.430  1.562   1.00 41.50 ? 571  ARG A CB  1 
ATOM   1050 C CG  . ARG A 1 202 ? 20.137  -1.461  2.781   1.00 44.08 ? 571  ARG A CG  1 
ATOM   1051 C CD  . ARG A 1 202 ? 20.450  -2.919  3.120   1.00 47.79 ? 571  ARG A CD  1 
ATOM   1052 N NE  . ARG A 1 202 ? 21.477  -3.046  4.150   1.00 51.70 ? 571  ARG A NE  1 
ATOM   1053 C CZ  . ARG A 1 202 ? 22.785  -2.843  3.966   1.00 54.52 ? 571  ARG A CZ  1 
ATOM   1054 N NH1 . ARG A 1 202 ? 23.266  -2.467  2.778   1.00 55.93 ? 571  ARG A NH1 1 
ATOM   1055 N NH2 . ARG A 1 202 ? 23.625  -2.992  4.990   1.00 55.42 ? 571  ARG A NH2 1 
ATOM   1056 N N   . ALA A 1 203 ? 20.146  0.415   -0.733  1.00 41.24 ? 572  ALA A N   1 
ATOM   1057 C CA  . ALA A 1 203 ? 21.069  1.212   -1.496  1.00 41.35 ? 572  ALA A CA  1 
ATOM   1058 C C   . ALA A 1 203 ? 20.576  2.656   -1.450  1.00 41.65 ? 572  ALA A C   1 
ATOM   1059 O O   . ALA A 1 203 ? 21.274  3.523   -0.956  1.00 41.79 ? 572  ALA A O   1 
ATOM   1060 C CB  . ALA A 1 203 ? 21.154  0.705   -2.922  1.00 41.15 ? 572  ALA A CB  1 
ATOM   1061 N N   . LEU A 1 204 ? 19.351  2.897   -1.911  1.00 42.28 ? 573  LEU A N   1 
ATOM   1062 C CA  . LEU A 1 204 ? 18.824  4.267   -2.057  1.00 42.65 ? 573  LEU A CA  1 
ATOM   1063 C C   . LEU A 1 204 ? 18.960  5.046   -0.772  1.00 43.16 ? 573  LEU A C   1 
ATOM   1064 O O   . LEU A 1 204 ? 19.485  6.151   -0.762  1.00 43.51 ? 573  LEU A O   1 
ATOM   1065 C CB  . LEU A 1 204 ? 17.350  4.261   -2.491  1.00 42.51 ? 573  LEU A CB  1 
ATOM   1066 C CG  . LEU A 1 204 ? 16.695  5.614   -2.819  1.00 42.50 ? 573  LEU A CG  1 
ATOM   1067 C CD1 . LEU A 1 204 ? 17.580  6.460   -3.729  1.00 41.20 ? 573  LEU A CD1 1 
ATOM   1068 C CD2 . LEU A 1 204 ? 15.324  5.390   -3.450  1.00 40.93 ? 573  LEU A CD2 1 
ATOM   1069 N N   . VAL A 1 205 ? 18.500  4.448   0.314   1.00 43.57 ? 574  VAL A N   1 
ATOM   1070 C CA  . VAL A 1 205 ? 18.519  5.105   1.594   1.00 44.04 ? 574  VAL A CA  1 
ATOM   1071 C C   . VAL A 1 205 ? 19.932  5.417   2.073   1.00 44.89 ? 574  VAL A C   1 
ATOM   1072 O O   . VAL A 1 205 ? 20.124  6.395   2.777   1.00 45.30 ? 574  VAL A O   1 
ATOM   1073 C CB  . VAL A 1 205 ? 17.759  4.266   2.637   1.00 43.93 ? 574  VAL A CB  1 
ATOM   1074 C CG1 . VAL A 1 205 ? 18.224  4.573   4.001   1.00 44.21 ? 574  VAL A CG1 1 
ATOM   1075 C CG2 . VAL A 1 205 ? 16.263  4.531   2.524   1.00 43.82 ? 574  VAL A CG2 1 
ATOM   1076 N N   . LEU A 1 206 ? 20.921  4.606   1.703   1.00 46.06 ? 575  LEU A N   1 
ATOM   1077 C CA  . LEU A 1 206 ? 22.301  4.818   2.177   1.00 46.85 ? 575  LEU A CA  1 
ATOM   1078 C C   . LEU A 1 206 ? 23.108  5.786   1.312   1.00 47.31 ? 575  LEU A C   1 
ATOM   1079 O O   . LEU A 1 206 ? 24.044  6.422   1.798   1.00 47.40 ? 575  LEU A O   1 
ATOM   1080 C CB  . LEU A 1 206 ? 23.048  3.492   2.317   1.00 47.19 ? 575  LEU A CB  1 
ATOM   1081 C CG  . LEU A 1 206 ? 22.930  2.839   3.699   1.00 48.59 ? 575  LEU A CG  1 
ATOM   1082 C CD1 . LEU A 1 206 ? 23.363  1.380   3.618   1.00 50.31 ? 575  LEU A CD1 1 
ATOM   1083 C CD2 . LEU A 1 206 ? 23.751  3.588   4.760   1.00 48.74 ? 575  LEU A CD2 1 
ATOM   1084 N N   . LYS A 1 207 ? 22.763  5.881   0.036   1.00 48.03 ? 576  LYS A N   1 
ATOM   1085 C CA  . LYS A 1 207 ? 23.261  6.953   -0.828  1.00 48.80 ? 576  LYS A CA  1 
ATOM   1086 C C   . LYS A 1 207 ? 22.737  8.296   -0.309  1.00 48.93 ? 576  LYS A C   1 
ATOM   1087 O O   . LYS A 1 207 ? 23.470  9.286   -0.287  1.00 49.73 ? 576  LYS A O   1 
ATOM   1088 C CB  . LYS A 1 207 ? 22.823  6.715   -2.288  1.00 49.03 ? 576  LYS A CB  1 
ATOM   1089 C CG  . LYS A 1 207 ? 23.157  7.848   -3.290  1.00 50.50 ? 576  LYS A CG  1 
ATOM   1090 C CD  . LYS A 1 207 ? 21.940  8.745   -3.637  1.00 51.73 ? 576  LYS A CD  1 
ATOM   1091 C CE  . LYS A 1 207 ? 22.278  9.789   -4.724  1.00 52.06 ? 576  LYS A CE  1 
ATOM   1092 N N   . ASN A 1 208 ? 21.478  8.309   0.129   1.00 48.92 ? 577  ASN A N   1 
ATOM   1093 C CA  . ASN A 1 208 ? 20.796  9.536   0.543   1.00 48.73 ? 577  ASN A CA  1 
ATOM   1094 C C   . ASN A 1 208 ? 21.262  10.041  1.897   1.00 49.01 ? 577  ASN A C   1 
ATOM   1095 O O   . ASN A 1 208 ? 21.590  11.222  2.024   1.00 49.29 ? 577  ASN A O   1 
ATOM   1096 C CB  . ASN A 1 208 ? 19.266  9.338   0.556   1.00 48.58 ? 577  ASN A CB  1 
ATOM   1097 C CG  . ASN A 1 208 ? 18.632  9.516   -0.817  1.00 47.60 ? 577  ASN A CG  1 
ATOM   1098 O OD1 . ASN A 1 208 ? 19.286  9.918   -1.755  1.00 47.13 ? 577  ASN A OD1 1 
ATOM   1099 N ND2 . ASN A 1 208 ? 17.345  9.224   -0.923  1.00 47.84 ? 577  ASN A ND2 1 
ATOM   1100 N N   . ARG A 1 209 ? 21.275  9.164   2.904   1.00 49.31 ? 578  ARG A N   1 
ATOM   1101 C CA  . ARG A 1 209 ? 21.678  9.539   4.267   1.00 49.64 ? 578  ARG A CA  1 
ATOM   1102 C C   . ARG A 1 209 ? 22.643  8.532   4.912   1.00 49.91 ? 578  ARG A C   1 
ATOM   1103 O O   . ARG A 1 209 ? 22.234  7.749   5.781   1.00 50.02 ? 578  ARG A O   1 
ATOM   1104 C CB  . ARG A 1 209 ? 20.453  9.720   5.157   1.00 49.63 ? 578  ARG A CB  1 
ATOM   1105 C CG  . ARG A 1 209 ? 19.359  10.589  4.562   1.00 50.64 ? 578  ARG A CG  1 
ATOM   1106 C CD  . ARG A 1 209 ? 18.483  11.221  5.653   1.00 52.09 ? 578  ARG A CD  1 
ATOM   1107 N NE  . ARG A 1 209 ? 19.169  12.346  6.301   1.00 53.47 ? 578  ARG A NE  1 
ATOM   1108 C CZ  . ARG A 1 209 ? 19.296  12.556  7.617   1.00 54.04 ? 578  ARG A CZ  1 
ATOM   1109 N NH1 . ARG A 1 209 ? 18.768  11.730  8.520   1.00 54.66 ? 578  ARG A NH1 1 
ATOM   1110 N NH2 . ARG A 1 209 ? 19.951  13.637  8.035   1.00 54.33 ? 578  ARG A NH2 1 
ATOM   1111 N N   . PRO A 1 210 ? 23.936  8.571   4.511   1.00 50.34 ? 579  PRO A N   1 
ATOM   1112 C CA  . PRO A 1 210 ? 24.985  7.656   5.025   1.00 50.54 ? 579  PRO A CA  1 
ATOM   1113 C C   . PRO A 1 210 ? 25.210  7.622   6.555   1.00 50.90 ? 579  PRO A C   1 
ATOM   1114 O O   . PRO A 1 210 ? 25.610  6.585   7.099   1.00 51.30 ? 579  PRO A O   1 
ATOM   1115 C CB  . PRO A 1 210 ? 26.248  8.140   4.311   1.00 50.45 ? 579  PRO A CB  1 
ATOM   1116 C CG  . PRO A 1 210 ? 25.757  8.782   3.063   1.00 50.44 ? 579  PRO A CG  1 
ATOM   1117 C CD  . PRO A 1 210 ? 24.438  9.399   3.393   1.00 50.26 ? 579  PRO A CD  1 
ATOM   1118 N N   . LEU A 1 211 ? 24.960  8.724   7.248   1.00 51.07 ? 580  LEU A N   1 
ATOM   1119 C CA  . LEU A 1 211 ? 25.188  8.744   8.689   1.00 51.43 ? 580  LEU A CA  1 
ATOM   1120 C C   . LEU A 1 211 ? 23.991  8.218   9.508   1.00 51.57 ? 580  LEU A C   1 
ATOM   1121 O O   . LEU A 1 211 ? 24.164  7.753   10.658  1.00 51.82 ? 580  LEU A O   1 
ATOM   1122 C CB  . LEU A 1 211 ? 25.595  10.146  9.143   1.00 51.50 ? 580  LEU A CB  1 
ATOM   1123 C CG  . LEU A 1 211 ? 26.811  10.743  8.406   1.00 52.26 ? 580  LEU A CG  1 
ATOM   1124 C CD1 . LEU A 1 211 ? 27.452  11.837  9.281   1.00 52.37 ? 580  LEU A CD1 1 
ATOM   1125 C CD2 . LEU A 1 211 ? 27.860  9.694   7.985   1.00 50.69 ? 580  LEU A CD2 1 
ATOM   1126 N N   . GLU A 1 212 ? 22.785  8.297   8.947   1.00 51.11 ? 581  GLU A N   1 
ATOM   1127 C CA  . GLU A 1 212 ? 21.642  7.682   9.598   1.00 50.83 ? 581  GLU A CA  1 
ATOM   1128 C C   . GLU A 1 212 ? 21.597  6.226   9.134   1.00 50.12 ? 581  GLU A C   1 
ATOM   1129 O O   . GLU A 1 212 ? 21.000  5.913   8.094   1.00 50.78 ? 581  GLU A O   1 
ATOM   1130 C CB  . GLU A 1 212 ? 20.342  8.418   9.271   1.00 51.03 ? 581  GLU A CB  1 
ATOM   1131 C CG  . GLU A 1 212 ? 19.202  8.073   10.240  1.00 52.21 ? 581  GLU A CG  1 
ATOM   1132 C CD  . GLU A 1 212 ? 17.818  8.414   9.702   1.00 54.49 ? 581  GLU A CD  1 
ATOM   1133 O OE1 . GLU A 1 212 ? 17.722  8.922   8.554   1.00 55.60 ? 581  GLU A OE1 1 
ATOM   1134 O OE2 . GLU A 1 212 ? 16.822  8.171   10.428  1.00 55.26 ? 581  GLU A OE2 1 
ATOM   1135 N N   . THR A 1 213 ? 22.249  5.343   9.892   1.00 48.85 ? 582  THR A N   1 
ATOM   1136 C CA  . THR A 1 213 ? 22.365  3.932   9.503   1.00 47.81 ? 582  THR A CA  1 
ATOM   1137 C C   . THR A 1 213 ? 21.146  3.103   9.914   1.00 46.82 ? 582  THR A C   1 
ATOM   1138 O O   . THR A 1 213 ? 20.953  2.005   9.410   1.00 47.64 ? 582  THR A O   1 
ATOM   1139 C CB  . THR A 1 213 ? 23.678  3.298   10.044  1.00 47.90 ? 582  THR A CB  1 
ATOM   1140 O OG1 . THR A 1 213 ? 23.951  3.808   11.348  1.00 46.78 ? 582  THR A OG1 1 
ATOM   1141 C CG2 . THR A 1 213 ? 24.870  3.633   9.120   1.00 47.72 ? 582  THR A CG2 1 
ATOM   1142 N N   . SER A 1 214 ? 20.311  3.636   10.801  1.00 45.38 ? 583  SER A N   1 
ATOM   1143 C CA  . SER A 1 214 ? 19.045  2.991   11.162  1.00 44.31 ? 583  SER A CA  1 
ATOM   1144 C C   . SER A 1 214 ? 17.856  3.495   10.330  1.00 43.09 ? 583  SER A C   1 
ATOM   1145 O O   . SER A 1 214 ? 16.694  3.198   10.644  1.00 42.71 ? 583  SER A O   1 
ATOM   1146 C CB  . SER A 1 214 ? 18.736  3.272   12.626  1.00 44.56 ? 583  SER A CB  1 
ATOM   1147 O OG  . SER A 1 214 ? 18.401  4.646   12.788  1.00 44.65 ? 583  SER A OG  1 
ATOM   1148 N N   . ARG A 1 215 ? 18.136  4.281   9.294   1.00 41.64 ? 584  ARG A N   1 
ATOM   1149 C CA  . ARG A 1 215 ? 17.083  4.825   8.445   1.00 40.64 ? 584  ARG A CA  1 
ATOM   1150 C C   . ARG A 1 215 ? 16.316  3.700   7.801   1.00 39.02 ? 584  ARG A C   1 
ATOM   1151 O O   . ARG A 1 215 ? 15.107  3.685   7.809   1.00 38.95 ? 584  ARG A O   1 
ATOM   1152 C CB  . ARG A 1 215 ? 17.667  5.729   7.359   1.00 40.90 ? 584  ARG A CB  1 
ATOM   1153 C CG  . ARG A 1 215 ? 16.623  6.323   6.415   1.00 41.79 ? 584  ARG A CG  1 
ATOM   1154 C CD  . ARG A 1 215 ? 17.214  7.445   5.552   1.00 43.45 ? 584  ARG A CD  1 
ATOM   1155 N NE  . ARG A 1 215 ? 16.194  8.135   4.749   1.00 44.32 ? 584  ARG A NE  1 
ATOM   1156 C CZ  . ARG A 1 215 ? 15.341  9.049   5.213   1.00 43.18 ? 584  ARG A CZ  1 
ATOM   1157 N NH1 . ARG A 1 215 ? 15.357  9.418   6.490   1.00 41.61 ? 584  ARG A NH1 1 
ATOM   1158 N NH2 . ARG A 1 215 ? 14.467  9.603   4.382   1.00 43.81 ? 584  ARG A NH2 1 
ATOM   1159 N N   . PHE A 1 216 ? 17.040  2.760   7.230   1.00 37.86 ? 585  PHE A N   1 
ATOM   1160 C CA  . PHE A 1 216 ? 16.429  1.598   6.611   1.00 37.01 ? 585  PHE A CA  1 
ATOM   1161 C C   . PHE A 1 216 ? 15.738  0.735   7.668   1.00 36.83 ? 585  PHE A C   1 
ATOM   1162 O O   . PHE A 1 216 ? 14.696  0.132   7.414   1.00 36.44 ? 585  PHE A O   1 
ATOM   1163 C CB  . PHE A 1 216 ? 17.505  0.802   5.876   1.00 36.67 ? 585  PHE A CB  1 
ATOM   1164 C CG  . PHE A 1 216 ? 16.983  -0.382  5.144   1.00 35.46 ? 585  PHE A CG  1 
ATOM   1165 C CD1 . PHE A 1 216 ? 16.271  -0.216  3.964   1.00 33.30 ? 585  PHE A CD1 1 
ATOM   1166 C CD2 . PHE A 1 216 ? 17.190  -1.666  5.637   1.00 34.10 ? 585  PHE A CD2 1 
ATOM   1167 C CE1 . PHE A 1 216 ? 15.784  -1.301  3.284   1.00 32.44 ? 585  PHE A CE1 1 
ATOM   1168 C CE2 . PHE A 1 216 ? 16.702  -2.756  4.958   1.00 33.70 ? 585  PHE A CE2 1 
ATOM   1169 C CZ  . PHE A 1 216 ? 15.997  -2.571  3.769   1.00 32.92 ? 585  PHE A CZ  1 
ATOM   1170 N N   . THR A 1 217 ? 16.329  0.692   8.857   1.00 36.95 ? 586  THR A N   1 
ATOM   1171 C CA  . THR A 1 217 ? 15.750  -0.032  9.985   1.00 37.10 ? 586  THR A CA  1 
ATOM   1172 C C   . THR A 1 217 ? 14.397  0.547   10.355  1.00 37.87 ? 586  THR A C   1 
ATOM   1173 O O   . THR A 1 217 ? 13.446  -0.207  10.518  1.00 38.21 ? 586  THR A O   1 
ATOM   1174 C CB  . THR A 1 217 ? 16.695  -0.025  11.201  1.00 36.71 ? 586  THR A CB  1 
ATOM   1175 O OG1 . THR A 1 217 ? 17.958  -0.569  10.799  1.00 36.70 ? 586  THR A OG1 1 
ATOM   1176 C CG2 . THR A 1 217 ? 16.137  -0.841  12.327  1.00 35.37 ? 586  THR A CG2 1 
ATOM   1177 N N   . LYS A 1 218 ? 14.302  1.873   10.465  1.00 38.62 ? 587  LYS A N   1 
ATOM   1178 C CA  . LYS A 1 218 ? 13.028  2.525   10.794  1.00 39.44 ? 587  LYS A CA  1 
ATOM   1179 C C   . LYS A 1 218 ? 11.928  2.235   9.769   1.00 39.51 ? 587  LYS A C   1 
ATOM   1180 O O   . LYS A 1 218 ? 10.773  1.978   10.144  1.00 39.71 ? 587  LYS A O   1 
ATOM   1181 C CB  . LYS A 1 218 ? 13.200  4.035   10.898  1.00 40.09 ? 587  LYS A CB  1 
ATOM   1182 C CG  . LYS A 1 218 ? 14.021  4.507   12.093  1.00 42.20 ? 587  LYS A CG  1 
ATOM   1183 C CD  . LYS A 1 218 ? 14.300  6.010   11.976  1.00 45.56 ? 587  LYS A CD  1 
ATOM   1184 C CE  . LYS A 1 218 ? 15.582  6.414   12.726  1.00 48.62 ? 587  LYS A CE  1 
ATOM   1185 N NZ  . LYS A 1 218 ? 15.793  7.918   12.830  1.00 50.60 ? 587  LYS A NZ  1 
ATOM   1186 N N   . LEU A 1 219 ? 12.291  2.276   8.487   1.00 39.25 ? 588  LEU A N   1 
ATOM   1187 C CA  . LEU A 1 219 ? 11.372  1.931   7.412   1.00 39.24 ? 588  LEU A CA  1 
ATOM   1188 C C   . LEU A 1 219 ? 10.868  0.503   7.517   1.00 39.09 ? 588  LEU A C   1 
ATOM   1189 O O   . LEU A 1 219 ? 9.672   0.249   7.404   1.00 39.34 ? 588  LEU A O   1 
ATOM   1190 C CB  . LEU A 1 219 ? 12.034  2.134   6.046   1.00 39.37 ? 588  LEU A CB  1 
ATOM   1191 C CG  . LEU A 1 219 ? 11.925  3.560   5.513   1.00 39.67 ? 588  LEU A CG  1 
ATOM   1192 C CD1 . LEU A 1 219 ? 12.861  3.778   4.321   1.00 39.25 ? 588  LEU A CD1 1 
ATOM   1193 C CD2 . LEU A 1 219 ? 10.466  3.849   5.152   1.00 38.98 ? 588  LEU A CD2 1 
ATOM   1194 N N   . LEU A 1 220 ? 11.781  -0.436  7.708   1.00 38.98 ? 589  LEU A N   1 
ATOM   1195 C CA  . LEU A 1 220 ? 11.391  -1.825  7.932   1.00 39.22 ? 589  LEU A CA  1 
ATOM   1196 C C   . LEU A 1 220 ? 10.480  -2.015  9.162   1.00 38.86 ? 589  LEU A C   1 
ATOM   1197 O O   . LEU A 1 220 ? 9.732   -2.988  9.226   1.00 38.34 ? 589  LEU A O   1 
ATOM   1198 C CB  . LEU A 1 220 ? 12.629  -2.733  8.071   1.00 39.55 ? 589  LEU A CB  1 
ATOM   1199 C CG  . LEU A 1 220 ? 13.428  -3.042  6.803   1.00 40.26 ? 589  LEU A CG  1 
ATOM   1200 C CD1 . LEU A 1 220 ? 14.678  -3.854  7.161   1.00 40.21 ? 589  LEU A CD1 1 
ATOM   1201 C CD2 . LEU A 1 220 ? 12.570  -3.772  5.796   1.00 39.63 ? 589  LEU A CD2 1 
ATOM   1202 N N   . LEU A 1 221 ? 10.561  -1.106  10.137  1.00 38.98 ? 590  LEU A N   1 
ATOM   1203 C CA  . LEU A 1 221 ? 9.716   -1.192  11.346  1.00 38.93 ? 590  LEU A CA  1 
ATOM   1204 C C   . LEU A 1 221 ? 8.278   -0.741  11.091  1.00 38.67 ? 590  LEU A C   1 
ATOM   1205 O O   . LEU A 1 221 ? 7.388   -0.972  11.917  1.00 39.17 ? 590  LEU A O   1 
ATOM   1206 C CB  . LEU A 1 221 ? 10.318  -0.390  12.510  1.00 38.92 ? 590  LEU A CB  1 
ATOM   1207 C CG  . LEU A 1 221 ? 11.561  -0.963  13.208  1.00 39.06 ? 590  LEU A CG  1 
ATOM   1208 C CD1 . LEU A 1 221 ? 11.996  0.033   14.278  1.00 39.21 ? 590  LEU A CD1 1 
ATOM   1209 C CD2 . LEU A 1 221 ? 11.332  -2.339  13.806  1.00 36.37 ? 590  LEU A CD2 1 
ATOM   1210 N N   . LYS A 1 222 ? 8.039   -0.109  9.947   1.00 38.31 ? 591  LYS A N   1 
ATOM   1211 C CA  . LYS A 1 222 ? 6.689   0.273   9.568   1.00 37.84 ? 591  LYS A CA  1 
ATOM   1212 C C   . LYS A 1 222 ? 5.879   -0.949  9.161   1.00 37.57 ? 591  LYS A C   1 
ATOM   1213 O O   . LYS A 1 222 ? 4.670   -0.887  9.124   1.00 37.87 ? 591  LYS A O   1 
ATOM   1214 C CB  . LYS A 1 222 ? 6.729   1.286   8.436   1.00 37.53 ? 591  LYS A CB  1 
ATOM   1215 C CG  . LYS A 1 222 ? 7.525   2.547   8.769   1.00 38.38 ? 591  LYS A CG  1 
ATOM   1216 C CD  . LYS A 1 222 ? 6.828   3.438   9.800   1.00 38.82 ? 591  LYS A CD  1 
ATOM   1217 C CE  . LYS A 1 222 ? 7.799   4.391   10.464  1.00 39.12 ? 591  LYS A CE  1 
ATOM   1218 N NZ  . LYS A 1 222 ? 8.715   3.660   11.405  1.00 39.93 ? 591  LYS A NZ  1 
ATOM   1219 N N   . LEU A 1 223 ? 6.535   -2.064  8.875   1.00 37.41 ? 592  LEU A N   1 
ATOM   1220 C CA  . LEU A 1 223 ? 5.837   -3.223  8.352   1.00 37.65 ? 592  LEU A CA  1 
ATOM   1221 C C   . LEU A 1 223 ? 4.932   -3.915  9.361   1.00 38.19 ? 592  LEU A C   1 
ATOM   1222 O O   . LEU A 1 223 ? 3.802   -4.231  9.012   1.00 38.18 ? 592  LEU A O   1 
ATOM   1223 C CB  . LEU A 1 223 ? 6.811   -4.227  7.744   1.00 37.45 ? 592  LEU A CB  1 
ATOM   1224 C CG  . LEU A 1 223 ? 7.601   -3.777  6.513   1.00 37.93 ? 592  LEU A CG  1 
ATOM   1225 C CD1 . LEU A 1 223 ? 8.426   -4.970  6.011   1.00 40.22 ? 592  LEU A CD1 1 
ATOM   1226 C CD2 . LEU A 1 223 ? 6.728   -3.218  5.389   1.00 36.85 ? 592  LEU A CD2 1 
ATOM   1227 N N   . PRO A 1 224 ? 5.423   -4.175  10.597  1.00 39.20 ? 593  PRO A N   1 
ATOM   1228 C CA  . PRO A 1 224 ? 4.554   -4.733  11.636  1.00 39.39 ? 593  PRO A CA  1 
ATOM   1229 C C   . PRO A 1 224 ? 3.388   -3.818  11.928  1.00 39.91 ? 593  PRO A C   1 
ATOM   1230 O O   . PRO A 1 224 ? 2.266   -4.311  12.115  1.00 40.60 ? 593  PRO A O   1 
ATOM   1231 C CB  . PRO A 1 224 ? 5.459   -4.814  12.877  1.00 39.50 ? 593  PRO A CB  1 
ATOM   1232 C CG  . PRO A 1 224 ? 6.841   -4.754  12.386  1.00 39.57 ? 593  PRO A CG  1 
ATOM   1233 C CD  . PRO A 1 224 ? 6.800   -3.977  11.099  1.00 39.61 ? 593  PRO A CD  1 
ATOM   1234 N N   . ASP A 1 225 ? 3.657   -2.506  11.967  1.00 39.91 ? 594  ASP A N   1 
ATOM   1235 C CA  . ASP A 1 225 ? 2.611   -1.493  12.163  1.00 40.25 ? 594  ASP A CA  1 
ATOM   1236 C C   . ASP A 1 225 ? 1.512   -1.639  11.111  1.00 40.08 ? 594  ASP A C   1 
ATOM   1237 O O   . ASP A 1 225 ? 0.306   -1.612  11.434  1.00 40.54 ? 594  ASP A O   1 
ATOM   1238 C CB  . ASP A 1 225 ? 3.175   -0.067  12.066  1.00 40.34 ? 594  ASP A CB  1 
ATOM   1239 C CG  . ASP A 1 225 ? 4.257   0.217   13.089  1.00 41.69 ? 594  ASP A CG  1 
ATOM   1240 O OD1 . ASP A 1 225 ? 4.318   -0.499  14.114  1.00 44.39 ? 594  ASP A OD1 1 
ATOM   1241 O OD2 . ASP A 1 225 ? 5.040   1.175   12.875  1.00 43.26 ? 594  ASP A OD2 1 
ATOM   1242 N N   . LEU A 1 226 ? 1.932   -1.786  9.855   1.00 39.33 ? 595  LEU A N   1 
ATOM   1243 C CA  . LEU A 1 226 ? 0.988   -1.897  8.750   1.00 38.97 ? 595  LEU A CA  1 
ATOM   1244 C C   . LEU A 1 226 ? 0.189   -3.180  8.869   1.00 39.23 ? 595  LEU A C   1 
ATOM   1245 O O   . LEU A 1 226 ? -0.997  -3.188  8.593   1.00 39.04 ? 595  LEU A O   1 
ATOM   1246 C CB  . LEU A 1 226 ? 1.700   -1.808  7.399   1.00 38.39 ? 595  LEU A CB  1 
ATOM   1247 C CG  . LEU A 1 226 ? 2.047   -0.379  6.976   1.00 37.21 ? 595  LEU A CG  1 
ATOM   1248 C CD1 . LEU A 1 226 ? 3.021   -0.404  5.827   1.00 35.95 ? 595  LEU A CD1 1 
ATOM   1249 C CD2 . LEU A 1 226 ? 0.798   0.391   6.600   1.00 35.85 ? 595  LEU A CD2 1 
ATOM   1250 N N   . ARG A 1 227 ? 0.829   -4.254  9.308   1.00 39.70 ? 596  ARG A N   1 
ATOM   1251 C CA  . ARG A 1 227 ? 0.118   -5.505  9.536   1.00 40.36 ? 596  ARG A CA  1 
ATOM   1252 C C   . ARG A 1 227 ? -0.950  -5.319  10.612  1.00 40.81 ? 596  ARG A C   1 
ATOM   1253 O O   . ARG A 1 227 ? -2.057  -5.861  10.507  1.00 40.59 ? 596  ARG A O   1 
ATOM   1254 C CB  . ARG A 1 227 ? 1.080   -6.592  9.983   1.00 40.53 ? 596  ARG A CB  1 
ATOM   1255 C CG  . ARG A 1 227 ? 0.776   -7.928  9.382   1.00 41.80 ? 596  ARG A CG  1 
ATOM   1256 C CD  . ARG A 1 227 ? 1.290   -8.038  7.943   1.00 43.32 ? 596  ARG A CD  1 
ATOM   1257 N NE  . ARG A 1 227 ? 1.872   -9.362  7.709   1.00 44.98 ? 596  ARG A NE  1 
ATOM   1258 C CZ  . ARG A 1 227 ? 2.873   -9.618  6.873   1.00 47.75 ? 596  ARG A CZ  1 
ATOM   1259 N NH1 . ARG A 1 227 ? 3.430   -8.640  6.172   1.00 49.42 ? 596  ARG A NH1 1 
ATOM   1260 N NH2 . ARG A 1 227 ? 3.334   -10.860 6.737   1.00 49.39 ? 596  ARG A NH2 1 
ATOM   1261 N N   . THR A 1 228 ? -0.626  -4.541  11.645  1.00 41.06 ? 597  THR A N   1 
ATOM   1262 C CA  . THR A 1 228 ? -1.580  -4.303  12.718  1.00 41.40 ? 597  THR A CA  1 
ATOM   1263 C C   . THR A 1 228 ? -2.738  -3.443  12.238  1.00 41.44 ? 597  THR A C   1 
ATOM   1264 O O   . THR A 1 228 ? -3.883  -3.810  12.453  1.00 41.79 ? 597  THR A O   1 
ATOM   1265 C CB  . THR A 1 228 ? -0.924  -3.690  13.982  1.00 41.58 ? 597  THR A CB  1 
ATOM   1266 O OG1 . THR A 1 228 ? -0.139  -4.689  14.635  1.00 42.93 ? 597  THR A OG1 1 
ATOM   1267 C CG2 . THR A 1 228 ? -1.960  -3.214  14.966  1.00 40.33 ? 597  THR A CG2 1 
ATOM   1268 N N   . LEU A 1 229 ? -2.455  -2.314  11.596  1.00 41.80 ? 598  LEU A N   1 
ATOM   1269 C CA  . LEU A 1 229 ? -3.528  -1.466  11.057  1.00 42.03 ? 598  LEU A CA  1 
ATOM   1270 C C   . LEU A 1 229 ? -4.420  -2.340  10.171  1.00 42.67 ? 598  LEU A C   1 
ATOM   1271 O O   . LEU A 1 229 ? -5.649  -2.304  10.253  1.00 42.10 ? 598  LEU A O   1 
ATOM   1272 C CB  . LEU A 1 229 ? -2.969  -0.297  10.244  1.00 41.90 ? 598  LEU A CB  1 
ATOM   1273 C CG  . LEU A 1 229 ? -2.155  0.801   10.939  1.00 41.77 ? 598  LEU A CG  1 
ATOM   1274 C CD1 . LEU A 1 229 ? -1.410  1.680   9.924   1.00 41.38 ? 598  LEU A CD1 1 
ATOM   1275 C CD2 . LEU A 1 229 ? -3.063  1.657   11.756  1.00 41.49 ? 598  LEU A CD2 1 
ATOM   1276 N N   . ASN A 1 230 ? -3.775  -3.157  9.345   1.00 43.70 ? 599  ASN A N   1 
ATOM   1277 C CA  . ASN A 1 230 ? -4.479  -4.058  8.459   1.00 44.51 ? 599  ASN A CA  1 
ATOM   1278 C C   . ASN A 1 230 ? -5.392  -5.003  9.244   1.00 45.74 ? 599  ASN A C   1 
ATOM   1279 O O   . ASN A 1 230 ? -6.600  -5.068  8.988   1.00 45.77 ? 599  ASN A O   1 
ATOM   1280 C CB  . ASN A 1 230 ? -3.493  -4.846  7.599   1.00 44.22 ? 599  ASN A CB  1 
ATOM   1281 C CG  . ASN A 1 230 ? -4.183  -5.723  6.600   1.00 43.65 ? 599  ASN A CG  1 
ATOM   1282 O OD1 . ASN A 1 230 ? -5.344  -5.516  6.282   1.00 42.95 ? 599  ASN A OD1 1 
ATOM   1283 N ND2 . ASN A 1 230 ? -3.479  -6.708  6.097   1.00 44.54 ? 599  ASN A ND2 1 
ATOM   1284 N N   . ASN A 1 231 ? -4.817  -5.711  10.213  1.00 47.02 ? 600  ASN A N   1 
ATOM   1285 C CA  . ASN A 1 231 ? -5.558  -6.719  10.968  1.00 47.83 ? 600  ASN A CA  1 
ATOM   1286 C C   . ASN A 1 231 ? -6.733  -6.101  11.767  1.00 48.47 ? 600  ASN A C   1 
ATOM   1287 O O   . ASN A 1 231 ? -7.740  -6.767  12.000  1.00 48.88 ? 600  ASN A O   1 
ATOM   1288 C CB  . ASN A 1 231 ? -4.589  -7.556  11.846  1.00 47.94 ? 600  ASN A CB  1 
ATOM   1289 C CG  . ASN A 1 231 ? -3.604  -8.465  10.996  1.00 48.81 ? 600  ASN A CG  1 
ATOM   1290 O OD1 . ASN A 1 231 ? -3.846  -8.753  9.804   1.00 48.31 ? 600  ASN A OD1 1 
ATOM   1291 N ND2 . ASN A 1 231 ? -2.502  -8.907  11.625  1.00 46.29 ? 600  ASN A ND2 1 
ATOM   1292 N N   . MET A 1 232 ? -6.638  -4.819  12.117  1.00 48.98 ? 601  MET A N   1 
ATOM   1293 C CA  . MET A 1 232 ? -7.701  -4.130  12.862  1.00 49.67 ? 601  MET A CA  1 
ATOM   1294 C C   . MET A 1 232 ? -8.787  -3.422  12.037  1.00 49.23 ? 601  MET A C   1 
ATOM   1295 O O   . MET A 1 232 ? -9.944  -3.369  12.457  1.00 49.34 ? 601  MET A O   1 
ATOM   1296 C CB  . MET A 1 232 ? -7.082  -3.077  13.767  1.00 50.30 ? 601  MET A CB  1 
ATOM   1297 C CG  . MET A 1 232 ? -6.133  -3.653  14.758  1.00 53.39 ? 601  MET A CG  1 
ATOM   1298 S SD  . MET A 1 232 ? -5.699  -2.440  16.007  1.00 60.73 ? 601  MET A SD  1 
ATOM   1299 C CE  . MET A 1 232 ? -6.964  -2.799  17.258  1.00 61.44 ? 601  MET A CE  1 
ATOM   1300 N N   . HIS A 1 233 ? -8.419  -2.857  10.890  1.00 48.61 ? 602  HIS A N   1 
ATOM   1301 C CA  . HIS A 1 233 ? -9.312  -1.948  10.177  1.00 48.25 ? 602  HIS A CA  1 
ATOM   1302 C C   . HIS A 1 233 ? -9.800  -2.405  8.804   1.00 48.30 ? 602  HIS A C   1 
ATOM   1303 O O   . HIS A 1 233 ? -10.717 -1.794  8.259   1.00 48.67 ? 602  HIS A O   1 
ATOM   1304 C CB  . HIS A 1 233 ? -8.647  -0.589  10.042  1.00 48.00 ? 602  HIS A CB  1 
ATOM   1305 C CG  . HIS A 1 233 ? -8.306  0.029   11.350  1.00 47.67 ? 602  HIS A CG  1 
ATOM   1306 N ND1 . HIS A 1 233 ? -9.242  0.231   12.336  1.00 48.13 ? 602  HIS A ND1 1 
ATOM   1307 C CD2 . HIS A 1 233 ? -7.133  0.485   11.842  1.00 47.97 ? 602  HIS A CD2 1 
ATOM   1308 C CE1 . HIS A 1 233 ? -8.663  0.794   13.379  1.00 48.38 ? 602  HIS A CE1 1 
ATOM   1309 N NE2 . HIS A 1 233 ? -7.383  0.959   13.105  1.00 48.06 ? 602  HIS A NE2 1 
ATOM   1310 N N   . SER A 1 234 ? -9.229  -3.462  8.238   1.00 48.25 ? 603  SER A N   1 
ATOM   1311 C CA  . SER A 1 234 ? -9.652  -3.908  6.908   1.00 48.30 ? 603  SER A CA  1 
ATOM   1312 C C   . SER A 1 234 ? -11.094 -4.398  6.906   1.00 48.63 ? 603  SER A C   1 
ATOM   1313 O O   . SER A 1 234 ? -11.702 -4.544  5.850   1.00 48.86 ? 603  SER A O   1 
ATOM   1314 C CB  . SER A 1 234 ? -8.736  -5.009  6.391   1.00 48.19 ? 603  SER A CB  1 
ATOM   1315 O OG  . SER A 1 234 ? -8.594  -6.024  7.353   1.00 47.46 ? 603  SER A OG  1 
ATOM   1316 N N   . GLU A 1 235 ? -11.628 -4.653  8.094   1.00 48.95 ? 604  GLU A N   1 
ATOM   1317 C CA  . GLU A 1 235 ? -12.991 -5.101  8.245   1.00 49.47 ? 604  GLU A CA  1 
ATOM   1318 C C   . GLU A 1 235 ? -13.979 -3.931  8.412   1.00 49.04 ? 604  GLU A C   1 
ATOM   1319 O O   . GLU A 1 235 ? -15.184 -4.168  8.540   1.00 49.32 ? 604  GLU A O   1 
ATOM   1320 C CB  . GLU A 1 235 ? -13.089 -6.072  9.429   1.00 50.03 ? 604  GLU A CB  1 
ATOM   1321 C CG  . GLU A 1 235 ? -13.772 -7.404  9.096   1.00 52.77 ? 604  GLU A CG  1 
ATOM   1322 C CD  . GLU A 1 235 ? -12.881 -8.336  8.266   1.00 57.21 ? 604  GLU A CD  1 
ATOM   1323 O OE1 . GLU A 1 235 ? -12.537 -9.431  8.781   1.00 60.10 ? 604  GLU A OE1 1 
ATOM   1324 O OE2 . GLU A 1 235 ? -12.511 -7.978  7.114   1.00 59.87 ? 604  GLU A OE2 1 
ATOM   1325 N N   . LYS A 1 236 ? -13.496 -2.685  8.405   1.00 48.37 ? 605  LYS A N   1 
ATOM   1326 C CA  . LYS A 1 236 ? -14.400 -1.520  8.422   1.00 47.86 ? 605  LYS A CA  1 
ATOM   1327 C C   . LYS A 1 236 ? -15.405 -1.593  7.268   1.00 47.02 ? 605  LYS A C   1 
ATOM   1328 O O   . LYS A 1 236 ? -15.050 -1.993  6.163   1.00 46.60 ? 605  LYS A O   1 
ATOM   1329 C CB  . LYS A 1 236 ? -13.628 -0.193  8.324   1.00 47.89 ? 605  LYS A CB  1 
ATOM   1330 C CG  . LYS A 1 236 ? -12.882 0.229   9.587   1.00 48.97 ? 605  LYS A CG  1 
ATOM   1331 C CD  . LYS A 1 236 ? -13.688 0.058   10.872  1.00 50.44 ? 605  LYS A CD  1 
ATOM   1332 C CE  . LYS A 1 236 ? -13.012 0.755   12.060  1.00 51.15 ? 605  LYS A CE  1 
ATOM   1333 N NZ  . LYS A 1 236 ? -13.156 2.250   11.973  1.00 51.45 ? 605  LYS A NZ  1 
ATOM   1334 N N   . LEU A 1 237 ? -16.650 -1.197  7.542   1.00 46.34 ? 606  LEU A N   1 
ATOM   1335 C CA  . LEU A 1 237 ? -17.728 -1.244  6.552   1.00 45.66 ? 606  LEU A CA  1 
ATOM   1336 C C   . LEU A 1 237 ? -17.664 -0.066  5.615   1.00 45.40 ? 606  LEU A C   1 
ATOM   1337 O O   . LEU A 1 237 ? -17.504 1.059   6.050   1.00 45.44 ? 606  LEU A O   1 
ATOM   1338 C CB  . LEU A 1 237 ? -19.105 -1.240  7.219   1.00 45.35 ? 606  LEU A CB  1 
ATOM   1339 C CG  . LEU A 1 237 ? -19.594 -2.541  7.856   1.00 44.90 ? 606  LEU A CG  1 
ATOM   1340 C CD1 . LEU A 1 237 ? -20.969 -2.283  8.445   1.00 44.52 ? 606  LEU A CD1 1 
ATOM   1341 C CD2 . LEU A 1 237 ? -19.623 -3.710  6.876   1.00 42.79 ? 606  LEU A CD2 1 
ATOM   1342 N N   . LEU A 1 238 ? -17.789 -0.343  4.328   1.00 45.29 ? 607  LEU A N   1 
ATOM   1343 C CA  . LEU A 1 238 ? -18.081 0.673   3.349   1.00 45.45 ? 607  LEU A CA  1 
ATOM   1344 C C   . LEU A 1 238 ? -19.567 0.627   3.023   1.00 45.92 ? 607  LEU A C   1 
ATOM   1345 O O   . LEU A 1 238 ? -20.273 -0.300  3.404   1.00 45.72 ? 607  LEU A O   1 
ATOM   1346 C CB  . LEU A 1 238 ? -17.247 0.438   2.090   1.00 45.38 ? 607  LEU A CB  1 
ATOM   1347 C CG  . LEU A 1 238 ? -15.732 0.537   2.291   1.00 44.91 ? 607  LEU A CG  1 
ATOM   1348 C CD1 . LEU A 1 238 ? -15.062 0.673   0.935   1.00 44.40 ? 607  LEU A CD1 1 
ATOM   1349 C CD2 . LEU A 1 238 ? -15.350 1.710   3.201   1.00 43.79 ? 607  LEU A CD2 1 
ATOM   1350 N N   . SER A 1 239 ? -20.037 1.639   2.314   1.00 46.74 ? 608  SER A N   1 
ATOM   1351 C CA  . SER A 1 239 ? -21.450 1.759   1.990   1.00 47.57 ? 608  SER A CA  1 
ATOM   1352 C C   . SER A 1 239 ? -21.633 2.283   0.581   1.00 48.24 ? 608  SER A C   1 
ATOM   1353 O O   . SER A 1 239 ? -21.036 3.298   0.217   1.00 48.40 ? 608  SER A O   1 
ATOM   1354 C CB  . SER A 1 239 ? -22.113 2.719   2.964   1.00 47.63 ? 608  SER A CB  1 
ATOM   1355 O OG  . SER A 1 239 ? -23.512 2.696   2.805   1.00 48.21 ? 608  SER A OG  1 
ATOM   1356 N N   . PHE A 1 240 ? -22.458 1.605   -0.208  1.00 49.12 ? 609  PHE A N   1 
ATOM   1357 C CA  . PHE A 1 240 ? -22.716 2.024   -1.582  1.00 50.05 ? 609  PHE A CA  1 
ATOM   1358 C C   . PHE A 1 240 ? -24.204 2.015   -1.844  1.00 51.15 ? 609  PHE A C   1 
ATOM   1359 O O   . PHE A 1 240 ? -24.852 0.997   -1.647  1.00 51.29 ? 609  PHE A O   1 
ATOM   1360 C CB  . PHE A 1 240 ? -22.009 1.097   -2.575  1.00 50.00 ? 609  PHE A CB  1 
ATOM   1361 C CG  . PHE A 1 240 ? -20.521 1.089   -2.422  1.00 49.57 ? 609  PHE A CG  1 
ATOM   1362 C CD1 . PHE A 1 240 ? -19.754 2.072   -3.016  1.00 48.44 ? 609  PHE A CD1 1 
ATOM   1363 C CD2 . PHE A 1 240 ? -19.890 0.118   -1.641  1.00 49.62 ? 609  PHE A CD2 1 
ATOM   1364 C CE1 . PHE A 1 240 ? -18.378 2.086   -2.857  1.00 48.70 ? 609  PHE A CE1 1 
ATOM   1365 C CE2 . PHE A 1 240 ? -18.512 0.125   -1.474  1.00 49.17 ? 609  PHE A CE2 1 
ATOM   1366 C CZ  . PHE A 1 240 ? -17.754 1.111   -2.087  1.00 48.96 ? 609  PHE A CZ  1 
ATOM   1367 N N   . ARG A 1 241 ? -24.735 3.145   -2.298  1.00 52.69 ? 610  ARG A N   1 
ATOM   1368 C CA  . ARG A 1 241 ? -26.157 3.250   -2.592  1.00 54.17 ? 610  ARG A CA  1 
ATOM   1369 C C   . ARG A 1 241 ? -26.510 2.296   -3.724  1.00 54.91 ? 610  ARG A C   1 
ATOM   1370 O O   . ARG A 1 241 ? -25.992 2.422   -4.829  1.00 55.31 ? 610  ARG A O   1 
ATOM   1371 C CB  . ARG A 1 241 ? -26.550 4.688   -2.963  1.00 54.59 ? 610  ARG A CB  1 
ATOM   1372 C CG  . ARG A 1 241 ? -28.073 4.963   -2.882  1.00 55.91 ? 610  ARG A CG  1 
ATOM   1373 C CD  . ARG A 1 241 ? -28.407 6.414   -3.222  1.00 57.57 ? 610  ARG A CD  1 
ATOM   1374 N NE  . ARG A 1 241 ? -27.694 7.368   -2.369  1.00 58.61 ? 610  ARG A NE  1 
ATOM   1375 N N   . VAL A 1 242 ? -27.365 1.322   -3.425  1.00 55.80 ? 611  VAL A N   1 
ATOM   1376 C CA  . VAL A 1 242 ? -27.844 0.389   -4.417  1.00 56.50 ? 611  VAL A CA  1 
ATOM   1377 C C   . VAL A 1 242 ? -28.924 1.112   -5.207  1.00 57.31 ? 611  VAL A C   1 
ATOM   1378 O O   . VAL A 1 242 ? -28.749 1.415   -6.399  1.00 58.06 ? 611  VAL A O   1 
ATOM   1379 C CB  . VAL A 1 242 ? -28.427 -0.877  -3.772  1.00 56.51 ? 611  VAL A CB  1 
ATOM   1380 C CG1 . VAL A 1 242 ? -29.278 -1.655  -4.783  1.00 56.77 ? 611  VAL A CG1 1 
ATOM   1381 C CG2 . VAL A 1 242 ? -27.312 -1.746  -3.214  1.00 56.69 ? 611  VAL A CG2 1 
ATOM   1382 N N   . THR B 2 1   ? -31.788 2.056   -1.124  1.00 48.84 ? 2045 THR B N   1 
ATOM   1383 C CA  . THR B 2 1   ? -31.106 1.044   -0.265  1.00 48.64 ? 2045 THR B CA  1 
ATOM   1384 C C   . THR B 2 1   ? -29.595 1.115   -0.466  1.00 48.20 ? 2045 THR B C   1 
ATOM   1385 O O   . THR B 2 1   ? -29.104 1.858   -1.320  1.00 48.04 ? 2045 THR B O   1 
ATOM   1386 C CB  . THR B 2 1   ? -31.630 -0.391  -0.541  1.00 48.74 ? 2045 THR B CB  1 
ATOM   1387 O OG1 . THR B 2 1   ? -31.571 -0.670  -1.946  1.00 49.41 ? 2045 THR B OG1 1 
ATOM   1388 C CG2 . THR B 2 1   ? -33.081 -0.538  -0.064  1.00 49.18 ? 2045 THR B CG2 1 
ATOM   1389 N N   . HIS B 2 2   ? -28.865 0.361   0.346   1.00 47.88 ? 2046 HIS B N   1 
ATOM   1390 C CA  . HIS B 2 2   ? -27.412 0.383   0.316   1.00 47.62 ? 2046 HIS B CA  1 
ATOM   1391 C C   . HIS B 2 2   ? -26.855 -1.007  0.400   1.00 47.33 ? 2046 HIS B C   1 
ATOM   1392 O O   . HIS B 2 2   ? -27.449 -1.889  1.018   1.00 47.00 ? 2046 HIS B O   1 
ATOM   1393 C CB  . HIS B 2 2   ? -26.846 1.182   1.485   1.00 47.67 ? 2046 HIS B CB  1 
ATOM   1394 C CG  . HIS B 2 2   ? -27.073 2.649   1.370   1.00 48.39 ? 2046 HIS B CG  1 
ATOM   1395 N ND1 . HIS B 2 2   ? -28.330 3.210   1.421   1.00 49.53 ? 2046 HIS B ND1 1 
ATOM   1396 C CD2 . HIS B 2 2   ? -26.207 3.674   1.203   1.00 48.97 ? 2046 HIS B CD2 1 
ATOM   1397 C CE1 . HIS B 2 2   ? -28.229 4.521   1.289   1.00 49.82 ? 2046 HIS B CE1 1 
ATOM   1398 N NE2 . HIS B 2 2   ? -26.951 4.829   1.156   1.00 48.97 ? 2046 HIS B NE2 1 
ATOM   1399 N N   . ARG B 2 3   ? -25.701 -1.173  -0.238  1.00 47.15 ? 2047 ARG B N   1 
ATOM   1400 C CA  . ARG B 2 3   ? -24.835 -2.323  -0.045  1.00 47.05 ? 2047 ARG B CA  1 
ATOM   1401 C C   . ARG B 2 3   ? -23.779 -1.974  1.010   1.00 45.87 ? 2047 ARG B C   1 
ATOM   1402 O O   . ARG B 2 3   ? -23.026 -0.993  0.858   1.00 45.60 ? 2047 ARG B O   1 
ATOM   1403 C CB  . ARG B 2 3   ? -24.133 -2.675  -1.364  1.00 47.77 ? 2047 ARG B CB  1 
ATOM   1404 C CG  . ARG B 2 3   ? -24.707 -3.865  -2.117  1.00 50.64 ? 2047 ARG B CG  1 
ATOM   1405 C CD  . ARG B 2 3   ? -24.101 -3.993  -3.533  1.00 54.50 ? 2047 ARG B CD  1 
ATOM   1406 N NE  . ARG B 2 3   ? -22.724 -3.483  -3.654  1.00 57.80 ? 2047 ARG B NE  1 
ATOM   1407 C CZ  . ARG B 2 3   ? -21.630 -4.060  -3.125  1.00 61.01 ? 2047 ARG B CZ  1 
ATOM   1408 N NH1 . ARG B 2 3   ? -21.729 -5.179  -2.394  1.00 61.66 ? 2047 ARG B NH1 1 
ATOM   1409 N NH2 . ARG B 2 3   ? -20.416 -3.508  -3.319  1.00 61.07 ? 2047 ARG B NH2 1 
ATOM   1410 N N   . LEU B 2 4   ? -23.731 -2.767  2.076   1.00 44.69 ? 2048 LEU B N   1 
ATOM   1411 C CA  . LEU B 2 4   ? -22.698 -2.626  3.109   1.00 43.94 ? 2048 LEU B CA  1 
ATOM   1412 C C   . LEU B 2 4   ? -21.684 -3.737  2.929   1.00 43.36 ? 2048 LEU B C   1 
ATOM   1413 O O   . LEU B 2 4   ? -22.019 -4.924  2.971   1.00 43.59 ? 2048 LEU B O   1 
ATOM   1414 C CB  . LEU B 2 4   ? -23.292 -2.654  4.517   1.00 43.79 ? 2048 LEU B CB  1 
ATOM   1415 C CG  . LEU B 2 4   ? -24.300 -1.531  4.820   1.00 43.53 ? 2048 LEU B CG  1 
ATOM   1416 C CD1 . LEU B 2 4   ? -25.031 -1.821  6.106   1.00 42.64 ? 2048 LEU B CD1 1 
ATOM   1417 C CD2 . LEU B 2 4   ? -23.633 -0.169  4.869   1.00 42.76 ? 2048 LEU B CD2 1 
ATOM   1418 N N   . ILE B 2 5   ? -20.438 -3.331  2.702   1.00 42.75 ? 2049 ILE B N   1 
ATOM   1419 C CA  . ILE B 2 5   ? -19.356 -4.243  2.325   1.00 41.49 ? 2049 ILE B CA  1 
ATOM   1420 C C   . ILE B 2 5   ? -18.093 -3.827  3.073   1.00 40.71 ? 2049 ILE B C   1 
ATOM   1421 O O   . ILE B 2 5   ? -17.777 -2.642  3.155   1.00 40.68 ? 2049 ILE B O   1 
ATOM   1422 C CB  . ILE B 2 5   ? -19.158 -4.255  0.767   1.00 41.24 ? 2049 ILE B CB  1 
ATOM   1423 C CG1 . ILE B 2 5   ? -18.190 -5.367  0.341   1.00 41.15 ? 2049 ILE B CG1 1 
ATOM   1424 C CG2 . ILE B 2 5   ? -18.729 -2.885  0.250   1.00 40.63 ? 2049 ILE B CG2 1 
ATOM   1425 C CD1 . ILE B 2 5   ? -18.184 -5.655  -1.166  1.00 40.56 ? 2049 ILE B CD1 1 
ATOM   1426 N N   . THR B 2 6   ? -17.392 -4.796  3.654   1.00 40.01 ? 2050 THR B N   1 
ATOM   1427 C CA  . THR B 2 6   ? -16.132 -4.505  4.336   1.00 39.28 ? 2050 THR B CA  1 
ATOM   1428 C C   . THR B 2 6   ? -15.089 -3.983  3.366   1.00 39.04 ? 2050 THR B C   1 
ATOM   1429 O O   . THR B 2 6   ? -15.085 -4.320  2.181   1.00 38.39 ? 2050 THR B O   1 
ATOM   1430 C CB  . THR B 2 6   ? -15.557 -5.717  5.062   1.00 39.08 ? 2050 THR B CB  1 
ATOM   1431 O OG1 . THR B 2 6   ? -15.312 -6.765  4.114   1.00 38.94 ? 2050 THR B OG1 1 
ATOM   1432 C CG2 . THR B 2 6   ? -16.514 -6.180  6.153   1.00 37.52 ? 2050 THR B CG2 1 
ATOM   1433 N N   . LEU B 2 7   ? -14.219 -3.137  3.895   1.00 39.27 ? 2051 LEU B N   1 
ATOM   1434 C CA  . LEU B 2 7   ? -13.162 -2.514  3.117   1.00 39.79 ? 2051 LEU B CA  1 
ATOM   1435 C C   . LEU B 2 7   ? -12.295 -3.590  2.478   1.00 39.81 ? 2051 LEU B C   1 
ATOM   1436 O O   . LEU B 2 7   ? -11.896 -3.472  1.329   1.00 39.71 ? 2051 LEU B O   1 
ATOM   1437 C CB  . LEU B 2 7   ? -12.348 -1.601  4.026   1.00 39.98 ? 2051 LEU B CB  1 
ATOM   1438 C CG  . LEU B 2 7   ? -11.115 -0.876  3.498   1.00 41.37 ? 2051 LEU B CG  1 
ATOM   1439 C CD1 . LEU B 2 7   ? -11.254 -0.362  2.052   1.00 41.28 ? 2051 LEU B CD1 1 
ATOM   1440 C CD2 . LEU B 2 7   ? -10.874 0.272   4.475   1.00 42.05 ? 2051 LEU B CD2 1 
ATOM   1441 N N   . ALA B 2 8   ? -12.048 -4.666  3.219   1.00 40.17 ? 2052 ALA B N   1 
ATOM   1442 C CA  . ALA B 2 8   ? -11.323 -5.820  2.686   1.00 40.25 ? 2052 ALA B CA  1 
ATOM   1443 C C   . ALA B 2 8   ? -12.064 -6.486  1.501   1.00 40.44 ? 2052 ALA B C   1 
ATOM   1444 O O   . ALA B 2 8   ? -11.456 -6.784  0.468   1.00 40.62 ? 2052 ALA B O   1 
ATOM   1445 C CB  . ALA B 2 8   ? -11.060 -6.831  3.803   1.00 39.97 ? 2052 ALA B CB  1 
ATOM   1446 N N   . ASP B 2 9   ? -13.370 -6.716  1.644   1.00 40.59 ? 2053 ASP B N   1 
ATOM   1447 C CA  . ASP B 2 9   ? -14.129 -7.404  0.595   1.00 40.61 ? 2053 ASP B CA  1 
ATOM   1448 C C   . ASP B 2 9   ? -14.263 -6.528  -0.643  1.00 40.14 ? 2053 ASP B C   1 
ATOM   1449 O O   . ASP B 2 9   ? -14.236 -7.042  -1.755  1.00 40.68 ? 2053 ASP B O   1 
ATOM   1450 C CB  . ASP B 2 9   ? -15.508 -7.859  1.091   1.00 41.07 ? 2053 ASP B CB  1 
ATOM   1451 C CG  . ASP B 2 9   ? -15.434 -9.036  2.081   1.00 42.95 ? 2053 ASP B CG  1 
ATOM   1452 O OD1 . ASP B 2 9   ? -14.433 -9.800  2.059   1.00 45.54 ? 2053 ASP B OD1 1 
ATOM   1453 O OD2 . ASP B 2 9   ? -16.390 -9.200  2.885   1.00 44.78 ? 2053 ASP B OD2 1 
ATOM   1454 N N   . HIS B 2 10  ? -14.378 -5.215  -0.460  1.00 39.50 ? 2054 HIS B N   1 
ATOM   1455 C CA  . HIS B 2 10  ? -14.401 -4.275  -1.588  1.00 39.11 ? 2054 HIS B CA  1 
ATOM   1456 C C   . HIS B 2 10  ? -13.089 -4.325  -2.381  1.00 39.48 ? 2054 HIS B C   1 
ATOM   1457 O O   . HIS B 2 10  ? -13.088 -4.267  -3.619  1.00 39.45 ? 2054 HIS B O   1 
ATOM   1458 C CB  . HIS B 2 10  ? -14.678 -2.849  -1.085  1.00 38.80 ? 2054 HIS B CB  1 
ATOM   1459 C CG  . HIS B 2 10  ? -14.875 -1.847  -2.177  1.00 37.68 ? 2054 HIS B CG  1 
ATOM   1460 N ND1 . HIS B 2 10  ? -15.769 -2.038  -3.209  1.00 36.17 ? 2054 HIS B ND1 1 
ATOM   1461 C CD2 . HIS B 2 10  ? -14.295 -0.643  -2.398  1.00 36.80 ? 2054 HIS B CD2 1 
ATOM   1462 C CE1 . HIS B 2 10  ? -15.719 -1.001  -4.028  1.00 36.56 ? 2054 HIS B CE1 1 
ATOM   1463 N NE2 . HIS B 2 10  ? -14.839 -0.135  -3.554  1.00 36.15 ? 2054 HIS B NE2 1 
ATOM   1464 N N   . ILE B 2 11  ? -11.977 -4.446  -1.655  1.00 39.95 ? 2055 ILE B N   1 
ATOM   1465 C CA  . ILE B 2 11  ? -10.660 -4.502  -2.262  1.00 39.95 ? 2055 ILE B CA  1 
ATOM   1466 C C   . ILE B 2 11  ? -10.531 -5.739  -3.138  1.00 40.61 ? 2055 ILE B C   1 
ATOM   1467 O O   . ILE B 2 11  ? -10.082 -5.634  -4.271  1.00 40.85 ? 2055 ILE B O   1 
ATOM   1468 C CB  . ILE B 2 11  ? -9.529  -4.427  -1.190  1.00 39.88 ? 2055 ILE B CB  1 
ATOM   1469 C CG1 . ILE B 2 11  ? -9.396  -2.988  -0.683  1.00 39.58 ? 2055 ILE B CG1 1 
ATOM   1470 C CG2 . ILE B 2 11  ? -8.169  -4.894  -1.750  1.00 38.80 ? 2055 ILE B CG2 1 
ATOM   1471 C CD1 . ILE B 2 11  ? -8.425  -2.813  0.466   1.00 38.36 ? 2055 ILE B CD1 1 
ATOM   1472 N N   . CYS B 2 12  ? -10.936 -6.898  -2.640  1.00 41.25 ? 2056 CYS B N   1 
ATOM   1473 C CA  . CYS B 2 12  ? -10.842 -8.123  -3.449  1.00 42.62 ? 2056 CYS B CA  1 
ATOM   1474 C C   . CYS B 2 12  ? -11.724 -8.082  -4.693  1.00 42.51 ? 2056 CYS B C   1 
ATOM   1475 O O   . CYS B 2 12  ? -11.312 -8.514  -5.772  1.00 42.24 ? 2056 CYS B O   1 
ATOM   1476 C CB  . CYS B 2 12  ? -11.171 -9.359  -2.607  1.00 42.91 ? 2056 CYS B CB  1 
ATOM   1477 S SG  . CYS B 2 12  ? -10.116 -9.464  -1.122  1.00 47.05 ? 2056 CYS B SG  1 
ATOM   1478 N N   . GLN B 2 13  ? -12.932 -7.555  -4.529  1.00 42.92 ? 2057 GLN B N   1 
ATOM   1479 C CA  . GLN B 2 13  ? -13.845 -7.355  -5.642  1.00 43.66 ? 2057 GLN B CA  1 
ATOM   1480 C C   . GLN B 2 13  ? -13.213 -6.499  -6.732  1.00 43.58 ? 2057 GLN B C   1 
ATOM   1481 O O   . GLN B 2 13  ? -13.193 -6.879  -7.905  1.00 44.20 ? 2057 GLN B O   1 
ATOM   1482 C CB  . GLN B 2 13  ? -15.166 -6.732  -5.159  1.00 44.28 ? 2057 GLN B CB  1 
ATOM   1483 C CG  . GLN B 2 13  ? -16.065 -7.736  -4.371  1.00 46.95 ? 2057 GLN B CG  1 
ATOM   1484 C CD  . GLN B 2 13  ? -17.530 -7.279  -4.173  1.00 50.10 ? 2057 GLN B CD  1 
ATOM   1485 O OE1 . GLN B 2 13  ? -17.918 -6.157  -4.543  1.00 52.70 ? 2057 GLN B OE1 1 
ATOM   1486 N NE2 . GLN B 2 13  ? -18.342 -8.159  -3.577  1.00 50.36 ? 2057 GLN B NE2 1 
ATOM   1487 N N   . ILE B 2 14  ? -12.674 -5.353  -6.353  1.00 43.42 ? 2058 ILE B N   1 
ATOM   1488 C CA  . ILE B 2 14  ? -12.091 -4.455  -7.342  1.00 43.35 ? 2058 ILE B CA  1 
ATOM   1489 C C   . ILE B 2 14  ? -10.881 -5.067  -8.031  1.00 43.34 ? 2058 ILE B C   1 
ATOM   1490 O O   . ILE B 2 14  ? -10.702 -4.887  -9.226  1.00 43.62 ? 2058 ILE B O   1 
ATOM   1491 C CB  . ILE B 2 14  ? -11.725 -3.122  -6.709  1.00 43.41 ? 2058 ILE B CB  1 
ATOM   1492 C CG1 . ILE B 2 14  ? -13.001 -2.398  -6.325  1.00 43.50 ? 2058 ILE B CG1 1 
ATOM   1493 C CG2 . ILE B 2 14  ? -10.891 -2.263  -7.666  1.00 42.85 ? 2058 ILE B CG2 1 
ATOM   1494 C CD1 . ILE B 2 14  ? -12.745 -1.299  -5.404  1.00 45.51 ? 2058 ILE B CD1 1 
ATOM   1495 N N   . ILE B 2 15  ? -10.058 -5.793  -7.280  1.00 43.45 ? 2059 ILE B N   1 
ATOM   1496 C CA  . ILE B 2 15  ? -8.907  -6.499  -7.859  1.00 43.52 ? 2059 ILE B CA  1 
ATOM   1497 C C   . ILE B 2 15  ? -9.377  -7.582  -8.838  1.00 43.85 ? 2059 ILE B C   1 
ATOM   1498 O O   . ILE B 2 15  ? -8.852  -7.706  -9.949  1.00 43.04 ? 2059 ILE B O   1 
ATOM   1499 C CB  . ILE B 2 15  ? -8.036  -7.165  -6.767  1.00 43.33 ? 2059 ILE B CB  1 
ATOM   1500 C CG1 . ILE B 2 15  ? -7.346  -6.092  -5.915  1.00 42.93 ? 2059 ILE B CG1 1 
ATOM   1501 C CG2 . ILE B 2 15  ? -7.025  -8.125  -7.400  1.00 41.81 ? 2059 ILE B CG2 1 
ATOM   1502 C CD1 . ILE B 2 15  ? -7.072  -6.538  -4.488  1.00 42.16 ? 2059 ILE B CD1 1 
ATOM   1503 N N   . THR B 2 16  ? -10.378 -8.345  -8.406  1.00 44.40 ? 2060 THR B N   1 
ATOM   1504 C CA  . THR B 2 16  ? -10.941 -9.403  -9.217  1.00 45.02 ? 2060 THR B CA  1 
ATOM   1505 C C   . THR B 2 16  ? -11.547 -8.863  -10.497 1.00 45.90 ? 2060 THR B C   1 
ATOM   1506 O O   . THR B 2 16  ? -11.242 -9.348  -11.586 1.00 45.77 ? 2060 THR B O   1 
ATOM   1507 C CB  . THR B 2 16  ? -12.019 -10.163 -8.462  1.00 44.93 ? 2060 THR B CB  1 
ATOM   1508 O OG1 . THR B 2 16  ? -11.458 -10.697 -7.262  1.00 44.65 ? 2060 THR B OG1 1 
ATOM   1509 C CG2 . THR B 2 16  ? -12.557 -11.294 -9.328  1.00 44.29 ? 2060 THR B CG2 1 
ATOM   1510 N N   . GLN B 2 17  ? -12.408 -7.862  -10.359 1.00 47.09 ? 2061 GLN B N   1 
ATOM   1511 C CA  . GLN B 2 17  ? -13.005 -7.223  -11.518 1.00 48.35 ? 2061 GLN B CA  1 
ATOM   1512 C C   . GLN B 2 17  ? -11.930 -6.630  -12.437 1.00 49.45 ? 2061 GLN B C   1 
ATOM   1513 O O   . GLN B 2 17  ? -12.036 -6.714  -13.653 1.00 49.97 ? 2061 GLN B O   1 
ATOM   1514 C CB  . GLN B 2 17  ? -14.005 -6.141  -11.085 1.00 48.48 ? 2061 GLN B CB  1 
ATOM   1515 N N   . ASP B 2 18  ? -10.892 -6.042  -11.859 1.00 50.80 ? 2062 ASP B N   1 
ATOM   1516 C CA  . ASP B 2 18  ? -9.850  -5.404  -12.653 1.00 52.17 ? 2062 ASP B CA  1 
ATOM   1517 C C   . ASP B 2 18  ? -9.050  -6.437  -13.457 1.00 52.86 ? 2062 ASP B C   1 
ATOM   1518 O O   . ASP B 2 18  ? -8.660  -6.179  -14.596 1.00 53.48 ? 2062 ASP B O   1 
ATOM   1519 C CB  . ASP B 2 18  ? -8.934  -4.583  -11.741 1.00 52.51 ? 2062 ASP B CB  1 
ATOM   1520 C CG  . ASP B 2 18  ? -7.923  -3.734  -12.511 1.00 54.19 ? 2062 ASP B CG  1 
ATOM   1521 O OD1 . ASP B 2 18  ? -7.741  -2.544  -12.134 1.00 55.99 ? 2062 ASP B OD1 1 
ATOM   1522 O OD2 . ASP B 2 18  ? -7.297  -4.252  -13.473 1.00 56.25 ? 2062 ASP B OD2 1 
ATOM   1523 N N   . PHE B 2 19  ? -8.794  -7.603  -12.868 1.00 53.52 ? 2063 PHE B N   1 
ATOM   1524 C CA  . PHE B 2 19  ? -8.046  -8.660  -13.565 1.00 53.79 ? 2063 PHE B CA  1 
ATOM   1525 C C   . PHE B 2 19  ? -8.885  -9.417  -14.600 1.00 54.27 ? 2063 PHE B C   1 
ATOM   1526 O O   . PHE B 2 19  ? -8.325  -9.996  -15.523 1.00 54.32 ? 2063 PHE B O   1 
ATOM   1527 C CB  . PHE B 2 19  ? -7.407  -9.628  -12.563 1.00 53.54 ? 2063 PHE B CB  1 
ATOM   1528 C CG  . PHE B 2 19  ? -6.017  -9.237  -12.162 1.00 53.96 ? 2063 PHE B CG  1 
ATOM   1529 C CD1 . PHE B 2 19  ? -5.801  -8.183  -11.285 1.00 54.56 ? 2063 PHE B CD1 1 
ATOM   1530 C CD2 . PHE B 2 19  ? -4.910  -9.906  -12.683 1.00 54.49 ? 2063 PHE B CD2 1 
ATOM   1531 C CE1 . PHE B 2 19  ? -4.502  -7.817  -10.920 1.00 54.57 ? 2063 PHE B CE1 1 
ATOM   1532 C CE2 . PHE B 2 19  ? -3.613  -9.543  -12.323 1.00 54.40 ? 2063 PHE B CE2 1 
ATOM   1533 C CZ  . PHE B 2 19  ? -3.409  -8.499  -11.443 1.00 53.92 ? 2063 PHE B CZ  1 
ATOM   1534 N N   . ALA B 2 20  ? -10.214 -9.401  -14.452 1.00 55.06 ? 2064 ALA B N   1 
ATOM   1535 C CA  . ALA B 2 20  ? -11.130 -10.025 -15.429 1.00 55.62 ? 2064 ALA B CA  1 
ATOM   1536 C C   . ALA B 2 20  ? -11.448 -9.151  -16.653 1.00 56.51 ? 2064 ALA B C   1 
ATOM   1537 O O   . ALA B 2 20  ? -12.081 -9.628  -17.598 1.00 56.64 ? 2064 ALA B O   1 
ATOM   1538 C CB  . ALA B 2 20  ? -12.435 -10.458 -14.752 1.00 55.15 ? 2064 ALA B CB  1 
ATOM   1539 N N   . ARG B 2 21  ? -11.018 -7.885  -16.656 1.00 57.44 ? 2065 ARG B N   1 
ATOM   1540 C CA  . ARG B 2 21  ? -11.358 -6.979  -17.765 1.00 58.07 ? 2065 ARG B CA  1 
ATOM   1541 C C   . ARG B 2 21  ? -10.407 -7.146  -18.949 1.00 58.26 ? 2065 ARG B C   1 
ATOM   1542 C CB  . ARG B 2 21  ? -11.401 -5.519  -17.298 1.00 58.35 ? 2065 ARG B CB  1 
ATOM   1543 C CG  . ARG B 2 21  ? -10.068 -4.921  -16.918 1.00 59.56 ? 2065 ARG B CG  1 
ATOM   1544 C CD  . ARG B 2 21  ? -10.215 -3.440  -16.618 1.00 61.27 ? 2065 ARG B CD  1 
ATOM   1545 N NE  . ARG B 2 21  ? -9.106  -2.878  -15.831 1.00 63.03 ? 2065 ARG B NE  1 
ATOM   1546 C CZ  . ARG B 2 21  ? -7.872  -2.634  -16.282 1.00 64.15 ? 2065 ARG B CZ  1 
ATOM   1547 N NH1 . ARG B 2 21  ? -7.518  -2.922  -17.535 1.00 64.90 ? 2065 ARG B NH1 1 
ATOM   1548 N NH2 . ARG B 2 21  ? -6.970  -2.103  -15.463 1.00 65.06 ? 2065 ARG B NH2 1 
ATOM   1549 O OXT . ARG B 2 21  ? -10.730 -7.830  -19.923 1.00 58.53 ? 2065 ARG B OXT 1 
HETATM 1550 O O   . HOH C 3 .   ? 8.159   10.329  5.149   1.00 35.33 ? 1    HOH A O   1 
HETATM 1551 O O   . HOH C 3 .   ? 19.598  -0.113  13.270  1.00 25.95 ? 2    HOH A O   1 
HETATM 1552 O O   . HOH C 3 .   ? 15.893  9.637   -3.263  1.00 38.61 ? 4    HOH A O   1 
HETATM 1553 O O   . HOH C 3 .   ? 4.297   -16.714 -8.944  1.00 39.55 ? 5    HOH A O   1 
HETATM 1554 O O   . HOH C 3 .   ? -21.632 4.568   9.902   1.00 54.28 ? 6    HOH A O   1 
HETATM 1555 O O   . HOH C 3 .   ? 16.756  -11.100 -5.507  1.00 48.96 ? 7    HOH A O   1 
HETATM 1556 O O   . HOH C 3 .   ? -5.323  -6.213  -14.467 1.00 54.71 ? 8    HOH A O   1 
HETATM 1557 O O   . HOH C 3 .   ? 16.746  10.740  2.786   1.00 50.80 ? 9    HOH A O   1 
HETATM 1558 O O   . HOH C 3 .   ? 12.827  12.058  -5.089  1.00 47.82 ? 10   HOH A O   1 
HETATM 1559 O O   . HOH C 3 .   ? -4.671  9.852   6.908   1.00 52.92 ? 11   HOH A O   1 
HETATM 1560 O O   . HOH C 3 .   ? 4.217   -21.691 -2.475  1.00 60.97 ? 12   HOH A O   1 
HETATM 1561 O O   . HOH C 3 .   ? -11.973 17.315  7.075   1.00 50.54 ? 13   HOH A O   1 
HETATM 1562 O O   . HOH C 3 .   ? 5.131   -11.342 0.574   1.00 51.46 ? 14   HOH A O   1 
HETATM 1563 O O   . HOH C 3 .   ? -8.269  14.792  2.145   1.00 63.83 ? 16   HOH A O   1 
HETATM 1564 O O   . HOH C 3 .   ? -8.695  14.935  4.602   1.00 46.42 ? 17   HOH A O   1 
HETATM 1565 O O   . HOH C 3 .   ? -2.475  -13.762 1.340   1.00 54.86 ? 19   HOH A O   1 
HETATM 1566 O O   . HOH C 3 .   ? 6.762   3.839   -14.966 1.00 52.23 ? 20   HOH A O   1 
HETATM 1567 O O   . HOH C 3 .   ? -11.831 15.597  11.111  1.00 54.30 ? 21   HOH A O   1 
HETATM 1568 O O   . HOH C 3 .   ? -1.023  -9.354  5.189   1.00 60.43 ? 22   HOH A O   1 
HETATM 1569 O O   . HOH C 3 .   ? 2.127   -11.033 -16.974 1.00 64.17 ? 23   HOH A O   1 
HETATM 1570 O O   . HOH C 3 .   ? -9.855  -14.334 -1.507  1.00 44.74 ? 24   HOH A O   1 
HETATM 1571 O O   . HOH C 3 .   ? 8.655   13.655  -7.331  1.00 64.39 ? 26   HOH A O   1 
HETATM 1572 O O   . HOH C 3 .   ? -4.608  22.601  8.318   1.00 64.88 ? 27   HOH A O   1 
HETATM 1573 O O   . HOH C 3 .   ? -4.065  -1.999  -14.058 1.00 59.39 ? 28   HOH A O   1 
HETATM 1574 O O   . HOH C 3 .   ? -4.476  -12.720 -0.360  1.00 38.49 ? 29   HOH A O   1 
HETATM 1575 O O   . HOH C 3 .   ? -13.025 17.758  4.658   1.00 58.45 ? 30   HOH A O   1 
HETATM 1576 O O   . HOH C 3 .   ? -8.133  4.726   -10.757 1.00 57.69 ? 31   HOH A O   1 
HETATM 1577 O O   . HOH C 3 .   ? 19.162  8.522   -6.203  1.00 47.51 ? 32   HOH A O   1 
HETATM 1578 O O   . HOH C 3 .   ? 17.903  1.442   15.313  1.00 38.98 ? 33   HOH A O   1 
HETATM 1579 O O   . HOH C 3 .   ? 3.394   -5.346  6.623   1.00 43.98 ? 34   HOH A O   1 
HETATM 1580 O O   . HOH C 3 .   ? 5.003   -12.741 4.774   1.00 41.04 ? 35   HOH A O   1 
HETATM 1581 O O   . HOH C 3 .   ? 7.512   12.745  -0.977  1.00 70.53 ? 36   HOH A O   1 
HETATM 1582 O O   . HOH C 3 .   ? -11.136 16.346  -2.292  1.00 69.62 ? 37   HOH A O   1 
HETATM 1583 O O   . HOH C 3 .   ? -7.443  3.148   16.441  1.00 59.39 ? 38   HOH A O   1 
HETATM 1584 O O   . HOH C 3 .   ? -11.887 -2.832  -11.338 1.00 48.04 ? 40   HOH A O   1 
HETATM 1585 O O   . HOH C 3 .   ? -10.666 13.281  -10.016 1.00 67.74 ? 41   HOH A O   1 
HETATM 1586 O O   . HOH C 3 .   ? -8.642  12.482  -6.328  1.00 77.46 ? 43   HOH A O   1 
HETATM 1587 O O   . HOH C 3 .   ? 2.852   11.036  -2.888  1.00 49.01 ? 44   HOH A O   1 
HETATM 1588 O O   . HOH C 3 .   ? -19.612 11.722  10.584  1.00 53.72 ? 45   HOH A O   1 
HETATM 1589 O O   . HOH C 3 .   ? 14.811  10.342  10.412  1.00 55.62 ? 46   HOH A O   1 
HETATM 1590 O O   . HOH C 3 .   ? -5.728  -5.523  1.239   1.00 38.56 ? 47   HOH A O   1 
HETATM 1591 O O   . HOH C 3 .   ? 13.892  3.422   -16.341 1.00 54.50 ? 48   HOH A O   1 
HETATM 1592 O O   . HOH C 3 .   ? -12.608 11.404  1.842   1.00 61.76 ? 49   HOH A O   1 
HETATM 1593 O O   . HOH C 3 .   ? 12.932  -7.661  -9.878  1.00 57.41 ? 50   HOH A O   1 
HETATM 1594 O O   . HOH C 3 .   ? -6.566  -11.043 1.787   1.00 56.64 ? 51   HOH A O   1 
HETATM 1595 O O   . HOH C 3 .   ? -0.050  -0.456  14.262  1.00 53.88 ? 52   HOH A O   1 
HETATM 1596 O O   . HOH C 3 .   ? 3.147   6.228   -1.857  1.00 42.25 ? 53   HOH A O   1 
HETATM 1597 O O   . HOH C 3 .   ? -3.365  10.223  -7.902  1.00 65.91 ? 54   HOH A O   1 
HETATM 1598 O O   . HOH C 3 .   ? -2.499  -10.563 9.244   1.00 44.09 ? 55   HOH A O   1 
HETATM 1599 O O   . HOH C 3 .   ? -6.978  -8.819  3.741   1.00 44.65 ? 56   HOH A O   1 
HETATM 1600 O O   . HOH C 3 .   ? 4.111   -14.987 4.875   1.00 50.31 ? 58   HOH A O   1 
HETATM 1601 O O   . HOH C 3 .   ? -14.067 17.789  0.428   1.00 50.42 ? 59   HOH A O   1 
HETATM 1602 O O   . HOH C 3 .   ? -23.572 -0.398  -6.151  1.00 52.35 ? 60   HOH A O   1 
HETATM 1603 O O   . HOH C 3 .   ? -27.941 2.142   -8.874  1.00 62.10 ? 61   HOH A O   1 
HETATM 1604 O O   . HOH C 3 .   ? 3.292   11.318  -6.459  1.00 67.73 ? 62   HOH A O   1 
HETATM 1605 O O   . HOH D 3 .   ? -30.843 2.961   2.337   1.00 43.12 ? 3    HOH B O   1 
HETATM 1606 O O   . HOH D 3 .   ? -18.616 -7.577  3.447   1.00 39.99 ? 15   HOH B O   1 
HETATM 1607 O O   . HOH D 3 .   ? -10.449 -12.162 -12.053 1.00 61.93 ? 18   HOH B O   1 
HETATM 1608 O O   . HOH D 3 .   ? -15.607 -9.490  -12.229 1.00 58.48 ? 25   HOH B O   1 
HETATM 1609 O O   . HOH D 3 .   ? -14.213 -6.537  -14.933 1.00 51.44 ? 39   HOH B O   1 
HETATM 1610 O O   . HOH D 3 .   ? -17.598 -3.567  -4.325  1.00 45.21 ? 42   HOH B O   1 
HETATM 1611 O O   . HOH D 3 .   ? -8.028  -8.474  -17.591 1.00 63.18 ? 57   HOH B O   1 
# 
loop_
_pdbx_poly_seq_scheme.asym_id 
_pdbx_poly_seq_scheme.entity_id 
_pdbx_poly_seq_scheme.seq_id 
_pdbx_poly_seq_scheme.mon_id 
_pdbx_poly_seq_scheme.ndb_seq_num 
_pdbx_poly_seq_scheme.pdb_seq_num 
_pdbx_poly_seq_scheme.auth_seq_num 
_pdbx_poly_seq_scheme.pdb_mon_id 
_pdbx_poly_seq_scheme.auth_mon_id 
_pdbx_poly_seq_scheme.pdb_strand_id 
_pdbx_poly_seq_scheme.pdb_ins_code 
_pdbx_poly_seq_scheme.hetero 
A 1 1   MET 1   271  ?    ?   ?   A . n 
A 1 2   LYS 2   272  ?    ?   ?   A . n 
A 1 3   LYS 3   273  ?    ?   ?   A . n 
A 1 4   HIS 4   274  ?    ?   ?   A . n 
A 1 5   HIS 5   275  ?    ?   ?   A . n 
A 1 6   HIS 6   276  ?    ?   ?   A . n 
A 1 7   HIS 7   277  ?    ?   ?   A . n 
A 1 8   HIS 8   278  ?    ?   ?   A . n 
A 1 9   HIS 9   279  ?    ?   ?   A . n 
A 1 10  GLY 10  280  ?    ?   ?   A . n 
A 1 11  PRO 11  281  ?    ?   ?   A . n 
A 1 12  GLU 12  282  ?    ?   ?   A . n 
A 1 13  PRO 13  283  283  PRO PRO A . n 
A 1 14  THR 14  284  284  THR THR A . n 
A 1 15  VAL 15  285  285  VAL VAL A . n 
A 1 16  GLU 16  286  286  GLU GLU A . n 
A 1 17  ASP 17  287  287  ASP ASP A . n 
A 1 18  VAL 18  288  288  VAL VAL A . n 
A 1 19  ILE 19  289  289  ILE ILE A . n 
A 1 20  SER 20  290  290  SER SER A . n 
A 1 21  GLN 21  291  291  GLN GLN A . n 
A 1 22  VAL 22  292  292  VAL VAL A . n 
A 1 23  ALA 23  293  293  ALA ALA A . n 
A 1 24  ARG 24  294  294  ARG ARG A . n 
A 1 25  ALA 25  295  295  ALA ALA A . n 
A 1 26  HIS 26  296  296  HIS HIS A . n 
A 1 27  ARG 27  297  297  ARG ARG A . n 
A 1 28  GLU 28  298  298  GLU GLU A . n 
A 1 29  ILE 29  299  299  ILE ILE A . n 
A 1 30  PHE 30  300  300  PHE PHE A . n 
A 1 31  THR 31  400  ?    ?   ?   A . n 
A 1 32  TYR 32  401  ?    ?   ?   A . n 
A 1 33  ALA 33  402  ?    ?   ?   A . n 
A 1 34  HIS 34  403  ?    ?   ?   A . n 
A 1 35  ASP 35  404  ?    ?   ?   A . n 
A 1 36  LYS 36  405  ?    ?   ?   A . n 
A 1 37  LEU 37  406  ?    ?   ?   A . n 
A 1 38  GLY 38  407  ?    ?   ?   A . n 
A 1 39  SER 39  408  ?    ?   ?   A . n 
A 1 40  SER 40  409  ?    ?   ?   A . n 
A 1 41  PRO 41  410  ?    ?   ?   A . n 
A 1 42  GLY 42  411  ?    ?   ?   A . n 
A 1 43  ASN 43  412  ?    ?   ?   A . n 
A 1 44  PHE 44  413  ?    ?   ?   A . n 
A 1 45  ASN 45  414  ?    ?   ?   A . n 
A 1 46  ALA 46  415  ?    ?   ?   A . n 
A 1 47  ASN 47  416  ?    ?   ?   A . n 
A 1 48  HIS 48  417  ?    ?   ?   A . n 
A 1 49  ALA 49  418  ?    ?   ?   A . n 
A 1 50  SER 50  419  ?    ?   ?   A . n 
A 1 51  GLY 51  420  ?    ?   ?   A . n 
A 1 52  SER 52  421  ?    ?   ?   A . n 
A 1 53  PRO 53  422  ?    ?   ?   A . n 
A 1 54  TYR 54  423  ?    ?   ?   A . n 
A 1 55  PRO 55  424  ?    ?   ?   A . n 
A 1 56  HIS 56  425  ?    ?   ?   A . n 
A 1 57  GLY 57  426  ?    ?   ?   A . n 
A 1 58  ARG 58  427  ?    ?   ?   A . n 
A 1 59  SER 59  428  ?    ?   ?   A . n 
A 1 60  GLY 60  429  ?    ?   ?   A . n 
A 1 61  ARG 61  430  ?    ?   ?   A . n 
A 1 62  THR 62  431  ?    ?   ?   A . n 
A 1 63  VAL 63  432  432  VAL VAL A . n 
A 1 64  GLN 64  433  433  GLN GLN A . n 
A 1 65  GLU 65  434  434  GLU GLU A . n 
A 1 66  ILE 66  435  435  ILE ILE A . n 
A 1 67  TRP 67  436  436  TRP TRP A . n 
A 1 68  GLU 68  437  437  GLU GLU A . n 
A 1 69  ASP 69  438  438  ASP ASP A . n 
A 1 70  PHE 70  439  439  PHE PHE A . n 
A 1 71  SER 71  440  440  SER SER A . n 
A 1 72  MET 72  441  441  MET MET A . n 
A 1 73  SER 73  442  442  SER SER A . n 
A 1 74  PHE 74  443  443  PHE PHE A . n 
A 1 75  THR 75  444  444  THR THR A . n 
A 1 76  PRO 76  445  445  PRO PRO A . n 
A 1 77  ALA 77  446  446  ALA ALA A . n 
A 1 78  VAL 78  447  447  VAL VAL A . n 
A 1 79  ARG 79  448  448  ARG ARG A . n 
A 1 80  GLU 80  449  449  GLU GLU A . n 
A 1 81  VAL 81  450  450  VAL VAL A . n 
A 1 82  VAL 82  451  451  VAL VAL A . n 
A 1 83  GLU 83  452  452  GLU GLU A . n 
A 1 84  PHE 84  453  453  PHE PHE A . n 
A 1 85  ALA 85  454  454  ALA ALA A . n 
A 1 86  LYS 86  455  455  LYS LYS A . n 
A 1 87  HIS 87  456  456  HIS HIS A . n 
A 1 88  ILE 88  457  457  ILE ILE A . n 
A 1 89  PRO 89  458  458  PRO PRO A . n 
A 1 90  GLY 90  459  459  GLY GLY A . n 
A 1 91  PHE 91  460  460  PHE PHE A . n 
A 1 92  ARG 92  461  461  ARG ARG A . n 
A 1 93  ASP 93  462  462  ASP ASP A . n 
A 1 94  LEU 94  463  463  LEU LEU A . n 
A 1 95  SER 95  464  464  SER SER A . n 
A 1 96  GLN 96  465  465  GLN GLN A . n 
A 1 97  HIS 97  466  466  HIS HIS A . n 
A 1 98  ASP 98  467  467  ASP ASP A . n 
A 1 99  GLN 99  468  468  GLN GLN A . n 
A 1 100 VAL 100 469  469  VAL VAL A . n 
A 1 101 THR 101 470  470  THR THR A . n 
A 1 102 LEU 102 471  471  LEU LEU A . n 
A 1 103 LEU 103 472  472  LEU LEU A . n 
A 1 104 LYS 104 473  473  LYS LYS A . n 
A 1 105 ALA 105 474  474  ALA ALA A . n 
A 1 106 GLY 106 475  475  GLY GLY A . n 
A 1 107 THR 107 476  476  THR THR A . n 
A 1 108 PHE 108 477  477  PHE PHE A . n 
A 1 109 GLU 109 478  478  GLU GLU A . n 
A 1 110 VAL 110 479  479  VAL VAL A . n 
A 1 111 LEU 111 480  480  LEU LEU A . n 
A 1 112 MET 112 481  481  MET MET A . n 
A 1 113 VAL 113 482  482  VAL VAL A . n 
A 1 114 ARG 114 483  483  ARG ARG A . n 
A 1 115 PHE 115 484  484  PHE PHE A . n 
A 1 116 ALA 116 485  485  ALA ALA A . n 
A 1 117 SER 117 486  486  SER SER A . n 
A 1 118 LEU 118 487  487  LEU LEU A . n 
A 1 119 PHE 119 488  488  PHE PHE A . n 
A 1 120 ASN 120 489  489  ASN GLY A . n 
A 1 121 VAL 121 490  490  VAL GLY A . n 
A 1 122 LYS 122 491  491  LYS GLY A . n 
A 1 123 ASP 123 492  492  ASP GLY A . n 
A 1 124 GLN 124 493  ?    ?   ?   A . n 
A 1 125 THR 125 494  ?    ?   ?   A . n 
A 1 126 VAL 126 495  ?    ?   ?   A . n 
A 1 127 MET 127 496  ?    ?   ?   A . n 
A 1 128 PHE 128 497  ?    ?   ?   A . n 
A 1 129 LEU 129 498  ?    ?   ?   A . n 
A 1 130 SER 130 499  ?    ?   ?   A . n 
A 1 131 ARG 131 500  ?    ?   ?   A . n 
A 1 132 THR 132 501  ?    ?   ?   A . n 
A 1 133 THR 133 502  ?    ?   ?   A . n 
A 1 134 TYR 134 503  ?    ?   ?   A . n 
A 1 135 SER 135 504  ?    ?   ?   A . n 
A 1 136 LEU 136 505  ?    ?   ?   A . n 
A 1 137 GLN 137 506  ?    ?   ?   A . n 
A 1 138 GLU 138 507  507  GLU GLU A . n 
A 1 139 LEU 139 508  508  LEU LEU A . n 
A 1 140 GLY 140 509  509  GLY GLY A . n 
A 1 141 ALA 141 510  510  ALA ALA A . n 
A 1 142 MET 142 511  511  MET MET A . n 
A 1 143 GLY 143 512  512  GLY GLY A . n 
A 1 144 MET 144 513  513  MET MET A . n 
A 1 145 GLY 145 514  514  GLY GLY A . n 
A 1 146 ASP 146 515  515  ASP ASP A . n 
A 1 147 LEU 147 516  516  LEU LEU A . n 
A 1 148 LEU 148 517  517  LEU LEU A . n 
A 1 149 SER 149 518  518  SER SER A . n 
A 1 150 ALA 150 519  519  ALA ALA A . n 
A 1 151 MET 151 520  520  MET MET A . n 
A 1 152 PHE 152 521  521  PHE PHE A . n 
A 1 153 ASP 153 522  522  ASP ASP A . n 
A 1 154 PHE 154 523  523  PHE PHE A . n 
A 1 155 SER 155 524  524  SER SER A . n 
A 1 156 GLU 156 525  525  GLU GLU A . n 
A 1 157 LYS 157 526  526  LYS LYS A . n 
A 1 158 LEU 158 527  527  LEU LEU A . n 
A 1 159 ASN 159 528  528  ASN ASN A . n 
A 1 160 SER 160 529  529  SER SER A . n 
A 1 161 LEU 161 530  530  LEU LEU A . n 
A 1 162 ALA 162 531  531  ALA ALA A . n 
A 1 163 LEU 163 532  532  LEU LEU A . n 
A 1 164 THR 164 533  533  THR THR A . n 
A 1 165 GLU 165 534  534  GLU GLU A . n 
A 1 166 GLU 166 535  535  GLU GLU A . n 
A 1 167 GLU 167 536  536  GLU GLU A . n 
A 1 168 LEU 168 537  537  LEU LEU A . n 
A 1 169 GLY 169 538  538  GLY GLY A . n 
A 1 170 LEU 170 539  539  LEU LEU A . n 
A 1 171 PHE 171 540  540  PHE PHE A . n 
A 1 172 THR 172 541  541  THR THR A . n 
A 1 173 ALA 173 542  542  ALA ALA A . n 
A 1 174 VAL 174 543  543  VAL VAL A . n 
A 1 175 VAL 175 544  544  VAL VAL A . n 
A 1 176 LEU 176 545  545  LEU LEU A . n 
A 1 177 VAL 177 546  546  VAL VAL A . n 
A 1 178 SER 178 547  547  SER SER A . n 
A 1 179 ALA 179 548  548  ALA ALA A . n 
A 1 180 ASP 180 549  549  ASP ASP A . n 
A 1 181 ARG 181 550  550  ARG ARG A . n 
A 1 182 SER 182 551  551  SER SER A . n 
A 1 183 GLY 183 552  552  GLY GLY A . n 
A 1 184 MET 184 553  553  MET MET A . n 
A 1 185 GLU 185 554  554  GLU GLU A . n 
A 1 186 ASN 186 555  555  ASN ASN A . n 
A 1 187 SER 187 556  556  SER SER A . n 
A 1 188 ALA 188 557  557  ALA ALA A . n 
A 1 189 SER 189 558  558  SER SER A . n 
A 1 190 VAL 190 559  559  VAL VAL A . n 
A 1 191 GLU 191 560  560  GLU GLU A . n 
A 1 192 GLN 192 561  561  GLN GLN A . n 
A 1 193 LEU 193 562  562  LEU LEU A . n 
A 1 194 GLN 194 563  563  GLN GLN A . n 
A 1 195 GLU 195 564  564  GLU GLU A . n 
A 1 196 THR 196 565  565  THR THR A . n 
A 1 197 LEU 197 566  566  LEU LEU A . n 
A 1 198 LEU 198 567  567  LEU LEU A . n 
A 1 199 ARG 199 568  568  ARG ARG A . n 
A 1 200 ALA 200 569  569  ALA ALA A . n 
A 1 201 LEU 201 570  570  LEU LEU A . n 
A 1 202 ARG 202 571  571  ARG ARG A . n 
A 1 203 ALA 203 572  572  ALA ALA A . n 
A 1 204 LEU 204 573  573  LEU LEU A . n 
A 1 205 VAL 205 574  574  VAL VAL A . n 
A 1 206 LEU 206 575  575  LEU LEU A . n 
A 1 207 LYS 207 576  576  LYS LYS A . n 
A 1 208 ASN 208 577  577  ASN ASN A . n 
A 1 209 ARG 209 578  578  ARG ARG A . n 
A 1 210 PRO 210 579  579  PRO PRO A . n 
A 1 211 LEU 211 580  580  LEU LEU A . n 
A 1 212 GLU 212 581  581  GLU GLU A . n 
A 1 213 THR 213 582  582  THR THR A . n 
A 1 214 SER 214 583  583  SER SER A . n 
A 1 215 ARG 215 584  584  ARG ARG A . n 
A 1 216 PHE 216 585  585  PHE PHE A . n 
A 1 217 THR 217 586  586  THR THR A . n 
A 1 218 LYS 218 587  587  LYS LYS A . n 
A 1 219 LEU 219 588  588  LEU LEU A . n 
A 1 220 LEU 220 589  589  LEU LEU A . n 
A 1 221 LEU 221 590  590  LEU LEU A . n 
A 1 222 LYS 222 591  591  LYS LYS A . n 
A 1 223 LEU 223 592  592  LEU LEU A . n 
A 1 224 PRO 224 593  593  PRO PRO A . n 
A 1 225 ASP 225 594  594  ASP ASP A . n 
A 1 226 LEU 226 595  595  LEU LEU A . n 
A 1 227 ARG 227 596  596  ARG ARG A . n 
A 1 228 THR 228 597  597  THR THR A . n 
A 1 229 LEU 229 598  598  LEU LEU A . n 
A 1 230 ASN 230 599  599  ASN ASN A . n 
A 1 231 ASN 231 600  600  ASN ASN A . n 
A 1 232 MET 232 601  601  MET MET A . n 
A 1 233 HIS 233 602  602  HIS HIS A . n 
A 1 234 SER 234 603  603  SER SER A . n 
A 1 235 GLU 235 604  604  GLU GLU A . n 
A 1 236 LYS 236 605  605  LYS LYS A . n 
A 1 237 LEU 237 606  606  LEU LEU A . n 
A 1 238 LEU 238 607  607  LEU LEU A . n 
A 1 239 SER 239 608  608  SER SER A . n 
A 1 240 PHE 240 609  609  PHE PHE A . n 
A 1 241 ARG 241 610  610  ARG ARG A . n 
A 1 242 VAL 242 611  611  VAL VAL A . n 
A 1 243 ASP 243 612  ?    ?   ?   A . n 
A 1 244 ALA 244 613  ?    ?   ?   A . n 
A 1 245 GLN 245 614  ?    ?   ?   A . n 
B 2 1   THR 1   2045 2045 THR THR B . n 
B 2 2   HIS 2   2046 2046 HIS HIS B . n 
B 2 3   ARG 3   2047 2047 ARG ARG B . n 
B 2 4   LEU 4   2048 2048 LEU LEU B . n 
B 2 5   ILE 5   2049 2049 ILE ILE B . n 
B 2 6   THR 6   2050 2050 THR THR B . n 
B 2 7   LEU 7   2051 2051 LEU LEU B . n 
B 2 8   ALA 8   2052 2052 ALA ALA B . n 
B 2 9   ASP 9   2053 2053 ASP ASP B . n 
B 2 10  HIS 10  2054 2054 HIS HIS B . n 
B 2 11  ILE 11  2055 2055 ILE ILE B . n 
B 2 12  CYS 12  2056 2056 CYS CYS B . n 
B 2 13  GLN 13  2057 2057 GLN GLN B . n 
B 2 14  ILE 14  2058 2058 ILE ILE B . n 
B 2 15  ILE 15  2059 2059 ILE ILE B . n 
B 2 16  THR 16  2060 2060 THR THR B . n 
B 2 17  GLN 17  2061 2061 GLN GLN B . n 
B 2 18  ASP 18  2062 2062 ASP ASP B . n 
B 2 19  PHE 19  2063 2063 PHE PHE B . n 
B 2 20  ALA 20  2064 2064 ALA ALA B . n 
B 2 21  ARG 21  2065 2065 ARG ARG B . n 
# 
loop_
_pdbx_nonpoly_scheme.asym_id 
_pdbx_nonpoly_scheme.entity_id 
_pdbx_nonpoly_scheme.mon_id 
_pdbx_nonpoly_scheme.ndb_seq_num 
_pdbx_nonpoly_scheme.pdb_seq_num 
_pdbx_nonpoly_scheme.auth_seq_num 
_pdbx_nonpoly_scheme.pdb_mon_id 
_pdbx_nonpoly_scheme.auth_mon_id 
_pdbx_nonpoly_scheme.pdb_strand_id 
_pdbx_nonpoly_scheme.pdb_ins_code 
C 3 HOH 1  1  1  HOH HOH A . 
C 3 HOH 2  2  2  HOH HOH A . 
C 3 HOH 3  4  4  HOH HOH A . 
C 3 HOH 4  5  5  HOH HOH A . 
C 3 HOH 5  6  6  HOH HOH A . 
C 3 HOH 6  7  7  HOH HOH A . 
C 3 HOH 7  8  8  HOH HOH A . 
C 3 HOH 8  9  9  HOH HOH A . 
C 3 HOH 9  10 10 HOH HOH A . 
C 3 HOH 10 11 11 HOH HOH A . 
C 3 HOH 11 12 12 HOH HOH A . 
C 3 HOH 12 13 13 HOH HOH A . 
C 3 HOH 13 14 14 HOH HOH A . 
C 3 HOH 14 16 16 HOH HOH A . 
C 3 HOH 15 17 17 HOH HOH A . 
C 3 HOH 16 19 19 HOH HOH A . 
C 3 HOH 17 20 20 HOH HOH A . 
C 3 HOH 18 21 21 HOH HOH A . 
C 3 HOH 19 22 22 HOH HOH A . 
C 3 HOH 20 23 23 HOH HOH A . 
C 3 HOH 21 24 24 HOH HOH A . 
C 3 HOH 22 26 26 HOH HOH A . 
C 3 HOH 23 27 27 HOH HOH A . 
C 3 HOH 24 28 28 HOH HOH A . 
C 3 HOH 25 29 29 HOH HOH A . 
C 3 HOH 26 30 30 HOH HOH A . 
C 3 HOH 27 31 31 HOH HOH A . 
C 3 HOH 28 32 32 HOH HOH A . 
C 3 HOH 29 33 33 HOH HOH A . 
C 3 HOH 30 34 34 HOH HOH A . 
C 3 HOH 31 35 35 HOH HOH A . 
C 3 HOH 32 36 36 HOH HOH A . 
C 3 HOH 33 37 37 HOH HOH A . 
C 3 HOH 34 38 38 HOH HOH A . 
C 3 HOH 35 40 40 HOH HOH A . 
C 3 HOH 36 41 41 HOH HOH A . 
C 3 HOH 37 43 43 HOH HOH A . 
C 3 HOH 38 44 44 HOH HOH A . 
C 3 HOH 39 45 45 HOH HOH A . 
C 3 HOH 40 46 46 HOH HOH A . 
C 3 HOH 41 47 47 HOH HOH A . 
C 3 HOH 42 48 48 HOH HOH A . 
C 3 HOH 43 49 49 HOH HOH A . 
C 3 HOH 44 50 50 HOH HOH A . 
C 3 HOH 45 51 51 HOH HOH A . 
C 3 HOH 46 52 52 HOH HOH A . 
C 3 HOH 47 53 53 HOH HOH A . 
C 3 HOH 48 54 54 HOH HOH A . 
C 3 HOH 49 55 55 HOH HOH A . 
C 3 HOH 50 56 56 HOH HOH A . 
C 3 HOH 51 58 58 HOH HOH A . 
C 3 HOH 52 59 59 HOH HOH A . 
C 3 HOH 53 60 60 HOH HOH A . 
C 3 HOH 54 61 61 HOH HOH A . 
C 3 HOH 55 62 62 HOH HOH A . 
D 3 HOH 1  3  3  HOH HOH B . 
D 3 HOH 2  15 15 HOH HOH B . 
D 3 HOH 3  18 18 HOH HOH B . 
D 3 HOH 4  25 25 HOH HOH B . 
D 3 HOH 5  39 39 HOH HOH B . 
D 3 HOH 6  42 42 HOH HOH B . 
D 3 HOH 7  57 57 HOH HOH B . 
# 
loop_
_pdbx_struct_assembly.id 
_pdbx_struct_assembly.details 
_pdbx_struct_assembly.method_details 
_pdbx_struct_assembly.oligomeric_details 
_pdbx_struct_assembly.oligomeric_count 
1 author_and_software_defined_assembly PISA tetrameric 4 
2 author_and_software_defined_assembly PISA dimeric    2 
# 
loop_
_pdbx_struct_assembly_gen.assembly_id 
_pdbx_struct_assembly_gen.oper_expression 
_pdbx_struct_assembly_gen.asym_id_list 
1 1,2 A,B,C,D 
2 1   A,B,C,D 
# 
loop_
_pdbx_struct_assembly_prop.biol_id 
_pdbx_struct_assembly_prop.type 
_pdbx_struct_assembly_prop.value 
_pdbx_struct_assembly_prop.details 
1 'ABSA (A^2)' 5470  ? 
1 MORE         -48   ? 
1 'SSA (A^2)'  18680 ? 
2 'ABSA (A^2)' 2040  ? 
2 MORE         -17   ? 
2 'SSA (A^2)'  10030 ? 
# 
loop_
_pdbx_struct_oper_list.id 
_pdbx_struct_oper_list.type 
_pdbx_struct_oper_list.name 
_pdbx_struct_oper_list.symmetry_operation 
_pdbx_struct_oper_list.matrix[1][1] 
_pdbx_struct_oper_list.matrix[1][2] 
_pdbx_struct_oper_list.matrix[1][3] 
_pdbx_struct_oper_list.vector[1] 
_pdbx_struct_oper_list.matrix[2][1] 
_pdbx_struct_oper_list.matrix[2][2] 
_pdbx_struct_oper_list.matrix[2][3] 
_pdbx_struct_oper_list.vector[2] 
_pdbx_struct_oper_list.matrix[3][1] 
_pdbx_struct_oper_list.matrix[3][2] 
_pdbx_struct_oper_list.matrix[3][3] 
_pdbx_struct_oper_list.vector[3] 
1 'identity operation'         1_555 x,y,z           1.0000000000  0.0000000000 0.0000000000 0.0000000000   0.0000000000 1.0000000000  0.0000000000 0.0000000000 0.0000000000 0.0000000000 1.0000000000 0.0000000000  
2 'crystal symmetry operation' 5_676 x-y+1,-y+2,-z+1 -0.2867582541 0.4492315478 0.8461446213 -38.0078535922 0.4492315478 -0.7170538815 0.5329397222 9.9145147300 0.8461446213 0.5329397222 0.0038121356 26.7742351430 
# 
loop_
_pdbx_audit_revision_history.ordinal 
_pdbx_audit_revision_history.data_content_type 
_pdbx_audit_revision_history.major_revision 
_pdbx_audit_revision_history.minor_revision 
_pdbx_audit_revision_history.revision_date 
1 'Structure model' 1 0 2010-06-30 
2 'Structure model' 1 1 2011-07-13 
3 'Structure model' 1 2 2017-08-16 
4 'Structure model' 1 3 2023-09-06 
# 
_pdbx_audit_revision_details.ordinal             1 
_pdbx_audit_revision_details.revision_ordinal    1 
_pdbx_audit_revision_details.data_content_type   'Structure model' 
_pdbx_audit_revision_details.provider            repository 
_pdbx_audit_revision_details.type                'Initial release' 
_pdbx_audit_revision_details.description         ? 
_pdbx_audit_revision_details.details             ? 
# 
loop_
_pdbx_audit_revision_group.ordinal 
_pdbx_audit_revision_group.revision_ordinal 
_pdbx_audit_revision_group.data_content_type 
_pdbx_audit_revision_group.group 
1 2 'Structure model' 'Version format compliance' 
2 3 'Structure model' 'Refinement description'    
3 3 'Structure model' 'Source and taxonomy'       
4 4 'Structure model' 'Data collection'           
5 4 'Structure model' 'Database references'       
6 4 'Structure model' 'Refinement description'    
# 
loop_
_pdbx_audit_revision_category.ordinal 
_pdbx_audit_revision_category.revision_ordinal 
_pdbx_audit_revision_category.data_content_type 
_pdbx_audit_revision_category.category 
1 3 'Structure model' entity_src_gen                
2 3 'Structure model' software                      
3 4 'Structure model' chem_comp_atom                
4 4 'Structure model' chem_comp_bond                
5 4 'Structure model' database_2                    
6 4 'Structure model' pdbx_initial_refinement_model 
7 4 'Structure model' struct_ref_seq_dif            
# 
loop_
_pdbx_audit_revision_item.ordinal 
_pdbx_audit_revision_item.revision_ordinal 
_pdbx_audit_revision_item.data_content_type 
_pdbx_audit_revision_item.item 
1 4 'Structure model' '_database_2.pdbx_DOI'                
2 4 'Structure model' '_database_2.pdbx_database_accession' 
3 4 'Structure model' '_struct_ref_seq_dif.details'         
# 
loop_
_software.name 
_software.classification 
_software.version 
_software.citation_id 
_software.pdbx_ordinal 
JDirector 'data collection' .     ? 1 
AMoRE     phasing           .     ? 2 
REFMAC    refinement        6.0.2 ? 3 
HKL-2000  'data reduction'  .     ? 4 
HKL-2000  'data scaling'    .     ? 5 
# 
_pdbx_entry_details.entry_id                 3N00 
_pdbx_entry_details.nonpolymer_details       ? 
_pdbx_entry_details.sequence_details         'RESIDUES 324-422 WERE DELETED IN THIS CONSTRUCT.' 
_pdbx_entry_details.compound_details         ? 
_pdbx_entry_details.source_details           ? 
_pdbx_entry_details.has_ligand_of_interest   ? 
# 
loop_
_pdbx_validate_torsion.id 
_pdbx_validate_torsion.PDB_model_num 
_pdbx_validate_torsion.auth_comp_id 
_pdbx_validate_torsion.auth_asym_id 
_pdbx_validate_torsion.auth_seq_id 
_pdbx_validate_torsion.PDB_ins_code 
_pdbx_validate_torsion.label_alt_id 
_pdbx_validate_torsion.phi 
_pdbx_validate_torsion.psi 
1 1 LEU A 487 ? ? -75.07  24.81   
2 1 PHE A 488 ? ? -94.00  -128.97 
3 1 ASN A 489 ? ? -171.08 -151.69 
4 1 LYS A 491 ? ? -67.98  -73.86  
5 1 LEU A 516 ? ? -73.10  -72.79  
# 
_pdbx_validate_peptide_omega.id               1 
_pdbx_validate_peptide_omega.PDB_model_num    1 
_pdbx_validate_peptide_omega.auth_comp_id_1   VAL 
_pdbx_validate_peptide_omega.auth_asym_id_1   A 
_pdbx_validate_peptide_omega.auth_seq_id_1    432 
_pdbx_validate_peptide_omega.PDB_ins_code_1   ? 
_pdbx_validate_peptide_omega.label_alt_id_1   ? 
_pdbx_validate_peptide_omega.auth_comp_id_2   GLN 
_pdbx_validate_peptide_omega.auth_asym_id_2   A 
_pdbx_validate_peptide_omega.auth_seq_id_2    433 
_pdbx_validate_peptide_omega.PDB_ins_code_2   ? 
_pdbx_validate_peptide_omega.label_alt_id_2   ? 
_pdbx_validate_peptide_omega.omega            149.73 
# 
loop_
_pdbx_unobs_or_zero_occ_atoms.id 
_pdbx_unobs_or_zero_occ_atoms.PDB_model_num 
_pdbx_unobs_or_zero_occ_atoms.polymer_flag 
_pdbx_unobs_or_zero_occ_atoms.occupancy_flag 
_pdbx_unobs_or_zero_occ_atoms.auth_asym_id 
_pdbx_unobs_or_zero_occ_atoms.auth_comp_id 
_pdbx_unobs_or_zero_occ_atoms.auth_seq_id 
_pdbx_unobs_or_zero_occ_atoms.PDB_ins_code 
_pdbx_unobs_or_zero_occ_atoms.auth_atom_id 
_pdbx_unobs_or_zero_occ_atoms.label_alt_id 
_pdbx_unobs_or_zero_occ_atoms.label_asym_id 
_pdbx_unobs_or_zero_occ_atoms.label_comp_id 
_pdbx_unobs_or_zero_occ_atoms.label_seq_id 
_pdbx_unobs_or_zero_occ_atoms.label_atom_id 
1  1 Y 1 A GLU 286  ? CG  ? A GLU 16  CG  
2  1 Y 1 A GLU 286  ? CD  ? A GLU 16  CD  
3  1 Y 1 A GLU 286  ? OE1 ? A GLU 16  OE1 
4  1 Y 1 A GLU 286  ? OE2 ? A GLU 16  OE2 
5  1 Y 1 A ARG 294  ? CZ  ? A ARG 24  CZ  
6  1 Y 1 A ARG 294  ? NH1 ? A ARG 24  NH1 
7  1 Y 1 A ARG 294  ? NH2 ? A ARG 24  NH2 
8  1 Y 1 A GLU 434  ? CG  ? A GLU 65  CG  
9  1 Y 1 A GLU 434  ? CD  ? A GLU 65  CD  
10 1 Y 1 A GLU 434  ? OE1 ? A GLU 65  OE1 
11 1 Y 1 A GLU 434  ? OE2 ? A GLU 65  OE2 
12 1 Y 1 A ILE 435  ? CG2 ? A ILE 66  CG2 
13 1 Y 1 A ILE 435  ? CD1 ? A ILE 66  CD1 
14 1 Y 1 A ASP 438  ? CB  ? A ASP 69  CB  
15 1 Y 1 A ASP 438  ? CG  ? A ASP 69  CG  
16 1 Y 1 A ASP 438  ? OD1 ? A ASP 69  OD1 
17 1 Y 1 A ASP 438  ? OD2 ? A ASP 69  OD2 
18 1 Y 1 A SER 442  ? OG  ? A SER 73  OG  
19 1 Y 1 A PHE 484  ? CD1 ? A PHE 115 CD1 
20 1 Y 1 A PHE 484  ? CD2 ? A PHE 115 CD2 
21 1 Y 1 A PHE 484  ? CE1 ? A PHE 115 CE1 
22 1 Y 1 A PHE 484  ? CE2 ? A PHE 115 CE2 
23 1 Y 1 A PHE 484  ? CZ  ? A PHE 115 CZ  
24 1 Y 1 A ALA 485  ? CB  ? A ALA 116 CB  
25 1 Y 1 A LEU 487  ? CG  ? A LEU 118 CG  
26 1 Y 1 A LEU 487  ? CD1 ? A LEU 118 CD1 
27 1 Y 1 A LEU 487  ? CD2 ? A LEU 118 CD2 
28 1 Y 1 A PHE 488  ? CG  ? A PHE 119 CG  
29 1 Y 1 A PHE 488  ? CD1 ? A PHE 119 CD1 
30 1 Y 1 A PHE 488  ? CD2 ? A PHE 119 CD2 
31 1 Y 1 A PHE 488  ? CE1 ? A PHE 119 CE1 
32 1 Y 1 A PHE 488  ? CE2 ? A PHE 119 CE2 
33 1 Y 1 A PHE 488  ? CZ  ? A PHE 119 CZ  
34 1 Y 1 A ASN 489  ? CB  ? A ASN 120 CB  
35 1 Y 1 A ASN 489  ? CG  ? A ASN 120 CG  
36 1 Y 1 A ASN 489  ? OD1 ? A ASN 120 OD1 
37 1 Y 1 A ASN 489  ? ND2 ? A ASN 120 ND2 
38 1 Y 1 A VAL 490  ? CB  ? A VAL 121 CB  
39 1 Y 1 A VAL 490  ? CG1 ? A VAL 121 CG1 
40 1 Y 1 A VAL 490  ? CG2 ? A VAL 121 CG2 
41 1 Y 1 A LYS 491  ? CB  ? A LYS 122 CB  
42 1 Y 1 A LYS 491  ? CG  ? A LYS 122 CG  
43 1 Y 1 A LYS 491  ? CD  ? A LYS 122 CD  
44 1 Y 1 A LYS 491  ? CE  ? A LYS 122 CE  
45 1 Y 1 A LYS 491  ? NZ  ? A LYS 122 NZ  
46 1 Y 1 A ASP 492  ? CB  ? A ASP 123 CB  
47 1 Y 1 A ASP 492  ? CG  ? A ASP 123 CG  
48 1 Y 1 A ASP 492  ? OD1 ? A ASP 123 OD1 
49 1 Y 1 A ASP 492  ? OD2 ? A ASP 123 OD2 
50 1 Y 1 A GLU 507  ? CB  ? A GLU 138 CB  
51 1 Y 1 A GLU 507  ? CG  ? A GLU 138 CG  
52 1 Y 1 A GLU 507  ? CD  ? A GLU 138 CD  
53 1 Y 1 A GLU 507  ? OE1 ? A GLU 138 OE1 
54 1 Y 1 A GLU 507  ? OE2 ? A GLU 138 OE2 
55 1 Y 1 A MET 513  ? CG  ? A MET 144 CG  
56 1 Y 1 A MET 513  ? SD  ? A MET 144 SD  
57 1 Y 1 A MET 513  ? CE  ? A MET 144 CE  
58 1 Y 1 A LEU 517  ? CG  ? A LEU 148 CG  
59 1 Y 1 A LEU 517  ? CD1 ? A LEU 148 CD1 
60 1 Y 1 A LEU 517  ? CD2 ? A LEU 148 CD2 
61 1 Y 1 A SER 518  ? CB  ? A SER 149 CB  
62 1 Y 1 A SER 518  ? OG  ? A SER 149 OG  
63 1 Y 1 A PHE 521  ? CE1 ? A PHE 152 CE1 
64 1 Y 1 A PHE 521  ? CE2 ? A PHE 152 CE2 
65 1 Y 1 A PHE 521  ? CZ  ? A PHE 152 CZ  
66 1 Y 1 A ASP 522  ? OD1 ? A ASP 153 OD1 
67 1 Y 1 A ASP 522  ? OD2 ? A ASP 153 OD2 
68 1 Y 1 A GLU 525  ? CG  ? A GLU 156 CG  
69 1 Y 1 A GLU 525  ? CD  ? A GLU 156 CD  
70 1 Y 1 A GLU 525  ? OE1 ? A GLU 156 OE1 
71 1 Y 1 A GLU 525  ? OE2 ? A GLU 156 OE2 
72 1 Y 1 A GLU 564  ? CG  ? A GLU 195 CG  
73 1 Y 1 A GLU 564  ? CD  ? A GLU 195 CD  
74 1 Y 1 A GLU 564  ? OE1 ? A GLU 195 OE1 
75 1 Y 1 A GLU 564  ? OE2 ? A GLU 195 OE2 
76 1 Y 1 A LYS 576  ? NZ  ? A LYS 207 NZ  
77 1 Y 1 A ARG 610  ? CZ  ? A ARG 241 CZ  
78 1 Y 1 A ARG 610  ? NH1 ? A ARG 241 NH1 
79 1 Y 1 A ARG 610  ? NH2 ? A ARG 241 NH2 
80 1 Y 1 B GLN 2061 ? CG  ? B GLN 17  CG  
81 1 Y 1 B GLN 2061 ? CD  ? B GLN 17  CD  
82 1 Y 1 B GLN 2061 ? OE1 ? B GLN 17  OE1 
83 1 Y 1 B GLN 2061 ? NE2 ? B GLN 17  NE2 
84 1 Y 1 B ARG 2065 ? O   ? B ARG 21  O   
# 
loop_
_pdbx_unobs_or_zero_occ_residues.id 
_pdbx_unobs_or_zero_occ_residues.PDB_model_num 
_pdbx_unobs_or_zero_occ_residues.polymer_flag 
_pdbx_unobs_or_zero_occ_residues.occupancy_flag 
_pdbx_unobs_or_zero_occ_residues.auth_asym_id 
_pdbx_unobs_or_zero_occ_residues.auth_comp_id 
_pdbx_unobs_or_zero_occ_residues.auth_seq_id 
_pdbx_unobs_or_zero_occ_residues.PDB_ins_code 
_pdbx_unobs_or_zero_occ_residues.label_asym_id 
_pdbx_unobs_or_zero_occ_residues.label_comp_id 
_pdbx_unobs_or_zero_occ_residues.label_seq_id 
1  1 Y 1 A MET 271 ? A MET 1   
2  1 Y 1 A LYS 272 ? A LYS 2   
3  1 Y 1 A LYS 273 ? A LYS 3   
4  1 Y 1 A HIS 274 ? A HIS 4   
5  1 Y 1 A HIS 275 ? A HIS 5   
6  1 Y 1 A HIS 276 ? A HIS 6   
7  1 Y 1 A HIS 277 ? A HIS 7   
8  1 Y 1 A HIS 278 ? A HIS 8   
9  1 Y 1 A HIS 279 ? A HIS 9   
10 1 Y 1 A GLY 280 ? A GLY 10  
11 1 Y 1 A PRO 281 ? A PRO 11  
12 1 Y 1 A GLU 282 ? A GLU 12  
13 1 Y 1 A THR 400 ? A THR 31  
14 1 Y 1 A TYR 401 ? A TYR 32  
15 1 Y 1 A ALA 402 ? A ALA 33  
16 1 Y 1 A HIS 403 ? A HIS 34  
17 1 Y 1 A ASP 404 ? A ASP 35  
18 1 Y 1 A LYS 405 ? A LYS 36  
19 1 Y 1 A LEU 406 ? A LEU 37  
20 1 Y 1 A GLY 407 ? A GLY 38  
21 1 Y 1 A SER 408 ? A SER 39  
22 1 Y 1 A SER 409 ? A SER 40  
23 1 Y 1 A PRO 410 ? A PRO 41  
24 1 Y 1 A GLY 411 ? A GLY 42  
25 1 Y 1 A ASN 412 ? A ASN 43  
26 1 Y 1 A PHE 413 ? A PHE 44  
27 1 Y 1 A ASN 414 ? A ASN 45  
28 1 Y 1 A ALA 415 ? A ALA 46  
29 1 Y 1 A ASN 416 ? A ASN 47  
30 1 Y 1 A HIS 417 ? A HIS 48  
31 1 Y 1 A ALA 418 ? A ALA 49  
32 1 Y 1 A SER 419 ? A SER 50  
33 1 Y 1 A GLY 420 ? A GLY 51  
34 1 Y 1 A SER 421 ? A SER 52  
35 1 Y 1 A PRO 422 ? A PRO 53  
36 1 Y 1 A TYR 423 ? A TYR 54  
37 1 Y 1 A PRO 424 ? A PRO 55  
38 1 Y 1 A HIS 425 ? A HIS 56  
39 1 Y 1 A GLY 426 ? A GLY 57  
40 1 Y 1 A ARG 427 ? A ARG 58  
41 1 Y 1 A SER 428 ? A SER 59  
42 1 Y 1 A GLY 429 ? A GLY 60  
43 1 Y 1 A ARG 430 ? A ARG 61  
44 1 Y 1 A THR 431 ? A THR 62  
45 1 Y 1 A GLN 493 ? A GLN 124 
46 1 Y 1 A THR 494 ? A THR 125 
47 1 Y 1 A VAL 495 ? A VAL 126 
48 1 Y 1 A MET 496 ? A MET 127 
49 1 Y 1 A PHE 497 ? A PHE 128 
50 1 Y 1 A LEU 498 ? A LEU 129 
51 1 Y 1 A SER 499 ? A SER 130 
52 1 Y 1 A ARG 500 ? A ARG 131 
53 1 Y 1 A THR 501 ? A THR 132 
54 1 Y 1 A THR 502 ? A THR 133 
55 1 Y 1 A TYR 503 ? A TYR 134 
56 1 Y 1 A SER 504 ? A SER 135 
57 1 Y 1 A LEU 505 ? A LEU 136 
58 1 Y 1 A GLN 506 ? A GLN 137 
59 1 Y 1 A ASP 612 ? A ASP 243 
60 1 Y 1 A ALA 613 ? A ALA 244 
61 1 Y 1 A GLN 614 ? A GLN 245 
# 
loop_
_chem_comp_atom.comp_id 
_chem_comp_atom.atom_id 
_chem_comp_atom.type_symbol 
_chem_comp_atom.pdbx_aromatic_flag 
_chem_comp_atom.pdbx_stereo_config 
_chem_comp_atom.pdbx_ordinal 
ALA N    N N N 1   
ALA CA   C N S 2   
ALA C    C N N 3   
ALA O    O N N 4   
ALA CB   C N N 5   
ALA OXT  O N N 6   
ALA H    H N N 7   
ALA H2   H N N 8   
ALA HA   H N N 9   
ALA HB1  H N N 10  
ALA HB2  H N N 11  
ALA HB3  H N N 12  
ALA HXT  H N N 13  
ARG N    N N N 14  
ARG CA   C N S 15  
ARG C    C N N 16  
ARG O    O N N 17  
ARG CB   C N N 18  
ARG CG   C N N 19  
ARG CD   C N N 20  
ARG NE   N N N 21  
ARG CZ   C N N 22  
ARG NH1  N N N 23  
ARG NH2  N N N 24  
ARG OXT  O N N 25  
ARG H    H N N 26  
ARG H2   H N N 27  
ARG HA   H N N 28  
ARG HB2  H N N 29  
ARG HB3  H N N 30  
ARG HG2  H N N 31  
ARG HG3  H N N 32  
ARG HD2  H N N 33  
ARG HD3  H N N 34  
ARG HE   H N N 35  
ARG HH11 H N N 36  
ARG HH12 H N N 37  
ARG HH21 H N N 38  
ARG HH22 H N N 39  
ARG HXT  H N N 40  
ASN N    N N N 41  
ASN CA   C N S 42  
ASN C    C N N 43  
ASN O    O N N 44  
ASN CB   C N N 45  
ASN CG   C N N 46  
ASN OD1  O N N 47  
ASN ND2  N N N 48  
ASN OXT  O N N 49  
ASN H    H N N 50  
ASN H2   H N N 51  
ASN HA   H N N 52  
ASN HB2  H N N 53  
ASN HB3  H N N 54  
ASN HD21 H N N 55  
ASN HD22 H N N 56  
ASN HXT  H N N 57  
ASP N    N N N 58  
ASP CA   C N S 59  
ASP C    C N N 60  
ASP O    O N N 61  
ASP CB   C N N 62  
ASP CG   C N N 63  
ASP OD1  O N N 64  
ASP OD2  O N N 65  
ASP OXT  O N N 66  
ASP H    H N N 67  
ASP H2   H N N 68  
ASP HA   H N N 69  
ASP HB2  H N N 70  
ASP HB3  H N N 71  
ASP HD2  H N N 72  
ASP HXT  H N N 73  
CYS N    N N N 74  
CYS CA   C N R 75  
CYS C    C N N 76  
CYS O    O N N 77  
CYS CB   C N N 78  
CYS SG   S N N 79  
CYS OXT  O N N 80  
CYS H    H N N 81  
CYS H2   H N N 82  
CYS HA   H N N 83  
CYS HB2  H N N 84  
CYS HB3  H N N 85  
CYS HG   H N N 86  
CYS HXT  H N N 87  
GLN N    N N N 88  
GLN CA   C N S 89  
GLN C    C N N 90  
GLN O    O N N 91  
GLN CB   C N N 92  
GLN CG   C N N 93  
GLN CD   C N N 94  
GLN OE1  O N N 95  
GLN NE2  N N N 96  
GLN OXT  O N N 97  
GLN H    H N N 98  
GLN H2   H N N 99  
GLN HA   H N N 100 
GLN HB2  H N N 101 
GLN HB3  H N N 102 
GLN HG2  H N N 103 
GLN HG3  H N N 104 
GLN HE21 H N N 105 
GLN HE22 H N N 106 
GLN HXT  H N N 107 
GLU N    N N N 108 
GLU CA   C N S 109 
GLU C    C N N 110 
GLU O    O N N 111 
GLU CB   C N N 112 
GLU CG   C N N 113 
GLU CD   C N N 114 
GLU OE1  O N N 115 
GLU OE2  O N N 116 
GLU OXT  O N N 117 
GLU H    H N N 118 
GLU H2   H N N 119 
GLU HA   H N N 120 
GLU HB2  H N N 121 
GLU HB3  H N N 122 
GLU HG2  H N N 123 
GLU HG3  H N N 124 
GLU HE2  H N N 125 
GLU HXT  H N N 126 
GLY N    N N N 127 
GLY CA   C N N 128 
GLY C    C N N 129 
GLY O    O N N 130 
GLY OXT  O N N 131 
GLY H    H N N 132 
GLY H2   H N N 133 
GLY HA2  H N N 134 
GLY HA3  H N N 135 
GLY HXT  H N N 136 
HIS N    N N N 137 
HIS CA   C N S 138 
HIS C    C N N 139 
HIS O    O N N 140 
HIS CB   C N N 141 
HIS CG   C Y N 142 
HIS ND1  N Y N 143 
HIS CD2  C Y N 144 
HIS CE1  C Y N 145 
HIS NE2  N Y N 146 
HIS OXT  O N N 147 
HIS H    H N N 148 
HIS H2   H N N 149 
HIS HA   H N N 150 
HIS HB2  H N N 151 
HIS HB3  H N N 152 
HIS HD1  H N N 153 
HIS HD2  H N N 154 
HIS HE1  H N N 155 
HIS HE2  H N N 156 
HIS HXT  H N N 157 
HOH O    O N N 158 
HOH H1   H N N 159 
HOH H2   H N N 160 
ILE N    N N N 161 
ILE CA   C N S 162 
ILE C    C N N 163 
ILE O    O N N 164 
ILE CB   C N S 165 
ILE CG1  C N N 166 
ILE CG2  C N N 167 
ILE CD1  C N N 168 
ILE OXT  O N N 169 
ILE H    H N N 170 
ILE H2   H N N 171 
ILE HA   H N N 172 
ILE HB   H N N 173 
ILE HG12 H N N 174 
ILE HG13 H N N 175 
ILE HG21 H N N 176 
ILE HG22 H N N 177 
ILE HG23 H N N 178 
ILE HD11 H N N 179 
ILE HD12 H N N 180 
ILE HD13 H N N 181 
ILE HXT  H N N 182 
LEU N    N N N 183 
LEU CA   C N S 184 
LEU C    C N N 185 
LEU O    O N N 186 
LEU CB   C N N 187 
LEU CG   C N N 188 
LEU CD1  C N N 189 
LEU CD2  C N N 190 
LEU OXT  O N N 191 
LEU H    H N N 192 
LEU H2   H N N 193 
LEU HA   H N N 194 
LEU HB2  H N N 195 
LEU HB3  H N N 196 
LEU HG   H N N 197 
LEU HD11 H N N 198 
LEU HD12 H N N 199 
LEU HD13 H N N 200 
LEU HD21 H N N 201 
LEU HD22 H N N 202 
LEU HD23 H N N 203 
LEU HXT  H N N 204 
LYS N    N N N 205 
LYS CA   C N S 206 
LYS C    C N N 207 
LYS O    O N N 208 
LYS CB   C N N 209 
LYS CG   C N N 210 
LYS CD   C N N 211 
LYS CE   C N N 212 
LYS NZ   N N N 213 
LYS OXT  O N N 214 
LYS H    H N N 215 
LYS H2   H N N 216 
LYS HA   H N N 217 
LYS HB2  H N N 218 
LYS HB3  H N N 219 
LYS HG2  H N N 220 
LYS HG3  H N N 221 
LYS HD2  H N N 222 
LYS HD3  H N N 223 
LYS HE2  H N N 224 
LYS HE3  H N N 225 
LYS HZ1  H N N 226 
LYS HZ2  H N N 227 
LYS HZ3  H N N 228 
LYS HXT  H N N 229 
MET N    N N N 230 
MET CA   C N S 231 
MET C    C N N 232 
MET O    O N N 233 
MET CB   C N N 234 
MET CG   C N N 235 
MET SD   S N N 236 
MET CE   C N N 237 
MET OXT  O N N 238 
MET H    H N N 239 
MET H2   H N N 240 
MET HA   H N N 241 
MET HB2  H N N 242 
MET HB3  H N N 243 
MET HG2  H N N 244 
MET HG3  H N N 245 
MET HE1  H N N 246 
MET HE2  H N N 247 
MET HE3  H N N 248 
MET HXT  H N N 249 
PHE N    N N N 250 
PHE CA   C N S 251 
PHE C    C N N 252 
PHE O    O N N 253 
PHE CB   C N N 254 
PHE CG   C Y N 255 
PHE CD1  C Y N 256 
PHE CD2  C Y N 257 
PHE CE1  C Y N 258 
PHE CE2  C Y N 259 
PHE CZ   C Y N 260 
PHE OXT  O N N 261 
PHE H    H N N 262 
PHE H2   H N N 263 
PHE HA   H N N 264 
PHE HB2  H N N 265 
PHE HB3  H N N 266 
PHE HD1  H N N 267 
PHE HD2  H N N 268 
PHE HE1  H N N 269 
PHE HE2  H N N 270 
PHE HZ   H N N 271 
PHE HXT  H N N 272 
PRO N    N N N 273 
PRO CA   C N S 274 
PRO C    C N N 275 
PRO O    O N N 276 
PRO CB   C N N 277 
PRO CG   C N N 278 
PRO CD   C N N 279 
PRO OXT  O N N 280 
PRO H    H N N 281 
PRO HA   H N N 282 
PRO HB2  H N N 283 
PRO HB3  H N N 284 
PRO HG2  H N N 285 
PRO HG3  H N N 286 
PRO HD2  H N N 287 
PRO HD3  H N N 288 
PRO HXT  H N N 289 
SER N    N N N 290 
SER CA   C N S 291 
SER C    C N N 292 
SER O    O N N 293 
SER CB   C N N 294 
SER OG   O N N 295 
SER OXT  O N N 296 
SER H    H N N 297 
SER H2   H N N 298 
SER HA   H N N 299 
SER HB2  H N N 300 
SER HB3  H N N 301 
SER HG   H N N 302 
SER HXT  H N N 303 
THR N    N N N 304 
THR CA   C N S 305 
THR C    C N N 306 
THR O    O N N 307 
THR CB   C N R 308 
THR OG1  O N N 309 
THR CG2  C N N 310 
THR OXT  O N N 311 
THR H    H N N 312 
THR H2   H N N 313 
THR HA   H N N 314 
THR HB   H N N 315 
THR HG1  H N N 316 
THR HG21 H N N 317 
THR HG22 H N N 318 
THR HG23 H N N 319 
THR HXT  H N N 320 
TRP N    N N N 321 
TRP CA   C N S 322 
TRP C    C N N 323 
TRP O    O N N 324 
TRP CB   C N N 325 
TRP CG   C Y N 326 
TRP CD1  C Y N 327 
TRP CD2  C Y N 328 
TRP NE1  N Y N 329 
TRP CE2  C Y N 330 
TRP CE3  C Y N 331 
TRP CZ2  C Y N 332 
TRP CZ3  C Y N 333 
TRP CH2  C Y N 334 
TRP OXT  O N N 335 
TRP H    H N N 336 
TRP H2   H N N 337 
TRP HA   H N N 338 
TRP HB2  H N N 339 
TRP HB3  H N N 340 
TRP HD1  H N N 341 
TRP HE1  H N N 342 
TRP HE3  H N N 343 
TRP HZ2  H N N 344 
TRP HZ3  H N N 345 
TRP HH2  H N N 346 
TRP HXT  H N N 347 
TYR N    N N N 348 
TYR CA   C N S 349 
TYR C    C N N 350 
TYR O    O N N 351 
TYR CB   C N N 352 
TYR CG   C Y N 353 
TYR CD1  C Y N 354 
TYR CD2  C Y N 355 
TYR CE1  C Y N 356 
TYR CE2  C Y N 357 
TYR CZ   C Y N 358 
TYR OH   O N N 359 
TYR OXT  O N N 360 
TYR H    H N N 361 
TYR H2   H N N 362 
TYR HA   H N N 363 
TYR HB2  H N N 364 
TYR HB3  H N N 365 
TYR HD1  H N N 366 
TYR HD2  H N N 367 
TYR HE1  H N N 368 
TYR HE2  H N N 369 
TYR HH   H N N 370 
TYR HXT  H N N 371 
VAL N    N N N 372 
VAL CA   C N S 373 
VAL C    C N N 374 
VAL O    O N N 375 
VAL CB   C N N 376 
VAL CG1  C N N 377 
VAL CG2  C N N 378 
VAL OXT  O N N 379 
VAL H    H N N 380 
VAL H2   H N N 381 
VAL HA   H N N 382 
VAL HB   H N N 383 
VAL HG11 H N N 384 
VAL HG12 H N N 385 
VAL HG13 H N N 386 
VAL HG21 H N N 387 
VAL HG22 H N N 388 
VAL HG23 H N N 389 
VAL HXT  H N N 390 
# 
loop_
_chem_comp_bond.comp_id 
_chem_comp_bond.atom_id_1 
_chem_comp_bond.atom_id_2 
_chem_comp_bond.value_order 
_chem_comp_bond.pdbx_aromatic_flag 
_chem_comp_bond.pdbx_stereo_config 
_chem_comp_bond.pdbx_ordinal 
ALA N   CA   sing N N 1   
ALA N   H    sing N N 2   
ALA N   H2   sing N N 3   
ALA CA  C    sing N N 4   
ALA CA  CB   sing N N 5   
ALA CA  HA   sing N N 6   
ALA C   O    doub N N 7   
ALA C   OXT  sing N N 8   
ALA CB  HB1  sing N N 9   
ALA CB  HB2  sing N N 10  
ALA CB  HB3  sing N N 11  
ALA OXT HXT  sing N N 12  
ARG N   CA   sing N N 13  
ARG N   H    sing N N 14  
ARG N   H2   sing N N 15  
ARG CA  C    sing N N 16  
ARG CA  CB   sing N N 17  
ARG CA  HA   sing N N 18  
ARG C   O    doub N N 19  
ARG C   OXT  sing N N 20  
ARG CB  CG   sing N N 21  
ARG CB  HB2  sing N N 22  
ARG CB  HB3  sing N N 23  
ARG CG  CD   sing N N 24  
ARG CG  HG2  sing N N 25  
ARG CG  HG3  sing N N 26  
ARG CD  NE   sing N N 27  
ARG CD  HD2  sing N N 28  
ARG CD  HD3  sing N N 29  
ARG NE  CZ   sing N N 30  
ARG NE  HE   sing N N 31  
ARG CZ  NH1  sing N N 32  
ARG CZ  NH2  doub N N 33  
ARG NH1 HH11 sing N N 34  
ARG NH1 HH12 sing N N 35  
ARG NH2 HH21 sing N N 36  
ARG NH2 HH22 sing N N 37  
ARG OXT HXT  sing N N 38  
ASN N   CA   sing N N 39  
ASN N   H    sing N N 40  
ASN N   H2   sing N N 41  
ASN CA  C    sing N N 42  
ASN CA  CB   sing N N 43  
ASN CA  HA   sing N N 44  
ASN C   O    doub N N 45  
ASN C   OXT  sing N N 46  
ASN CB  CG   sing N N 47  
ASN CB  HB2  sing N N 48  
ASN CB  HB3  sing N N 49  
ASN CG  OD1  doub N N 50  
ASN CG  ND2  sing N N 51  
ASN ND2 HD21 sing N N 52  
ASN ND2 HD22 sing N N 53  
ASN OXT HXT  sing N N 54  
ASP N   CA   sing N N 55  
ASP N   H    sing N N 56  
ASP N   H2   sing N N 57  
ASP CA  C    sing N N 58  
ASP CA  CB   sing N N 59  
ASP CA  HA   sing N N 60  
ASP C   O    doub N N 61  
ASP C   OXT  sing N N 62  
ASP CB  CG   sing N N 63  
ASP CB  HB2  sing N N 64  
ASP CB  HB3  sing N N 65  
ASP CG  OD1  doub N N 66  
ASP CG  OD2  sing N N 67  
ASP OD2 HD2  sing N N 68  
ASP OXT HXT  sing N N 69  
CYS N   CA   sing N N 70  
CYS N   H    sing N N 71  
CYS N   H2   sing N N 72  
CYS CA  C    sing N N 73  
CYS CA  CB   sing N N 74  
CYS CA  HA   sing N N 75  
CYS C   O    doub N N 76  
CYS C   OXT  sing N N 77  
CYS CB  SG   sing N N 78  
CYS CB  HB2  sing N N 79  
CYS CB  HB3  sing N N 80  
CYS SG  HG   sing N N 81  
CYS OXT HXT  sing N N 82  
GLN N   CA   sing N N 83  
GLN N   H    sing N N 84  
GLN N   H2   sing N N 85  
GLN CA  C    sing N N 86  
GLN CA  CB   sing N N 87  
GLN CA  HA   sing N N 88  
GLN C   O    doub N N 89  
GLN C   OXT  sing N N 90  
GLN CB  CG   sing N N 91  
GLN CB  HB2  sing N N 92  
GLN CB  HB3  sing N N 93  
GLN CG  CD   sing N N 94  
GLN CG  HG2  sing N N 95  
GLN CG  HG3  sing N N 96  
GLN CD  OE1  doub N N 97  
GLN CD  NE2  sing N N 98  
GLN NE2 HE21 sing N N 99  
GLN NE2 HE22 sing N N 100 
GLN OXT HXT  sing N N 101 
GLU N   CA   sing N N 102 
GLU N   H    sing N N 103 
GLU N   H2   sing N N 104 
GLU CA  C    sing N N 105 
GLU CA  CB   sing N N 106 
GLU CA  HA   sing N N 107 
GLU C   O    doub N N 108 
GLU C   OXT  sing N N 109 
GLU CB  CG   sing N N 110 
GLU CB  HB2  sing N N 111 
GLU CB  HB3  sing N N 112 
GLU CG  CD   sing N N 113 
GLU CG  HG2  sing N N 114 
GLU CG  HG3  sing N N 115 
GLU CD  OE1  doub N N 116 
GLU CD  OE2  sing N N 117 
GLU OE2 HE2  sing N N 118 
GLU OXT HXT  sing N N 119 
GLY N   CA   sing N N 120 
GLY N   H    sing N N 121 
GLY N   H2   sing N N 122 
GLY CA  C    sing N N 123 
GLY CA  HA2  sing N N 124 
GLY CA  HA3  sing N N 125 
GLY C   O    doub N N 126 
GLY C   OXT  sing N N 127 
GLY OXT HXT  sing N N 128 
HIS N   CA   sing N N 129 
HIS N   H    sing N N 130 
HIS N   H2   sing N N 131 
HIS CA  C    sing N N 132 
HIS CA  CB   sing N N 133 
HIS CA  HA   sing N N 134 
HIS C   O    doub N N 135 
HIS C   OXT  sing N N 136 
HIS CB  CG   sing N N 137 
HIS CB  HB2  sing N N 138 
HIS CB  HB3  sing N N 139 
HIS CG  ND1  sing Y N 140 
HIS CG  CD2  doub Y N 141 
HIS ND1 CE1  doub Y N 142 
HIS ND1 HD1  sing N N 143 
HIS CD2 NE2  sing Y N 144 
HIS CD2 HD2  sing N N 145 
HIS CE1 NE2  sing Y N 146 
HIS CE1 HE1  sing N N 147 
HIS NE2 HE2  sing N N 148 
HIS OXT HXT  sing N N 149 
HOH O   H1   sing N N 150 
HOH O   H2   sing N N 151 
ILE N   CA   sing N N 152 
ILE N   H    sing N N 153 
ILE N   H2   sing N N 154 
ILE CA  C    sing N N 155 
ILE CA  CB   sing N N 156 
ILE CA  HA   sing N N 157 
ILE C   O    doub N N 158 
ILE C   OXT  sing N N 159 
ILE CB  CG1  sing N N 160 
ILE CB  CG2  sing N N 161 
ILE CB  HB   sing N N 162 
ILE CG1 CD1  sing N N 163 
ILE CG1 HG12 sing N N 164 
ILE CG1 HG13 sing N N 165 
ILE CG2 HG21 sing N N 166 
ILE CG2 HG22 sing N N 167 
ILE CG2 HG23 sing N N 168 
ILE CD1 HD11 sing N N 169 
ILE CD1 HD12 sing N N 170 
ILE CD1 HD13 sing N N 171 
ILE OXT HXT  sing N N 172 
LEU N   CA   sing N N 173 
LEU N   H    sing N N 174 
LEU N   H2   sing N N 175 
LEU CA  C    sing N N 176 
LEU CA  CB   sing N N 177 
LEU CA  HA   sing N N 178 
LEU C   O    doub N N 179 
LEU C   OXT  sing N N 180 
LEU CB  CG   sing N N 181 
LEU CB  HB2  sing N N 182 
LEU CB  HB3  sing N N 183 
LEU CG  CD1  sing N N 184 
LEU CG  CD2  sing N N 185 
LEU CG  HG   sing N N 186 
LEU CD1 HD11 sing N N 187 
LEU CD1 HD12 sing N N 188 
LEU CD1 HD13 sing N N 189 
LEU CD2 HD21 sing N N 190 
LEU CD2 HD22 sing N N 191 
LEU CD2 HD23 sing N N 192 
LEU OXT HXT  sing N N 193 
LYS N   CA   sing N N 194 
LYS N   H    sing N N 195 
LYS N   H2   sing N N 196 
LYS CA  C    sing N N 197 
LYS CA  CB   sing N N 198 
LYS CA  HA   sing N N 199 
LYS C   O    doub N N 200 
LYS C   OXT  sing N N 201 
LYS CB  CG   sing N N 202 
LYS CB  HB2  sing N N 203 
LYS CB  HB3  sing N N 204 
LYS CG  CD   sing N N 205 
LYS CG  HG2  sing N N 206 
LYS CG  HG3  sing N N 207 
LYS CD  CE   sing N N 208 
LYS CD  HD2  sing N N 209 
LYS CD  HD3  sing N N 210 
LYS CE  NZ   sing N N 211 
LYS CE  HE2  sing N N 212 
LYS CE  HE3  sing N N 213 
LYS NZ  HZ1  sing N N 214 
LYS NZ  HZ2  sing N N 215 
LYS NZ  HZ3  sing N N 216 
LYS OXT HXT  sing N N 217 
MET N   CA   sing N N 218 
MET N   H    sing N N 219 
MET N   H2   sing N N 220 
MET CA  C    sing N N 221 
MET CA  CB   sing N N 222 
MET CA  HA   sing N N 223 
MET C   O    doub N N 224 
MET C   OXT  sing N N 225 
MET CB  CG   sing N N 226 
MET CB  HB2  sing N N 227 
MET CB  HB3  sing N N 228 
MET CG  SD   sing N N 229 
MET CG  HG2  sing N N 230 
MET CG  HG3  sing N N 231 
MET SD  CE   sing N N 232 
MET CE  HE1  sing N N 233 
MET CE  HE2  sing N N 234 
MET CE  HE3  sing N N 235 
MET OXT HXT  sing N N 236 
PHE N   CA   sing N N 237 
PHE N   H    sing N N 238 
PHE N   H2   sing N N 239 
PHE CA  C    sing N N 240 
PHE CA  CB   sing N N 241 
PHE CA  HA   sing N N 242 
PHE C   O    doub N N 243 
PHE C   OXT  sing N N 244 
PHE CB  CG   sing N N 245 
PHE CB  HB2  sing N N 246 
PHE CB  HB3  sing N N 247 
PHE CG  CD1  doub Y N 248 
PHE CG  CD2  sing Y N 249 
PHE CD1 CE1  sing Y N 250 
PHE CD1 HD1  sing N N 251 
PHE CD2 CE2  doub Y N 252 
PHE CD2 HD2  sing N N 253 
PHE CE1 CZ   doub Y N 254 
PHE CE1 HE1  sing N N 255 
PHE CE2 CZ   sing Y N 256 
PHE CE2 HE2  sing N N 257 
PHE CZ  HZ   sing N N 258 
PHE OXT HXT  sing N N 259 
PRO N   CA   sing N N 260 
PRO N   CD   sing N N 261 
PRO N   H    sing N N 262 
PRO CA  C    sing N N 263 
PRO CA  CB   sing N N 264 
PRO CA  HA   sing N N 265 
PRO C   O    doub N N 266 
PRO C   OXT  sing N N 267 
PRO CB  CG   sing N N 268 
PRO CB  HB2  sing N N 269 
PRO CB  HB3  sing N N 270 
PRO CG  CD   sing N N 271 
PRO CG  HG2  sing N N 272 
PRO CG  HG3  sing N N 273 
PRO CD  HD2  sing N N 274 
PRO CD  HD3  sing N N 275 
PRO OXT HXT  sing N N 276 
SER N   CA   sing N N 277 
SER N   H    sing N N 278 
SER N   H2   sing N N 279 
SER CA  C    sing N N 280 
SER CA  CB   sing N N 281 
SER CA  HA   sing N N 282 
SER C   O    doub N N 283 
SER C   OXT  sing N N 284 
SER CB  OG   sing N N 285 
SER CB  HB2  sing N N 286 
SER CB  HB3  sing N N 287 
SER OG  HG   sing N N 288 
SER OXT HXT  sing N N 289 
THR N   CA   sing N N 290 
THR N   H    sing N N 291 
THR N   H2   sing N N 292 
THR CA  C    sing N N 293 
THR CA  CB   sing N N 294 
THR CA  HA   sing N N 295 
THR C   O    doub N N 296 
THR C   OXT  sing N N 297 
THR CB  OG1  sing N N 298 
THR CB  CG2  sing N N 299 
THR CB  HB   sing N N 300 
THR OG1 HG1  sing N N 301 
THR CG2 HG21 sing N N 302 
THR CG2 HG22 sing N N 303 
THR CG2 HG23 sing N N 304 
THR OXT HXT  sing N N 305 
TRP N   CA   sing N N 306 
TRP N   H    sing N N 307 
TRP N   H2   sing N N 308 
TRP CA  C    sing N N 309 
TRP CA  CB   sing N N 310 
TRP CA  HA   sing N N 311 
TRP C   O    doub N N 312 
TRP C   OXT  sing N N 313 
TRP CB  CG   sing N N 314 
TRP CB  HB2  sing N N 315 
TRP CB  HB3  sing N N 316 
TRP CG  CD1  doub Y N 317 
TRP CG  CD2  sing Y N 318 
TRP CD1 NE1  sing Y N 319 
TRP CD1 HD1  sing N N 320 
TRP CD2 CE2  doub Y N 321 
TRP CD2 CE3  sing Y N 322 
TRP NE1 CE2  sing Y N 323 
TRP NE1 HE1  sing N N 324 
TRP CE2 CZ2  sing Y N 325 
TRP CE3 CZ3  doub Y N 326 
TRP CE3 HE3  sing N N 327 
TRP CZ2 CH2  doub Y N 328 
TRP CZ2 HZ2  sing N N 329 
TRP CZ3 CH2  sing Y N 330 
TRP CZ3 HZ3  sing N N 331 
TRP CH2 HH2  sing N N 332 
TRP OXT HXT  sing N N 333 
TYR N   CA   sing N N 334 
TYR N   H    sing N N 335 
TYR N   H2   sing N N 336 
TYR CA  C    sing N N 337 
TYR CA  CB   sing N N 338 
TYR CA  HA   sing N N 339 
TYR C   O    doub N N 340 
TYR C   OXT  sing N N 341 
TYR CB  CG   sing N N 342 
TYR CB  HB2  sing N N 343 
TYR CB  HB3  sing N N 344 
TYR CG  CD1  doub Y N 345 
TYR CG  CD2  sing Y N 346 
TYR CD1 CE1  sing Y N 347 
TYR CD1 HD1  sing N N 348 
TYR CD2 CE2  doub Y N 349 
TYR CD2 HD2  sing N N 350 
TYR CE1 CZ   doub Y N 351 
TYR CE1 HE1  sing N N 352 
TYR CE2 CZ   sing Y N 353 
TYR CE2 HE2  sing N N 354 
TYR CZ  OH   sing N N 355 
TYR OH  HH   sing N N 356 
TYR OXT HXT  sing N N 357 
VAL N   CA   sing N N 358 
VAL N   H    sing N N 359 
VAL N   H2   sing N N 360 
VAL CA  C    sing N N 361 
VAL CA  CB   sing N N 362 
VAL CA  HA   sing N N 363 
VAL C   O    doub N N 364 
VAL C   OXT  sing N N 365 
VAL CB  CG1  sing N N 366 
VAL CB  CG2  sing N N 367 
VAL CB  HB   sing N N 368 
VAL CG1 HG11 sing N N 369 
VAL CG1 HG12 sing N N 370 
VAL CG1 HG13 sing N N 371 
VAL CG2 HG21 sing N N 372 
VAL CG2 HG22 sing N N 373 
VAL CG2 HG23 sing N N 374 
VAL OXT HXT  sing N N 375 
# 
_pdbx_entity_nonpoly.entity_id   3 
_pdbx_entity_nonpoly.name        water 
_pdbx_entity_nonpoly.comp_id     HOH 
# 
_pdbx_initial_refinement_model.id               1 
_pdbx_initial_refinement_model.entity_id_list   ? 
_pdbx_initial_refinement_model.type             'experimental model' 
_pdbx_initial_refinement_model.source_name      PDB 
_pdbx_initial_refinement_model.accession_code   1DB1 
_pdbx_initial_refinement_model.details          ? 
# 
